data_1C51
#
_entry.id   1C51
#
_cell.length_a   286.000
_cell.length_b   286.000
_cell.length_c   167.000
_cell.angle_alpha   90.00
_cell.angle_beta   90.00
_cell.angle_gamma   120.00
#
_symmetry.space_group_name_H-M   'P 63'
#
loop_
_entity.id
_entity.type
_entity.pdbx_description
1 polymer 'PROTEIN (PHOTOSYSTEM I: SUBUNIT PSAA)'
2 polymer 'PROTEIN (PHOTOSYSTEM I: SUBUNIT PSAB )'
3 polymer 'PROTEIN (PHOTOSYSTEM I: SUBUNIT PSAC)'
4 polymer 'PROTEIN (PHOTOSYSTEM I: SUBUNIT PSAD)'
5 polymer 'PROTEIN (PHOTOSYSTEM I: SUBUNIT PSAE)'
6 polymer 'PROTEIN (PHOTOSYSTEM I: SUBUNIT PSAF)'
7 polymer 'PROTEIN (PHOTOSYSTEM I: SUBUNIT PSAK)'
8 polymer 'PROTEIN (PHOTOSYSTEM I: SUBUNIT PSAL)'
9 non-polymer 'CHLOROPHYLL A'
10 non-polymer PHYLLOQUINONE
11 non-polymer 'IRON/SULFUR CLUSTER'
#
loop_
_entity_poly.entity_id
_entity_poly.type
_entity_poly.pdbx_seq_one_letter_code
_entity_poly.pdbx_strand_id
1 'polypeptide(L)'
;(UNK)(UNK)(UNK)(UNK)(UNK)(UNK)(UNK)(UNK)(UNK)(UNK)(UNK)(UNK)(UNK)(UNK)(UNK)(UNK)
(UNK)(UNK)(UNK)(UNK)(UNK)(UNK)(UNK)(UNK)(UNK)(UNK)(UNK)(UNK)(UNK)(UNK)(UNK)(UNK)
(UNK)(UNK)(UNK)(UNK)(UNK)(UNK)(UNK)(UNK)(UNK)(UNK)(UNK)(UNK)(UNK)(UNK)(UNK)(UNK)
(UNK)(UNK)(UNK)(UNK)(UNK)(UNK)(UNK)(UNK)(UNK)(UNK)(UNK)(UNK)(UNK)(UNK)(UNK)(UNK)
(UNK)(UNK)(UNK)(UNK)(UNK)(UNK)(UNK)(UNK)(UNK)(UNK)(UNK)(UNK)(UNK)(UNK)(UNK)(UNK)
(UNK)(UNK)(UNK)(UNK)(UNK)(UNK)(UNK)(UNK)(UNK)(UNK)(UNK)(UNK)(UNK)(UNK)(UNK)(UNK)
(UNK)(UNK)(UNK)(UNK)(UNK)(UNK)(UNK)(UNK)(UNK)(UNK)(UNK)(UNK)(UNK)(UNK)(UNK)(UNK)
(UNK)(UNK)(UNK)(UNK)(UNK)(UNK)(UNK)(UNK)(UNK)(UNK)(UNK)(UNK)(UNK)(UNK)(UNK)(UNK)
(UNK)(UNK)(UNK)(UNK)(UNK)(UNK)(UNK)(UNK)(UNK)(UNK)(UNK)(UNK)(UNK)(UNK)(UNK)(UNK)
(UNK)(UNK)(UNK)(UNK)(UNK)(UNK)(UNK)(UNK)(UNK)(UNK)(UNK)(UNK)(UNK)(UNK)(UNK)(UNK)
(UNK)(UNK)(UNK)(UNK)(UNK)(UNK)(UNK)(UNK)(UNK)(UNK)(UNK)(UNK)(UNK)(UNK)(UNK)(UNK)
(UNK)(UNK)(UNK)(UNK)(UNK)(UNK)(UNK)(UNK)(UNK)(UNK)(UNK)(UNK)(UNK)(UNK)(UNK)(UNK)
(UNK)(UNK)(UNK)(UNK)(UNK)(UNK)(UNK)(UNK)(UNK)(UNK)(UNK)(UNK)(UNK)(UNK)(UNK)(UNK)
(UNK)(UNK)(UNK)(UNK)(UNK)(UNK)(UNK)(UNK)(UNK)(UNK)(UNK)(UNK)(UNK)(UNK)(UNK)(UNK)
(UNK)(UNK)(UNK)(UNK)(UNK)(UNK)(UNK)(UNK)(UNK)(UNK)(UNK)(UNK)(UNK)(UNK)(UNK)(UNK)
(UNK)(UNK)(UNK)(UNK)(UNK)(UNK)(UNK)(UNK)(UNK)(UNK)(UNK)(UNK)(UNK)(UNK)(UNK)(UNK)
(UNK)(UNK)(UNK)(UNK)(UNK)(UNK)(UNK)(UNK)(UNK)(UNK)(UNK)(UNK)(UNK)(UNK)(UNK)(UNK)
(UNK)(UNK)(UNK)(UNK)(UNK)(UNK)(UNK)(UNK)(UNK)(UNK)(UNK)(UNK)(UNK)(UNK)(UNK)(UNK)
(UNK)(UNK)(UNK)(UNK)(UNK)(UNK)(UNK)(UNK)(UNK)(UNK)(UNK)(UNK)(UNK)(UNK)(UNK)(UNK)
(UNK)(UNK)(UNK)(UNK)(UNK)(UNK)(UNK)(UNK)(UNK)(UNK)(UNK)(UNK)(UNK)(UNK)(UNK)(UNK)
(UNK)(UNK)(UNK)(UNK)(UNK)(UNK)(UNK)(UNK)(UNK)(UNK)(UNK)(UNK)(UNK)(UNK)(UNK)(UNK)
(UNK)(UNK)(UNK)(UNK)(UNK)(UNK)(UNK)(UNK)(UNK)(UNK)(UNK)(UNK)(UNK)(UNK)(UNK)(UNK)
(UNK)(UNK)(UNK)(UNK)(UNK)(UNK)(UNK)(UNK)(UNK)(UNK)(UNK)(UNK)(UNK)(UNK)(UNK)(UNK)
(UNK)(UNK)(UNK)(UNK)(UNK)(UNK)(UNK)(UNK)(UNK)(UNK)(UNK)(UNK)(UNK)(UNK)(UNK)(UNK)
(UNK)(UNK)(UNK)(UNK)(UNK)(UNK)(UNK)(UNK)(UNK)(UNK)(UNK)(UNK)(UNK)(UNK)(UNK)(UNK)
(UNK)(UNK)(UNK)(UNK)(UNK)(UNK)(UNK)(UNK)(UNK)(UNK)(UNK)(UNK)(UNK)(UNK)(UNK)(UNK)
(UNK)(UNK)(UNK)(UNK)(UNK)(UNK)(UNK)(UNK)(UNK)(UNK)(UNK)(UNK)(UNK)(UNK)(UNK)(UNK)
(UNK)(UNK)(UNK)(UNK)(UNK)(UNK)(UNK)(UNK)(UNK)(UNK)(UNK)(UNK)(UNK)(UNK)(UNK)(UNK)
(UNK)(UNK)(UNK)(UNK)(UNK)(UNK)(UNK)(UNK)(UNK)(UNK)(UNK)(UNK)(UNK)(UNK)(UNK)(UNK)
(UNK)(UNK)(UNK)(UNK)(UNK)(UNK)(UNK)(UNK)(UNK)(UNK)(UNK)(UNK)(UNK)(UNK)(UNK)(UNK)
(UNK)(UNK)(UNK)(UNK)(UNK)(UNK)(UNK)(UNK)(UNK)(UNK)(UNK)(UNK)(UNK)(UNK)(UNK)(UNK)
(UNK)(UNK)(UNK)(UNK)(UNK)(UNK)(UNK)(UNK)(UNK)(UNK)(UNK)(UNK)(UNK)(UNK)(UNK)(UNK)
(UNK)(UNK)(UNK)(UNK)(UNK)(UNK)(UNK)(UNK)(UNK)(UNK)(UNK)(UNK)(UNK)(UNK)(UNK)(UNK)
(UNK)(UNK)(UNK)(UNK)(UNK)(UNK)(UNK)(UNK)(UNK)(UNK)(UNK)(UNK)(UNK)(UNK)(UNK)(UNK)
(UNK)(UNK)(UNK)(UNK)(UNK)(UNK)(UNK)(UNK)(UNK)(UNK)(UNK)(UNK)(UNK)(UNK)(UNK)(UNK)
(UNK)(UNK)(UNK)(UNK)(UNK)(UNK)(UNK)(UNK)(UNK)(UNK)(UNK)(UNK)(UNK)(UNK)(UNK)(UNK)
(UNK)(UNK)(UNK)(UNK)(UNK)(UNK)(UNK)(UNK)(UNK)(UNK)(UNK)(UNK)(UNK)(UNK)(UNK)(UNK)
(UNK)(UNK)(UNK)(UNK)(UNK)
;
A
2 'polypeptide(L)'
;(UNK)(UNK)(UNK)(UNK)(UNK)(UNK)(UNK)(UNK)(UNK)(UNK)(UNK)(UNK)(UNK)(UNK)(UNK)(UNK)
(UNK)(UNK)(UNK)(UNK)(UNK)(UNK)(UNK)(UNK)(UNK)(UNK)(UNK)(UNK)(UNK)(UNK)(UNK)(UNK)
(UNK)(UNK)(UNK)(UNK)(UNK)(UNK)(UNK)(UNK)(UNK)(UNK)(UNK)(UNK)(UNK)(UNK)(UNK)(UNK)
(UNK)(UNK)(UNK)(UNK)(UNK)(UNK)(UNK)(UNK)(UNK)(UNK)(UNK)(UNK)(UNK)(UNK)(UNK)(UNK)
(UNK)(UNK)(UNK)(UNK)(UNK)(UNK)(UNK)(UNK)(UNK)(UNK)(UNK)(UNK)(UNK)(UNK)(UNK)(UNK)
(UNK)(UNK)(UNK)(UNK)(UNK)(UNK)(UNK)(UNK)(UNK)(UNK)(UNK)(UNK)(UNK)(UNK)(UNK)(UNK)
(UNK)(UNK)(UNK)(UNK)(UNK)(UNK)(UNK)(UNK)(UNK)(UNK)(UNK)(UNK)(UNK)(UNK)(UNK)(UNK)
(UNK)(UNK)(UNK)(UNK)(UNK)(UNK)(UNK)(UNK)(UNK)(UNK)(UNK)(UNK)(UNK)(UNK)(UNK)(UNK)
(UNK)(UNK)(UNK)(UNK)(UNK)(UNK)(UNK)(UNK)(UNK)(UNK)(UNK)(UNK)(UNK)(UNK)(UNK)(UNK)
(UNK)(UNK)(UNK)(UNK)(UNK)(UNK)(UNK)(UNK)(UNK)(UNK)(UNK)(UNK)(UNK)(UNK)(UNK)(UNK)
(UNK)(UNK)(UNK)(UNK)(UNK)(UNK)(UNK)(UNK)(UNK)(UNK)(UNK)(UNK)(UNK)(UNK)(UNK)(UNK)
(UNK)(UNK)(UNK)(UNK)(UNK)(UNK)(UNK)(UNK)(UNK)(UNK)(UNK)(UNK)(UNK)(UNK)(UNK)(UNK)
(UNK)(UNK)(UNK)(UNK)(UNK)(UNK)(UNK)(UNK)(UNK)(UNK)(UNK)(UNK)(UNK)(UNK)(UNK)(UNK)
(UNK)(UNK)(UNK)(UNK)(UNK)(UNK)(UNK)(UNK)(UNK)(UNK)(UNK)(UNK)(UNK)(UNK)(UNK)(UNK)
(UNK)(UNK)(UNK)(UNK)(UNK)(UNK)(UNK)(UNK)(UNK)(UNK)(UNK)(UNK)(UNK)(UNK)(UNK)(UNK)
(UNK)(UNK)(UNK)(UNK)(UNK)(UNK)(UNK)(UNK)(UNK)(UNK)(UNK)(UNK)(UNK)(UNK)(UNK)(UNK)
(UNK)(UNK)(UNK)(UNK)(UNK)(UNK)(UNK)(UNK)(UNK)(UNK)(UNK)(UNK)(UNK)(UNK)(UNK)(UNK)
(UNK)(UNK)(UNK)(UNK)(UNK)(UNK)(UNK)(UNK)(UNK)(UNK)(UNK)(UNK)(UNK)(UNK)(UNK)(UNK)
(UNK)(UNK)(UNK)(UNK)(UNK)(UNK)(UNK)(UNK)(UNK)(UNK)(UNK)(UNK)(UNK)(UNK)(UNK)(UNK)
(UNK)(UNK)(UNK)(UNK)(UNK)(UNK)(UNK)(UNK)(UNK)(UNK)(UNK)(UNK)(UNK)(UNK)(UNK)(UNK)
(UNK)(UNK)(UNK)(UNK)(UNK)(UNK)(UNK)(UNK)(UNK)(UNK)(UNK)(UNK)(UNK)(UNK)(UNK)(UNK)
(UNK)(UNK)(UNK)(UNK)(UNK)(UNK)(UNK)(UNK)(UNK)(UNK)(UNK)(UNK)(UNK)(UNK)(UNK)(UNK)
(UNK)(UNK)(UNK)(UNK)(UNK)(UNK)(UNK)(UNK)(UNK)(UNK)(UNK)(UNK)(UNK)(UNK)(UNK)(UNK)
(UNK)(UNK)(UNK)(UNK)(UNK)(UNK)(UNK)(UNK)(UNK)(UNK)(UNK)(UNK)(UNK)(UNK)(UNK)(UNK)
(UNK)(UNK)(UNK)(UNK)(UNK)(UNK)(UNK)(UNK)(UNK)(UNK)(UNK)(UNK)(UNK)(UNK)(UNK)(UNK)
(UNK)(UNK)(UNK)(UNK)(UNK)(UNK)(UNK)(UNK)(UNK)(UNK)(UNK)(UNK)(UNK)(UNK)(UNK)(UNK)
(UNK)(UNK)(UNK)(UNK)(UNK)(UNK)(UNK)(UNK)(UNK)(UNK)(UNK)(UNK)(UNK)(UNK)(UNK)(UNK)
(UNK)(UNK)(UNK)(UNK)(UNK)(UNK)(UNK)(UNK)(UNK)(UNK)(UNK)(UNK)(UNK)(UNK)(UNK)(UNK)
(UNK)(UNK)(UNK)(UNK)(UNK)(UNK)(UNK)(UNK)(UNK)(UNK)(UNK)(UNK)(UNK)(UNK)(UNK)(UNK)
(UNK)(UNK)(UNK)(UNK)(UNK)(UNK)(UNK)(UNK)(UNK)(UNK)(UNK)(UNK)(UNK)(UNK)(UNK)(UNK)
(UNK)(UNK)(UNK)(UNK)(UNK)(UNK)(UNK)(UNK)(UNK)(UNK)(UNK)(UNK)(UNK)(UNK)(UNK)(UNK)
(UNK)(UNK)(UNK)(UNK)(UNK)(UNK)(UNK)(UNK)(UNK)(UNK)(UNK)(UNK)(UNK)(UNK)(UNK)(UNK)
(UNK)(UNK)(UNK)(UNK)(UNK)(UNK)(UNK)(UNK)(UNK)(UNK)(UNK)(UNK)(UNK)(UNK)(UNK)(UNK)
(UNK)(UNK)(UNK)(UNK)(UNK)(UNK)(UNK)(UNK)(UNK)(UNK)(UNK)(UNK)(UNK)(UNK)(UNK)(UNK)
(UNK)(UNK)(UNK)(UNK)(UNK)(UNK)(UNK)(UNK)(UNK)(UNK)(UNK)(UNK)(UNK)(UNK)(UNK)(UNK)
(UNK)(UNK)(UNK)(UNK)(UNK)(UNK)(UNK)(UNK)(UNK)(UNK)(UNK)(UNK)(UNK)(UNK)(UNK)(UNK)
(UNK)(UNK)(UNK)(UNK)(UNK)(UNK)(UNK)(UNK)(UNK)(UNK)(UNK)(UNK)(UNK)(UNK)(UNK)(UNK)
(UNK)(UNK)(UNK)(UNK)(UNK)(UNK)(UNK)(UNK)(UNK)(UNK)(UNK)(UNK)(UNK)(UNK)(UNK)(UNK)
(UNK)(UNK)(UNK)(UNK)(UNK)(UNK)(UNK)(UNK)(UNK)(UNK)(UNK)
;
B
3 'polypeptide(L)'
;(UNK)(UNK)(UNK)(UNK)(UNK)(UNK)(UNK)(UNK)(UNK)(UNK)(UNK)(UNK)(UNK)(UNK)(UNK)(UNK)
(UNK)(UNK)(UNK)(UNK)(UNK)(UNK)(UNK)(UNK)(UNK)(UNK)(UNK)(UNK)(UNK)(UNK)(UNK)(UNK)
(UNK)(UNK)(UNK)(UNK)(UNK)(UNK)(UNK)(UNK)(UNK)(UNK)(UNK)(UNK)(UNK)(UNK)(UNK)(UNK)
(UNK)(UNK)(UNK)(UNK)(UNK)(UNK)(UNK)(UNK)(UNK)(UNK)(UNK)(UNK)(UNK)(UNK)(UNK)(UNK)
(UNK)(UNK)(UNK)(UNK)(UNK)(UNK)(UNK)(UNK)(UNK)(UNK)(UNK)(UNK)(UNK)
;
C
4 'polypeptide(L)'
;(UNK)(UNK)(UNK)(UNK)(UNK)(UNK)(UNK)(UNK)(UNK)(UNK)(UNK)(UNK)(UNK)(UNK)(UNK)(UNK)
(UNK)(UNK)(UNK)(UNK)(UNK)(UNK)(UNK)(UNK)(UNK)(UNK)(UNK)(UNK)(UNK)(UNK)(UNK)(UNK)
(UNK)(UNK)(UNK)(UNK)(UNK)(UNK)(UNK)(UNK)(UNK)(UNK)(UNK)(UNK)(UNK)(UNK)(UNK)(UNK)
(UNK)(UNK)(UNK)(UNK)(UNK)(UNK)(UNK)(UNK)(UNK)(UNK)(UNK)(UNK)(UNK)(UNK)(UNK)(UNK)
(UNK)(UNK)(UNK)(UNK)(UNK)(UNK)(UNK)(UNK)(UNK)(UNK)(UNK)(UNK)(UNK)(UNK)(UNK)(UNK)
(UNK)(UNK)(UNK)(UNK)(UNK)(UNK)(UNK)(UNK)(UNK)(UNK)(UNK)(UNK)(UNK)(UNK)(UNK)(UNK)
(UNK)(UNK)(UNK)(UNK)(UNK)(UNK)(UNK)(UNK)(UNK)(UNK)(UNK)(UNK)(UNK)(UNK)(UNK)(UNK)
(UNK)(UNK)(UNK)(UNK)(UNK)(UNK)(UNK)(UNK)(UNK)(UNK)(UNK)(UNK)(UNK)
;
D
5 'polypeptide(L)'
;(UNK)(UNK)(UNK)(UNK)(UNK)(UNK)(UNK)(UNK)(UNK)(UNK)(UNK)(UNK)(UNK)(UNK)(UNK)(UNK)
(UNK)(UNK)(UNK)(UNK)(UNK)(UNK)(UNK)(UNK)(UNK)(UNK)(UNK)(UNK)(UNK)(UNK)(UNK)(UNK)
(UNK)(UNK)(UNK)(UNK)(UNK)(UNK)(UNK)(UNK)(UNK)(UNK)(UNK)(UNK)(UNK)(UNK)(UNK)(UNK)
(UNK)(UNK)(UNK)(UNK)(UNK)(UNK)(UNK)(UNK)(UNK)(UNK)(UNK)(UNK)(UNK)(UNK)(UNK)(UNK)
(UNK)(UNK)(UNK)(UNK)(UNK)(UNK)(UNK)(UNK)(UNK)(UNK)(UNK)
;
E
6 'polypeptide(L)'
;(UNK)(UNK)(UNK)(UNK)(UNK)(UNK)(UNK)(UNK)(UNK)(UNK)(UNK)(UNK)(UNK)(UNK)(UNK)(UNK)
(UNK)(UNK)(UNK)(UNK)(UNK)(UNK)(UNK)(UNK)(UNK)(UNK)(UNK)(UNK)(UNK)(UNK)(UNK)(UNK)
(UNK)(UNK)(UNK)(UNK)(UNK)(UNK)(UNK)(UNK)(UNK)(UNK)(UNK)(UNK)(UNK)(UNK)(UNK)(UNK)
(UNK)(UNK)(UNK)(UNK)(UNK)(UNK)(UNK)(UNK)(UNK)(UNK)(UNK)(UNK)(UNK)(UNK)(UNK)(UNK)
(UNK)(UNK)(UNK)(UNK)(UNK)(UNK)(UNK)(UNK)(UNK)(UNK)(UNK)(UNK)(UNK)(UNK)(UNK)(UNK)
(UNK)(UNK)(UNK)(UNK)(UNK)(UNK)(UNK)(UNK)(UNK)(UNK)(UNK)(UNK)(UNK)(UNK)(UNK)(UNK)
(UNK)(UNK)(UNK)(UNK)(UNK)(UNK)(UNK)(UNK)(UNK)(UNK)(UNK)(UNK)(UNK)(UNK)(UNK)(UNK)
(UNK)(UNK)(UNK)(UNK)(UNK)(UNK)(UNK)(UNK)(UNK)(UNK)(UNK)(UNK)(UNK)(UNK)(UNK)(UNK)
(UNK)(UNK)(UNK)(UNK)(UNK)(UNK)(UNK)(UNK)(UNK)(UNK)(UNK)(UNK)(UNK)(UNK)(UNK)(UNK)
(UNK)(UNK)(UNK)(UNK)(UNK)(UNK)(UNK)(UNK)(UNK)
;
F
7 'polypeptide(L)'
;(UNK)(UNK)(UNK)(UNK)(UNK)(UNK)(UNK)(UNK)(UNK)(UNK)(UNK)(UNK)(UNK)(UNK)(UNK)(UNK)
(UNK)(UNK)(UNK)(UNK)(UNK)(UNK)(UNK)(UNK)(UNK)(UNK)(UNK)(UNK)(UNK)(UNK)(UNK)(UNK)
(UNK)(UNK)(UNK)(UNK)(UNK)(UNK)(UNK)(UNK)(UNK)(UNK)(UNK)(UNK)(UNK)(UNK)(UNK)(UNK)
(UNK)(UNK)(UNK)(UNK)(UNK)(UNK)(UNK)(UNK)(UNK)(UNK)(UNK)(UNK)(UNK)(UNK)(UNK)(UNK)
(UNK)(UNK)(UNK)(UNK)(UNK)(UNK)(UNK)(UNK)(UNK)(UNK)(UNK)(UNK)(UNK)(UNK)
;
K
8 'polypeptide(L)'
;(UNK)(UNK)(UNK)(UNK)(UNK)(UNK)(UNK)(UNK)(UNK)(UNK)(UNK)(UNK)(UNK)(UNK)(UNK)(UNK)
(UNK)(UNK)(UNK)(UNK)(UNK)(UNK)(UNK)(UNK)(UNK)(UNK)(UNK)(UNK)(UNK)(UNK)(UNK)(UNK)
(UNK)(UNK)(UNK)(UNK)(UNK)(UNK)(UNK)(UNK)(UNK)(UNK)(UNK)(UNK)(UNK)(UNK)(UNK)(UNK)
(UNK)(UNK)(UNK)(UNK)(UNK)(UNK)(UNK)(UNK)(UNK)(UNK)(UNK)(UNK)(UNK)(UNK)(UNK)(UNK)
(UNK)(UNK)(UNK)(UNK)(UNK)(UNK)(UNK)(UNK)(UNK)(UNK)(UNK)(UNK)(UNK)(UNK)(UNK)(UNK)
(UNK)(UNK)(UNK)(UNK)(UNK)(UNK)(UNK)(UNK)(UNK)(UNK)(UNK)(UNK)(UNK)(UNK)(UNK)(UNK)
(UNK)(UNK)(UNK)(UNK)(UNK)(UNK)(UNK)(UNK)(UNK)(UNK)(UNK)(UNK)(UNK)(UNK)(UNK)(UNK)
(UNK)(UNK)(UNK)(UNK)(UNK)(UNK)(UNK)(UNK)
;
L
#
loop_
_chem_comp.id
_chem_comp.type
_chem_comp.name
_chem_comp.formula
CLA non-polymer 'CHLOROPHYLL A' 'C55 H72 Mg N4 O5'
PQN non-polymer PHYLLOQUINONE 'C31 H46 O2'
SF4 non-polymer 'IRON/SULFUR CLUSTER' 'Fe4 S4'
#
# COMPACT_ATOMS: atom_id res chain seq x y z
CA UNK A 1 6.84 -22.39 19.75
CA UNK A 2 7.49 -22.44 16.00
CA UNK A 3 5.79 -25.77 15.37
CA UNK A 4 2.58 -24.72 17.22
CA UNK A 5 2.08 -21.86 14.72
CA UNK A 6 2.56 -24.02 11.61
CA UNK A 7 0.11 -26.73 12.79
CA UNK A 8 -2.62 -24.14 13.50
CA UNK A 9 -1.90 -22.40 10.22
CA UNK A 10 -3.51 -25.41 8.58
CA UNK A 11 -6.17 -24.88 11.31
CA UNK A 12 -7.30 -22.00 9.16
CA UNK A 13 -9.78 -24.60 7.52
CA UNK A 14 -11.95 -24.30 10.71
CA UNK A 15 -11.93 -27.61 12.75
CA UNK A 16 -8.97 -29.90 12.04
CA UNK A 17 -5.94 -29.44 14.20
CA UNK A 18 -6.52 -32.03 16.87
CA UNK A 19 -3.95 -31.76 19.61
CA UNK A 20 -3.07 -28.12 18.83
CA UNK A 21 -5.05 -26.57 21.69
CA UNK A 22 -3.63 -28.86 24.37
CA UNK A 23 0.22 -28.65 23.86
CA UNK A 24 2.54 -26.05 25.50
CA UNK A 25 5.84 -25.39 27.33
CA UNK A 26 6.66 -26.67 30.83
CA UNK A 27 9.76 -25.63 32.89
CA UNK A 28 13.51 -25.47 32.98
CA UNK A 29 15.15 -28.95 32.25
CA UNK A 30 12.59 -29.60 29.34
CA UNK A 31 13.33 -26.08 27.78
CA UNK A 32 17.21 -26.64 28.10
CA UNK A 33 16.94 -30.19 26.45
CA UNK A 34 14.67 -28.82 23.55
CA UNK A 35 17.10 -25.80 22.91
CA UNK A 36 20.20 -28.20 23.08
CA UNK A 37 18.58 -30.62 20.47
CA UNK A 38 17.34 -27.74 18.10
CA UNK A 39 20.80 -25.91 18.08
CA UNK A 40 22.68 -29.34 17.70
CA UNK A 41 20.46 -30.29 14.62
CA UNK A 42 20.67 -26.72 13.00
CA UNK A 43 24.56 -26.52 13.33
CA UNK A 44 24.90 -30.27 12.23
CA UNK A 45 22.47 -29.69 9.21
CA UNK A 46 24.09 -26.26 8.19
CA UNK A 47 27.74 -27.70 8.25
CA UNK A 48 26.56 -30.96 6.40
CA UNK A 49 24.77 -28.84 3.64
CA UNK A 50 27.81 -26.41 3.22
CA UNK A 51 30.30 -29.44 3.07
CA UNK A 52 28.05 -31.27 0.44
CA UNK A 53 27.53 -28.06 -1.75
CA UNK A 54 31.33 -27.13 -1.80
CA UNK A 55 32.29 -30.89 -2.50
CA UNK A 56 29.78 -31.05 -5.49
CA UNK A 57 30.80 -27.53 -6.94
CA UNK A 58 34.64 -28.31 -6.78
CA UNK A 59 34.01 -31.93 -8.18
CA UNK A 60 31.96 -30.51 -11.19
CA UNK A 61 34.48 -27.59 -11.91
CA UNK A 62 35.84 -25.07 -14.50
CA UNK A 63 33.54 -26.07 -16.90
CA UNK A 64 34.63 -22.83 -18.63
CA UNK A 65 31.53 -21.00 -19.94
CA UNK A 66 28.47 -23.31 -19.69
CA UNK A 67 24.71 -22.80 -20.28
CA UNK A 68 21.52 -24.14 -21.98
CA UNK A 69 18.08 -25.27 -20.69
CA UNK A 70 16.11 -28.57 -20.83
CA UNK A 71 18.89 -30.46 -18.97
CA UNK A 72 20.98 -30.52 -15.75
CA UNK A 73 24.04 -28.32 -14.97
CA UNK A 74 26.58 -27.70 -12.15
CA UNK A 75 26.57 -31.41 -11.01
CA UNK A 76 24.46 -33.26 -8.38
CA UNK A 77 20.84 -32.33 -7.45
CA UNK A 78 20.48 -30.00 -10.50
CA UNK A 79 17.03 -28.79 -11.58
CA UNK A 80 15.30 -28.12 -14.91
CA UNK A 81 15.74 -24.35 -14.55
CA UNK A 82 19.05 -24.93 -12.66
CA UNK A 83 20.49 -23.31 -9.51
CA UNK A 84 23.47 -20.94 -9.22
CA UNK A 85 24.73 -22.56 -5.98
CA UNK A 86 28.16 -20.86 -6.23
CA UNK A 87 29.35 -17.25 -6.65
CA UNK A 88 31.11 -18.07 -9.96
CA UNK A 89 28.07 -18.61 -12.25
CA UNK A 90 27.15 -22.01 -13.82
CA UNK A 91 30.34 -23.64 -12.48
CA UNK A 92 33.68 -22.85 -10.80
CA UNK A 93 35.60 -19.70 -11.90
CA UNK A 94 37.58 -19.38 -15.16
CA UNK A 95 40.88 -17.44 -14.90
CA UNK A 96 44.48 -18.08 -13.71
CA UNK A 97 45.29 -21.63 -12.52
CA UNK A 98 42.53 -24.22 -12.12
CA UNK A 99 40.49 -26.67 -14.22
CA UNK A 100 41.09 -29.67 -11.97
CA UNK A 101 43.85 -31.25 -10.18
CA UNK A 102 43.46 -35.01 -9.11
CA UNK A 103 45.10 -34.61 -5.57
CA UNK A 104 43.00 -31.37 -4.91
CA UNK A 105 39.68 -33.18 -5.97
CA UNK A 106 40.55 -36.30 -3.75
CA UNK A 107 41.35 -34.01 -0.66
CA UNK A 108 38.06 -31.94 -1.18
CA UNK A 109 35.90 -35.19 -1.54
CA UNK A 110 37.71 -36.77 1.58
CA UNK A 111 36.98 -33.59 3.73
CA UNK A 112 33.27 -33.22 2.47
CA UNK A 113 32.40 -36.99 3.11
CA UNK A 114 34.30 -36.91 6.54
CA UNK A 115 32.26 -33.76 7.67
CA UNK A 116 28.83 -35.13 6.32
CA UNK A 117 29.21 -38.59 8.12
CA UNK A 118 30.67 -36.82 11.31
CA UNK A 119 27.74 -34.23 11.32
CA UNK A 120 24.94 -36.95 10.87
CA UNK A 121 26.34 -39.20 13.77
CA UNK A 122 27.01 -36.03 16.00
CA UNK A 123 23.39 -34.69 15.34
CA UNK A 124 21.75 -38.22 15.85
CA UNK A 125 23.85 -38.78 19.13
CA UNK A 126 22.86 -35.24 20.46
CA UNK A 127 19.07 -35.64 19.55
CA UNK A 128 18.77 -39.20 21.17
CA UNK A 129 20.77 -37.99 24.31
CA UNK A 130 18.40 -34.91 24.75
CA UNK A 131 15.12 -36.95 24.08
CA UNK A 132 16.08 -39.79 26.60
CA UNK A 133 14.62 -41.27 29.83
CA UNK A 134 17.73 -40.30 30.45
CA UNK A 135 16.79 -38.47 33.50
CA UNK A 136 20.66 -38.65 33.57
CA UNK A 137 21.63 -35.43 31.68
CA UNK A 138 20.44 -31.73 32.02
CA UNK A 139 18.72 -32.85 34.93
CA UNK A 140 16.48 -30.49 35.97
CA UNK A 141 19.28 -28.82 37.76
CA UNK A 142 20.11 -25.63 36.03
CA UNK A 143 23.79 -26.21 36.63
CA UNK A 144 24.86 -26.71 33.17
CA UNK A 145 23.42 -23.52 31.71
CA UNK A 146 24.53 -21.16 34.49
CA UNK A 147 28.31 -21.72 34.25
CA UNK A 148 29.91 -18.26 32.53
CA UNK A 149 33.22 -20.09 32.65
CA UNK A 150 32.31 -22.83 30.16
CA UNK A 151 31.85 -20.39 27.29
CA UNK A 152 35.18 -18.56 27.58
CA UNK A 153 37.27 -21.74 27.70
CA UNK A 154 35.82 -23.26 24.52
CA UNK A 155 36.33 -20.22 22.27
CA UNK A 156 40.00 -19.78 23.13
CA UNK A 157 41.01 -23.36 22.33
CA UNK A 158 39.43 -23.55 18.85
CA UNK A 159 41.08 -20.36 17.58
CA UNK A 160 44.63 -21.39 18.46
CA UNK A 161 44.60 -24.82 16.79
CA UNK A 162 43.12 -23.56 13.52
CA UNK A 163 45.71 -20.84 12.95
CA UNK A 164 48.82 -22.97 13.30
CA UNK A 165 47.87 -25.55 10.69
CA UNK A 166 46.85 -23.06 8.08
CA UNK A 167 50.18 -21.12 8.13
CA UNK A 168 52.32 -24.07 7.03
CA UNK A 169 50.27 -24.89 3.93
CA UNK A 170 50.24 -21.48 2.25
CA UNK A 171 53.99 -20.95 2.48
CA UNK A 172 54.41 -23.53 -0.27
CA UNK A 173 51.98 -22.79 -3.10
CA UNK A 174 52.71 -19.16 -3.32
CA UNK A 175 55.23 -21.01 -5.10
CA UNK A 176 54.59 -19.44 -8.56
CA UNK A 177 56.75 -22.09 -10.17
CA UNK A 178 54.43 -24.90 -8.63
CA UNK A 179 54.54 -27.81 -9.82
CA UNK A 180 52.35 -30.15 -7.83
CA UNK A 181 54.57 -30.02 -4.78
CA UNK A 182 53.79 -31.32 -1.27
CA UNK A 183 52.17 -33.95 0.86
CA UNK A 184 53.31 -32.47 4.25
CA UNK A 185 56.84 -30.91 4.39
CA UNK A 186 60.49 -31.87 4.77
CA UNK A 187 62.80 -28.79 4.60
CA UNK A 188 62.63 -25.00 4.18
CA UNK A 189 64.16 -21.61 5.13
CA UNK A 190 64.84 -19.98 8.54
CA UNK A 191 63.04 -16.63 9.06
CA UNK A 192 60.12 -15.72 11.35
CA UNK A 193 60.62 -14.83 15.05
CA UNK A 194 62.60 -15.82 18.20
CA UNK A 195 63.08 -18.91 20.45
CA UNK A 196 62.76 -22.73 20.16
CA UNK A 197 59.82 -24.82 18.87
CA UNK A 198 58.44 -28.37 18.53
CA UNK A 199 56.06 -30.15 16.07
CA UNK A 200 52.69 -28.28 16.00
CA UNK A 201 53.93 -24.68 16.46
CA UNK A 202 55.00 -24.46 20.14
CA UNK A 203 57.24 -22.62 22.62
CA UNK A 204 58.52 -19.17 23.63
CA UNK A 205 57.35 -17.04 20.68
CA UNK A 206 55.90 -13.56 19.97
CA UNK A 207 55.94 -10.87 17.19
CA UNK A 208 53.56 -10.25 14.24
CA UNK A 209 55.50 -11.77 11.25
CA UNK A 210 54.70 -10.18 7.82
CA UNK A 211 54.19 -6.59 9.00
CA UNK A 212 56.16 -3.53 10.13
CA UNK A 213 55.76 0.09 11.30
CA UNK A 214 55.36 0.93 7.58
CA UNK A 215 54.02 -2.29 5.95
CA UNK A 216 51.30 -2.96 3.32
CA UNK A 217 49.44 -5.69 1.36
CA UNK A 218 50.84 -8.33 -1.07
CA UNK A 219 50.87 -8.46 -4.90
CA UNK A 220 48.49 -11.48 -5.01
CA UNK A 221 46.26 -11.99 -1.91
CA UNK A 222 47.72 -11.18 1.55
CA UNK A 223 49.92 -13.15 3.94
CA UNK A 224 52.37 -13.92 6.49
CA UNK A 225 49.51 -12.29 8.38
CA UNK A 226 47.95 -15.84 8.99
CA UNK A 227 50.51 -16.57 11.88
CA UNK A 228 49.85 -13.05 13.48
CA UNK A 229 45.96 -13.57 13.30
CA UNK A 230 46.24 -17.19 14.80
CA UNK A 231 48.58 -15.95 17.70
CA UNK A 232 46.22 -12.86 18.34
CA UNK A 233 43.09 -15.20 18.57
CA UNK A 234 44.88 -17.91 20.77
CA UNK A 235 46.32 -15.28 23.30
CA UNK A 236 42.89 -13.36 23.34
CA UNK A 237 40.96 -16.67 24.14
CA UNK A 238 43.58 -17.89 26.80
CA UNK A 239 43.62 -14.46 28.71
CA UNK A 240 39.72 -14.14 28.30
CA UNK A 241 39.17 -17.62 29.99
CA UNK A 242 41.64 -16.90 32.97
CA UNK A 243 40.16 -13.32 33.62
CA UNK A 244 36.51 -14.65 33.04
CA UNK A 245 37.08 -17.60 35.55
CA UNK A 246 38.76 -15.28 38.23
CA UNK A 247 35.89 -12.63 37.83
CA UNK A 248 33.16 -15.42 38.13
CA UNK A 249 31.07 -14.18 41.14
CA UNK A 250 32.32 -11.42 38.79
CA UNK A 251 29.30 -11.47 36.44
CA UNK A 252 26.96 -10.66 39.35
CA UNK A 253 29.25 -8.28 41.27
CA UNK A 254 30.22 -6.03 38.34
CA UNK A 255 26.68 -5.25 37.11
CA UNK A 256 25.79 -4.54 40.76
CA UNK A 257 28.82 -2.24 40.95
CA UNK A 258 27.54 0.25 38.31
CA UNK A 259 26.63 3.22 40.53
CA UNK A 260 26.02 6.44 38.50
CA UNK A 261 22.39 7.65 38.10
CA UNK A 262 20.28 4.44 38.19
CA UNK A 263 20.68 1.86 41.03
CA UNK A 264 20.08 -1.07 38.61
CA UNK A 265 20.53 -4.86 39.32
CA UNK A 266 19.31 -7.74 37.76
CA UNK A 267 22.15 -8.06 35.22
CA UNK A 268 23.06 -11.59 36.31
CA UNK A 269 19.65 -12.44 37.76
CA UNK A 270 17.55 -11.38 34.73
CA UNK A 271 19.57 -13.40 32.21
CA UNK A 272 19.29 -16.70 34.05
CA UNK A 273 15.49 -16.68 34.51
CA UNK A 274 14.72 -15.99 30.85
CA UNK A 275 16.29 -16.41 28.01
CA UNK A 276 14.54 -14.27 25.21
CA UNK A 277 16.46 -10.95 25.97
CA UNK A 278 19.87 -12.89 26.18
CA UNK A 279 19.16 -14.68 22.76
CA UNK A 280 18.13 -11.29 21.08
CA UNK A 281 21.34 -9.51 22.44
CA UNK A 282 23.64 -12.48 21.27
CA UNK A 283 21.98 -12.54 17.72
CA UNK A 284 22.21 -8.63 17.49
CA UNK A 285 26.01 -8.71 18.41
CA UNK A 286 26.83 -11.74 16.05
CA UNK A 287 24.97 -10.19 12.97
CA UNK A 288 26.51 -6.66 13.75
CA UNK A 289 30.11 -8.18 13.86
CA UNK A 290 29.58 -10.43 10.68
CA UNK A 291 28.14 -7.50 8.53
CA UNK A 292 30.92 -5.07 9.91
CA UNK A 293 33.73 -7.60 8.95
CA UNK A 294 32.17 -8.47 5.44
CA UNK A 295 31.74 -4.69 4.45
CA UNK A 296 35.31 -3.84 5.86
CA UNK A 297 36.91 -6.78 3.83
CA UNK A 298 34.95 -5.86 0.54
CA UNK A 299 35.91 -2.07 0.97
CA UNK A 300 39.66 -3.00 1.60
CA UNK A 301 43.26 -1.91 2.37
CA UNK A 302 44.78 0.79 0.13
CA UNK A 303 43.53 0.84 -3.51
CA UNK A 304 42.96 -1.59 -6.42
CA UNK A 305 40.61 -4.52 -7.03
CA UNK A 306 41.69 -8.16 -6.76
CA UNK A 307 39.98 -10.87 -8.84
CA UNK A 308 36.60 -11.06 -10.65
CA UNK A 309 33.85 -9.03 -9.87
CA UNK A 310 31.44 -12.08 -9.25
CA UNK A 311 33.19 -13.32 -5.96
CA UNK A 312 33.34 -9.65 -4.59
CA UNK A 313 29.54 -9.09 -5.37
CA UNK A 314 28.60 -12.53 -3.71
CA UNK A 315 30.72 -11.69 -0.52
CA UNK A 316 29.17 -8.09 -0.28
CA UNK A 317 25.53 -9.47 -0.72
CA UNK A 318 26.26 -12.34 1.87
CA UNK A 319 27.59 -9.75 4.50
CA UNK A 320 24.69 -7.17 3.86
CA UNK A 321 21.86 -9.88 4.13
CA UNK A 322 23.64 -11.50 7.24
CA UNK A 323 23.82 -8.03 9.04
CA UNK A 324 20.16 -7.00 8.04
CA UNK A 325 18.61 -10.39 9.25
CA UNK A 326 20.84 -10.33 12.47
CA UNK A 327 19.66 -6.70 13.32
CA UNK A 328 15.89 -7.41 12.47
CA UNK A 329 15.82 -10.75 14.54
CA UNK A 330 17.94 -9.09 17.41
CA UNK A 331 15.34 -6.18 17.77
CA UNK A 332 12.27 -8.62 17.69
CA UNK A 333 14.01 -10.99 20.29
CA UNK A 334 14.87 -7.95 22.61
CA UNK A 335 11.39 -6.23 22.13
CA UNK A 336 9.37 -9.59 22.45
CA UNK A 337 11.56 -10.66 25.53
CA UNK A 338 10.89 -7.24 27.30
CA UNK A 339 7.07 -7.17 26.42
CA UNK A 340 6.46 -10.84 27.67
CA UNK A 341 7.96 -13.21 29.27
CA UNK A 342 10.29 -11.71 31.91
CA UNK A 343 9.58 -8.61 34.04
CA UNK A 344 8.06 -8.32 37.48
CA UNK A 345 10.41 -10.65 39.41
CA UNK A 346 13.92 -9.32 38.82
CA UNK A 347 15.93 -6.59 40.50
CA UNK A 348 14.74 -3.02 40.10
CA UNK A 349 16.27 -0.98 37.24
CA UNK A 350 13.85 0.61 35.24
CA UNK A 351 15.33 3.81 33.80
CA UNK A 352 15.03 3.03 30.09
CA UNK A 353 11.45 1.87 30.69
CA UNK A 354 10.83 4.92 32.88
CA UNK A 355 12.40 7.00 30.11
CA UNK A 356 9.56 6.33 27.48
CA UNK A 357 8.80 10.10 26.72
CA UNK A 358 12.64 10.87 26.44
CA UNK A 359 13.18 7.86 23.99
CA UNK A 360 10.07 8.93 21.84
CA UNK A 361 11.33 12.64 21.66
CA UNK A 362 14.98 11.49 20.72
CA UNK A 363 13.63 9.04 17.97
CA UNK A 364 11.19 11.82 16.63
CA UNK A 365 14.12 14.41 16.39
CA UNK A 366 16.65 11.85 14.81
CA UNK A 367 14.10 10.60 12.10
CA UNK A 368 12.93 14.29 11.42
CA UNK A 369 16.63 15.45 10.88
CA UNK A 370 17.61 12.30 8.72
CA UNK A 371 14.48 12.63 6.37
CA UNK A 372 14.99 16.53 6.17
CA UNK A 373 18.74 16.07 5.16
CA UNK A 374 18.00 13.15 2.62
CA UNK A 375 15.03 15.07 0.93
CA UNK A 376 17.13 18.40 0.86
CA UNK A 377 19.99 16.66 -1.18
CA UNK A 378 17.50 15.14 -3.80
CA UNK A 379 15.44 18.49 -3.87
CA UNK A 380 18.73 20.61 -3.96
CA UNK A 381 20.41 18.39 -6.72
CA UNK A 382 17.26 18.38 -9.05
CA UNK A 383 16.92 21.95 -8.86
CA UNK A 384 18.36 21.50 -12.30
CA UNK A 385 17.53 24.46 -14.10
CA UNK A 386 20.36 26.44 -12.43
CA UNK A 387 23.70 25.44 -10.79
CA UNK A 388 22.99 22.74 -8.12
CA UNK A 389 24.55 21.81 -4.73
CA UNK A 390 27.90 23.52 -4.03
CA UNK A 391 30.33 22.67 -1.20
CA UNK A 392 29.18 20.37 1.68
CA UNK A 393 32.33 18.32 2.17
CA UNK A 394 33.91 15.54 4.23
CA UNK A 395 36.06 17.73 6.55
CA UNK A 396 35.15 16.10 9.91
CA UNK A 397 35.91 12.75 8.27
CA UNK A 398 38.57 14.03 5.83
CA UNK A 399 41.41 14.42 8.36
CA UNK A 400 40.34 11.03 9.73
CA UNK A 401 40.47 9.87 6.04
CA UNK A 402 43.48 7.73 7.06
CA UNK A 403 45.47 9.96 4.67
CA UNK A 404 48.43 9.34 6.97
CA UNK A 405 49.58 6.42 4.77
CA UNK A 406 46.41 4.71 3.39
CA UNK A 407 44.18 4.85 0.28
CA UNK A 408 40.47 4.90 -0.67
CA UNK A 409 38.01 7.25 -2.46
CA UNK A 410 37.10 10.94 -1.95
CA UNK A 411 33.94 13.04 -1.53
CA UNK A 412 31.67 14.90 -2.36
CA UNK A 413 28.06 14.04 -3.66
CA UNK A 414 28.40 10.15 -3.32
CA UNK A 415 29.98 10.55 0.25
CA UNK A 416 27.08 12.94 1.38
CA UNK A 417 24.37 10.50 -0.09
CA UNK A 418 26.01 7.43 1.71
CA UNK A 419 26.29 9.37 5.10
CA UNK A 420 22.57 10.60 4.85
CA UNK A 421 21.41 6.98 3.85
CA UNK A 422 23.27 5.42 6.92
CA UNK A 423 22.07 8.19 9.43
CA UNK A 424 18.32 7.95 8.32
CA UNK A 425 18.54 4.02 8.25
CA UNK A 426 19.97 3.97 11.89
CA UNK A 427 17.45 6.67 13.24
CA UNK A 428 14.32 4.87 11.72
CA UNK A 429 15.69 1.38 12.90
CA UNK A 430 16.19 2.72 16.55
CA UNK A 431 12.74 4.60 16.64
CA UNK A 432 10.75 1.48 15.34
CA UNK A 433 12.76 -0.90 17.74
CA UNK A 434 12.03 1.43 20.80
CA UNK A 435 8.24 1.82 19.88
CA UNK A 436 7.82 -2.07 19.73
CA UNK A 437 9.21 -2.45 23.37
CA UNK A 438 7.17 0.59 24.77
CA UNK A 439 3.79 -0.56 23.15
CA UNK A 440 4.45 -4.27 24.30
CA UNK A 441 4.24 -2.11 27.42
CA UNK A 442 3.50 1.72 27.16
CA UNK A 443 1.97 5.16 26.47
CA UNK A 444 -1.17 4.37 24.44
CA UNK A 445 -3.72 2.01 26.00
CA UNK A 446 -3.48 -0.44 28.91
CA UNK A 447 -1.28 -3.42 29.12
CA UNK A 448 0.00 -6.42 27.13
CA UNK A 449 -1.63 -9.68 28.25
CA UNK A 450 -3.18 -10.27 24.84
CA UNK A 451 -0.55 -8.65 22.59
CA UNK A 452 -1.08 -8.70 18.75
CA UNK A 453 -3.02 -7.37 15.78
CA UNK A 454 -6.08 -5.14 15.72
CA UNK A 455 -7.97 -3.42 18.65
CA UNK A 456 -10.72 -1.12 17.32
CA UNK A 457 -11.19 1.37 20.16
CA UNK A 458 -8.65 4.01 19.62
CA UNK A 459 -9.56 5.32 16.21
CA UNK A 460 -6.05 6.41 16.67
CA UNK A 461 -4.62 3.06 15.73
CA UNK A 462 -5.39 -0.36 17.26
CA UNK A 463 -3.60 -1.81 14.16
CA UNK A 464 -0.38 -2.71 15.44
CA UNK A 465 0.63 -3.96 18.66
CA UNK A 466 4.04 -5.84 19.21
CA UNK A 467 3.70 -8.23 16.12
CA UNK A 468 2.58 -5.23 13.85
CA UNK A 469 5.63 -3.07 15.04
CA UNK A 470 8.14 -5.98 14.20
CA UNK A 471 6.66 -6.35 10.58
CA UNK A 472 6.91 -2.49 9.94
CA UNK A 473 10.43 -2.28 11.65
CA UNK A 474 11.60 -5.49 9.70
CA UNK A 475 10.46 -3.95 6.29
CA UNK A 476 11.94 -0.39 7.06
CA UNK A 477 15.42 -1.79 8.20
CA UNK A 478 15.44 -4.32 5.20
CA UNK A 479 14.73 -1.44 2.65
CA UNK A 480 17.28 1.05 4.32
CA UNK A 481 20.18 -1.59 4.41
CA UNK A 482 19.28 -2.77 0.78
CA UNK A 483 19.40 0.91 -0.55
CA UNK A 484 22.67 1.82 1.43
CA UNK A 485 24.58 -1.37 0.18
CA UNK A 486 23.22 -0.86 -3.47
CA UNK A 487 24.37 2.89 -3.46
CA UNK A 488 27.85 2.05 -1.86
CA UNK A 489 28.37 -0.90 -4.40
CA UNK A 490 27.66 1.47 -7.44
CA UNK A 491 29.96 4.34 -6.09
CA UNK A 492 32.97 1.94 -5.30
CA UNK A 493 32.48 0.14 -8.76
CA UNK A 494 32.52 3.56 -10.65
CA UNK A 495 31.95 5.96 -13.51
CA UNK A 496 29.36 8.60 -13.41
CA UNK A 497 29.84 9.50 -9.72
CA UNK A 498 29.53 13.32 -9.73
CA UNK A 499 25.83 12.89 -10.52
CA UNK A 500 25.07 9.98 -8.20
CA UNK A 501 22.58 12.08 -6.21
CA UNK A 502 19.51 13.62 -7.96
CA UNK A 503 16.95 12.59 -10.62
CA UNK A 504 20.02 11.33 -12.48
CA UNK A 505 20.26 8.47 -9.95
CA UNK A 506 17.94 6.47 -12.23
CA UNK A 507 20.25 7.09 -15.21
CA UNK A 508 23.62 6.08 -13.73
CA UNK A 509 22.78 3.29 -11.24
CA UNK A 510 19.61 1.68 -13.07
CA UNK A 511 20.34 2.48 -16.58
CA UNK A 512 23.61 0.77 -17.55
CA UNK A 513 23.07 -2.27 -15.32
CA UNK A 514 19.63 -3.13 -16.68
CA UNK A 515 20.56 -3.11 -20.39
CA UNK A 516 23.55 -5.44 -20.02
CA UNK A 517 21.65 -8.20 -18.22
CA UNK A 518 18.74 -8.49 -20.68
CA UNK A 519 18.75 -11.34 -21.30
CA UNK A 520 20.61 -14.67 -21.00
CA UNK A 521 18.06 -16.90 -19.30
CA UNK A 522 19.25 -16.70 -15.55
CA UNK A 523 19.04 -12.79 -15.26
CA UNK A 524 15.52 -12.80 -17.00
CA UNK A 525 14.22 -15.59 -14.57
CA UNK A 526 15.65 -13.68 -11.46
CA UNK A 527 14.01 -10.31 -12.63
CA UNK A 528 10.57 -12.08 -13.33
CA UNK A 529 10.64 -13.89 -9.85
CA UNK A 530 11.71 -10.55 -8.08
CA UNK A 531 8.76 -8.61 -9.76
CA UNK A 532 6.12 -11.45 -9.12
CA UNK A 533 7.09 -11.86 -5.34
CA UNK A 534 7.29 -7.95 -4.91
CA UNK A 535 3.71 -7.54 -6.43
CA UNK A 536 2.18 -10.57 -4.44
CA UNK A 537 3.63 -9.36 -1.00
CA UNK A 538 2.61 -5.66 -1.82
CA UNK A 539 -1.05 -6.76 -2.64
CA UNK A 540 -1.32 -9.19 0.43
CA UNK A 541 -0.02 -6.49 2.96
CA UNK A 542 -2.26 -3.72 1.29
CA UNK A 543 -5.42 -6.02 1.53
CA UNK A 544 -7.18 -6.88 4.30
CA UNK A 545 -9.84 -6.91 4.98
CA UNK A 546 -9.56 -10.65 5.76
CA UNK A 547 -12.12 -11.74 3.09
CA UNK A 548 -15.77 -12.79 3.11
CA UNK A 549 -16.20 -13.54 -0.61
CA UNK A 550 -14.54 -16.97 -0.31
CA UNK A 551 -17.55 -18.17 1.73
CA UNK A 552 -20.03 -17.25 -1.04
CA UNK A 553 -18.39 -19.55 -3.63
CA UNK A 554 -18.32 -22.49 -1.17
CA UNK A 555 -22.01 -23.52 -1.58
CA UNK A 556 -21.51 -27.24 -2.49
CA UNK A 557 -18.19 -28.57 -1.04
CA UNK A 558 -16.88 -30.06 2.24
CA UNK A 559 -13.80 -30.20 4.59
CA UNK A 560 -12.77 -27.24 6.84
CA UNK A 561 -12.55 -23.60 5.63
CA UNK A 562 -10.82 -20.58 7.29
CA UNK A 563 -9.25 -17.12 6.82
CA UNK A 564 -6.02 -15.34 7.77
CA UNK A 565 -6.00 -12.93 9.80
CA UNK A 566 -3.65 -9.87 10.59
CA UNK A 567 -0.52 -12.01 11.59
CA UNK A 568 -1.02 -14.31 8.45
CA UNK A 569 -1.30 -11.20 6.08
CA UNK A 570 1.88 -9.55 7.71
CA UNK A 571 3.92 -12.89 7.34
CA UNK A 572 2.75 -13.35 3.62
CA UNK A 573 3.63 -9.63 2.74
CA UNK A 574 7.07 -9.95 4.61
CA UNK A 575 7.95 -13.19 2.62
CA UNK A 576 6.71 -11.78 -0.83
CA UNK A 577 8.66 -8.40 -0.44
CA UNK A 578 11.82 -10.31 0.92
CA UNK A 579 11.79 -12.72 -2.17
CA UNK A 580 11.07 -9.86 -4.76
CA UNK A 581 13.94 -7.55 -3.38
CA UNK A 582 16.34 -10.65 -3.10
CA UNK A 583 15.63 -11.65 -6.80
CA UNK A 584 15.86 -7.97 -8.16
CA UNK A 585 19.26 -7.26 -6.34
CA UNK A 586 20.64 -10.80 -7.42
CA UNK A 587 19.63 -10.15 -11.15
CA UNK A 588 21.10 -6.51 -11.15
CA UNK A 589 24.41 -7.79 -9.46
CA UNK A 590 24.70 -10.73 -12.03
CA UNK A 591 23.92 -8.44 -15.13
CA UNK A 592 26.47 -5.66 -14.07
CA UNK A 593 29.17 -8.39 -13.21
CA UNK A 594 28.71 -10.07 -16.70
CA UNK A 595 28.63 -6.67 -18.68
CA UNK A 596 31.86 -5.31 -16.92
CA UNK A 597 33.60 -8.80 -17.28
CA UNK B 1 -26.93 12.51 5.65
CA UNK B 2 -25.67 14.65 2.75
CA UNK B 3 -22.51 15.52 0.75
CA UNK B 4 -20.32 17.36 3.27
CA UNK B 5 -19.17 14.68 5.71
CA UNK B 6 -15.99 14.01 3.69
CA UNK B 7 -14.51 17.46 4.31
CA UNK B 8 -15.90 17.92 7.83
CA UNK B 9 -14.55 14.70 9.35
CA UNK B 10 -11.10 15.66 8.05
CA UNK B 11 -10.81 18.28 10.80
CA UNK B 12 -10.23 15.39 13.28
CA UNK B 13 -11.99 17.56 15.85
CA UNK B 14 -13.93 16.35 18.88
CA UNK B 15 -17.17 18.35 19.29
CA UNK B 16 -18.62 19.46 15.96
CA UNK B 17 -19.39 15.90 14.85
CA UNK B 18 -22.71 15.67 16.69
CA UNK B 19 -24.17 18.93 15.28
CA UNK B 20 -23.00 18.57 11.67
CA UNK B 21 -24.90 15.46 10.47
CA UNK B 22 -28.28 16.09 12.16
CA UNK B 23 -29.54 19.23 10.36
CA UNK B 24 -29.11 17.72 6.88
CA UNK B 25 -31.81 15.02 7.17
CA UNK B 26 -34.74 16.52 5.23
CA UNK B 27 -36.19 14.77 2.16
CA UNK B 28 -37.53 18.14 0.94
CA UNK B 29 -34.46 20.32 1.51
CA UNK B 30 -32.16 17.64 0.08
CA UNK B 31 -34.01 17.71 -3.24
CA UNK B 32 -33.78 21.49 -3.51
CA UNK B 33 -30.14 21.52 -2.35
CA UNK B 34 -28.88 18.75 -4.66
CA UNK B 35 -30.38 20.52 -7.69
CA UNK B 36 -28.77 23.79 -6.64
CA UNK B 37 -25.41 22.07 -6.22
CA UNK B 38 -25.61 20.42 -9.64
CA UNK B 39 -26.59 23.80 -11.12
CA UNK B 40 -23.55 25.40 -9.53
CA UNK B 41 -21.00 22.69 -10.45
CA UNK B 42 -22.10 22.73 -14.08
CA UNK B 43 -21.72 26.53 -14.19
CA UNK B 44 -18.29 26.35 -12.53
CA UNK B 45 -17.05 23.75 -15.03
CA UNK B 46 -18.08 25.97 -17.91
CA UNK B 47 -15.86 28.71 -16.58
CA UNK B 48 -12.85 26.54 -15.70
CA UNK B 49 -12.70 23.67 -18.22
CA UNK B 50 -14.38 25.27 -21.24
CA UNK B 51 -13.49 28.97 -20.92
CA UNK B 52 -9.80 28.23 -20.36
CA UNK B 53 -9.18 27.00 -23.91
CA UNK B 54 -10.11 30.34 -25.48
CA UNK B 55 -7.87 32.32 -23.10
CA UNK B 56 -4.84 30.18 -23.98
CA UNK B 57 -5.21 30.90 -27.69
CA UNK B 58 -5.18 34.62 -26.87
CA UNK B 59 -1.69 34.31 -25.35
CA UNK B 60 -0.11 32.32 -28.21
CA UNK B 61 -1.37 30.99 -31.55
CA UNK B 62 0.33 27.60 -31.04
CA UNK B 63 1.16 27.10 -27.35
CA UNK B 64 -0.46 28.30 -24.11
CA UNK B 65 2.37 30.39 -22.57
CA UNK B 66 3.53 30.30 -18.93
CA UNK B 67 6.43 32.06 -17.15
CA UNK B 68 7.76 29.99 -14.23
CA UNK B 69 10.09 30.79 -11.31
CA UNK B 70 13.44 29.22 -12.22
CA UNK B 71 15.60 31.09 -14.75
CA UNK B 72 18.09 30.26 -17.55
CA UNK B 73 15.47 28.32 -19.50
CA UNK B 74 15.60 27.30 -23.16
CA UNK B 75 12.75 29.75 -23.93
CA UNK B 76 10.58 27.23 -25.80
CA UNK B 77 10.99 26.42 -29.51
CA UNK B 78 8.45 28.41 -31.52
CA UNK B 79 7.60 31.33 -29.22
CA UNK B 80 9.76 33.85 -27.38
CA UNK B 81 8.98 32.98 -23.72
CA UNK B 82 9.20 29.41 -22.37
CA UNK B 83 5.72 28.01 -23.05
CA UNK B 84 3.99 24.64 -23.44
CA UNK B 85 1.36 23.05 -25.72
CA UNK B 86 -0.80 19.90 -25.84
CA UNK B 87 -4.24 18.54 -26.83
CA UNK B 88 -7.52 20.50 -27.16
CA UNK B 89 -6.85 23.28 -29.69
CA UNK B 90 -8.21 22.21 -33.09
CA UNK B 91 -11.91 23.15 -33.18
CA UNK B 92 -13.75 23.70 -36.46
CA UNK B 93 -12.76 27.37 -36.52
CA UNK B 94 -10.40 28.68 -39.21
CA UNK B 95 -9.50 31.74 -37.16
CA UNK B 96 -7.66 31.03 -33.91
CA UNK B 97 -6.25 34.11 -32.11
CA UNK B 98 -8.95 36.18 -33.83
CA UNK B 99 -12.09 34.25 -32.91
CA UNK B 100 -10.74 33.44 -29.44
CA UNK B 101 -11.12 37.01 -28.12
CA UNK B 102 -14.84 37.19 -28.96
CA UNK B 103 -15.58 33.64 -27.83
CA UNK B 104 -14.08 34.08 -24.34
CA UNK B 105 -16.40 36.96 -23.50
CA UNK B 106 -19.47 35.09 -24.78
CA UNK B 107 -18.52 31.92 -22.91
CA UNK B 108 -17.94 33.90 -19.71
CA UNK B 109 -21.26 35.75 -20.07
CA UNK B 110 -23.13 32.46 -20.52
CA UNK B 111 -21.56 31.03 -17.38
CA UNK B 112 -22.22 34.19 -15.36
CA UNK B 113 -25.92 34.07 -16.30
CA UNK B 114 -26.32 30.35 -15.64
CA UNK B 115 -24.76 30.75 -12.20
CA UNK B 116 -26.91 33.65 -11.02
CA UNK B 117 -30.28 32.44 -12.35
CA UNK B 118 -30.08 28.68 -11.67
CA UNK B 119 -28.27 28.70 -8.29
CA UNK B 120 -30.41 31.47 -6.80
CA UNK B 121 -33.68 29.74 -7.82
CA UNK B 122 -33.39 27.59 -4.67
CA UNK B 123 -33.21 30.52 -2.23
CA UNK B 124 -35.73 32.73 -4.03
CA UNK B 125 -38.45 30.12 -3.29
CA UNK B 126 -39.01 30.16 -7.05
CA UNK B 127 -37.85 26.55 -7.32
CA UNK B 128 -39.73 23.70 -5.66
CA UNK B 129 -40.48 19.99 -6.18
CA UNK B 130 -40.97 18.77 -9.76
CA UNK B 131 -41.82 15.45 -11.43
CA UNK B 132 -39.57 12.48 -12.11
CA UNK B 133 -40.47 10.21 -15.06
CA UNK B 134 -42.65 12.37 -17.35
CA UNK B 135 -40.10 15.20 -17.44
CA UNK B 136 -37.05 12.95 -17.90
CA UNK B 137 -38.72 11.18 -20.86
CA UNK B 138 -39.26 14.55 -22.52
CA UNK B 139 -35.60 15.44 -21.85
CA UNK B 140 -34.50 12.85 -24.42
CA UNK B 141 -36.03 14.95 -27.20
CA UNK B 142 -34.24 18.22 -26.30
CA UNK B 143 -30.90 16.49 -25.64
CA UNK B 144 -30.99 14.98 -29.15
CA UNK B 145 -32.16 18.24 -30.75
CA UNK B 146 -29.37 20.14 -28.99
CA UNK B 147 -26.67 17.96 -30.52
CA UNK B 148 -28.52 17.94 -33.86
CA UNK B 149 -28.53 21.75 -33.93
CA UNK B 150 -24.73 21.92 -33.67
CA UNK B 151 -23.98 19.51 -36.50
CA UNK B 152 -26.66 20.64 -38.98
CA UNK B 153 -26.25 24.43 -38.78
CA UNK B 154 -22.45 24.55 -38.67
CA UNK B 155 -21.99 22.52 -41.86
CA UNK B 156 -23.94 24.85 -44.17
CA UNK B 157 -22.50 28.22 -43.01
CA UNK B 158 -18.80 27.26 -42.63
CA UNK B 159 -18.34 25.17 -45.81
CA UNK B 160 -19.67 27.72 -48.35
CA UNK B 161 -17.41 30.76 -47.64
CA UNK B 162 -14.15 29.22 -46.39
CA UNK B 163 -13.98 25.96 -48.37
CA UNK B 164 -14.74 27.23 -51.90
CA UNK B 165 -11.37 28.94 -52.52
CA UNK B 166 -9.29 26.33 -50.68
CA UNK B 167 -10.71 23.46 -52.73
CA UNK B 168 -7.79 22.10 -54.74
CA UNK B 169 -8.12 18.31 -54.63
CA UNK B 170 -11.24 16.16 -55.26
CA UNK B 171 -14.25 17.53 -53.34
CA UNK B 172 -17.98 18.05 -53.96
CA UNK B 173 -18.75 20.78 -51.41
CA UNK B 174 -21.63 23.25 -51.90
CA UNK B 175 -23.22 21.00 -54.54
CA UNK B 176 -25.22 17.98 -53.35
CA UNK B 177 -28.99 17.75 -52.90
CA UNK B 178 -32.18 19.08 -51.32
CA UNK B 179 -35.68 17.59 -51.26
CA UNK B 180 -38.66 19.78 -52.25
CA UNK B 181 -37.62 22.86 -50.28
CA UNK B 182 -34.34 24.72 -49.91
CA UNK B 183 -32.99 27.71 -47.96
CA UNK B 184 -29.75 29.49 -46.99
CA UNK B 185 -30.40 29.72 -43.23
CA UNK B 186 -31.04 26.32 -41.56
CA UNK B 187 -30.70 27.64 -37.93
CA UNK B 188 -27.74 29.37 -36.25
CA UNK B 189 -24.52 27.64 -35.21
CA UNK B 190 -22.14 28.16 -32.28
CA UNK B 191 -21.26 31.52 -33.89
CA UNK B 192 -23.10 34.47 -35.49
CA UNK B 193 -21.90 37.05 -38.06
CA UNK B 194 -23.61 39.09 -40.79
CA UNK B 195 -23.31 37.21 -44.10
CA UNK B 196 -25.09 34.83 -46.53
CA UNK B 197 -24.89 31.12 -47.42
CA UNK B 198 -24.79 29.26 -50.76
CA UNK B 199 -26.55 26.39 -52.62
CA UNK B 200 -27.54 22.83 -51.59
CA UNK B 201 -25.00 20.93 -49.47
CA UNK B 202 -25.93 17.75 -47.56
CA UNK B 203 -24.35 14.33 -48.21
CA UNK B 204 -22.17 11.70 -46.53
CA UNK B 205 -18.61 11.10 -47.71
CA UNK B 206 -15.72 8.85 -46.63
CA UNK B 207 -12.97 11.50 -46.26
CA UNK B 208 -11.63 14.96 -47.21
CA UNK B 209 -7.80 15.08 -47.17
CA UNK B 210 -7.27 13.83 -43.60
CA UNK B 211 -10.54 14.22 -41.69
CA UNK B 212 -14.00 13.23 -42.90
CA UNK B 213 -15.19 16.40 -41.18
CA UNK B 214 -15.91 19.77 -42.84
CA UNK B 215 -19.42 18.88 -44.00
CA UNK B 216 -19.60 15.13 -44.72
CA UNK B 217 -19.39 14.16 -41.04
CA UNK B 218 -21.59 16.96 -39.65
CA UNK B 219 -24.48 16.28 -42.07
CA UNK B 220 -24.55 12.58 -41.18
CA UNK B 221 -24.72 13.27 -37.46
CA UNK B 222 -27.59 15.73 -38.02
CA UNK B 223 -30.03 13.29 -39.65
CA UNK B 224 -29.87 10.60 -36.92
CA UNK B 225 -30.10 13.00 -33.97
CA UNK B 226 -32.92 15.01 -35.59
CA UNK B 227 -35.03 11.89 -36.13
CA UNK B 228 -34.44 10.55 -32.62
CA UNK B 229 -35.57 13.91 -31.18
CA UNK B 230 -39.11 13.26 -32.45
CA UNK B 231 -38.84 9.52 -31.71
CA UNK B 232 -37.98 10.18 -28.06
CA UNK B 233 -41.28 12.00 -27.49
CA UNK B 234 -43.79 9.61 -29.11
CA UNK B 235 -43.30 5.83 -29.31
CA UNK B 236 -46.48 4.60 -27.57
CA UNK B 237 -49.94 6.03 -26.72
CA UNK B 238 -49.67 9.09 -24.41
CA UNK B 239 -51.66 12.33 -24.21
CA UNK B 240 -50.97 16.08 -24.09
CA UNK B 241 -49.63 17.93 -21.03
CA UNK B 242 -48.16 14.61 -19.84
CA UNK B 243 -46.25 11.47 -20.83
CA UNK B 244 -46.96 7.72 -20.60
CA UNK B 245 -44.84 7.11 -17.47
CA UNK B 246 -47.13 4.30 -16.26
CA UNK B 247 -44.23 1.83 -16.05
CA UNK B 248 -45.22 -1.82 -15.92
CA UNK B 249 -41.79 -3.09 -14.90
CA UNK B 250 -41.23 -4.26 -11.32
CA UNK B 251 -38.67 -2.01 -9.62
CA UNK B 252 -38.38 1.75 -9.18
CA UNK B 253 -35.50 4.19 -8.76
CA UNK B 254 -34.81 5.77 -5.40
CA UNK B 255 -32.35 8.69 -5.44
CA UNK B 256 -28.88 7.66 -4.34
CA UNK B 257 -28.87 4.26 -6.02
CA UNK B 258 -30.32 5.93 -9.09
CA UNK B 259 -27.58 8.53 -9.53
CA UNK B 260 -24.57 6.26 -9.11
CA UNK B 261 -25.85 3.70 -11.63
CA UNK B 262 -26.73 6.35 -14.20
CA UNK B 263 -23.26 7.89 -13.87
CA UNK B 264 -21.66 4.47 -14.35
CA UNK B 265 -23.56 3.81 -17.60
CA UNK B 266 -22.56 7.30 -18.72
CA UNK B 267 -18.89 6.63 -18.02
CA UNK B 268 -19.25 3.27 -19.80
CA UNK B 269 -20.72 4.87 -22.90
CA UNK B 270 -17.98 7.49 -22.59
CA UNK B 271 -15.27 4.81 -22.57
CA UNK B 272 -16.72 3.20 -25.70
CA UNK B 273 -17.05 6.60 -27.36
CA UNK B 274 -13.41 7.34 -26.50
CA UNK B 275 -12.03 4.25 -28.23
CA UNK B 276 -14.16 4.98 -31.30
CA UNK B 277 -12.79 8.52 -31.68
CA UNK B 278 -9.19 7.69 -30.81
CA UNK B 279 -8.15 4.36 -32.31
CA UNK B 280 -10.52 4.74 -35.27
CA UNK B 281 -12.74 7.73 -36.15
CA UNK B 282 -11.41 10.97 -37.64
CA UNK B 283 -10.66 14.26 -35.88
CA UNK B 284 -11.64 17.91 -36.30
CA UNK B 285 -9.00 18.49 -38.98
CA UNK B 286 -5.98 16.21 -38.72
CA UNK B 287 -5.23 13.41 -36.27
CA UNK B 288 -1.50 13.94 -36.87
CA UNK B 289 0.58 11.00 -38.10
CA UNK B 290 3.59 9.82 -36.09
CA UNK B 291 3.92 13.21 -34.39
CA UNK B 292 0.60 12.81 -32.55
CA UNK B 293 1.15 14.97 -29.47
CA UNK B 294 -2.47 16.10 -29.11
CA UNK B 295 -3.84 12.72 -30.21
CA UNK B 296 -1.83 10.53 -27.83
CA UNK B 297 -2.66 12.70 -24.80
CA UNK B 298 -6.44 12.93 -25.40
CA UNK B 299 -6.67 9.16 -25.85
CA UNK B 300 -4.94 8.58 -22.52
CA UNK B 301 -7.08 11.16 -20.71
CA UNK B 302 -10.37 9.94 -22.18
CA UNK B 303 -9.90 6.16 -21.66
CA UNK B 304 -8.21 6.34 -18.24
CA UNK B 305 -10.81 8.71 -16.75
CA UNK B 306 -13.81 6.77 -18.01
CA UNK B 307 -12.40 3.50 -16.65
CA UNK B 308 -12.00 4.60 -13.03
CA UNK B 309 -15.44 6.18 -13.09
CA UNK B 310 -17.34 3.22 -14.58
CA UNK B 311 -16.00 0.79 -11.99
CA UNK B 312 -16.43 3.08 -8.98
CA UNK B 313 -19.85 4.49 -9.96
CA UNK B 314 -21.33 0.97 -10.13
CA UNK B 315 -19.99 0.13 -6.69
CA UNK B 316 -21.36 3.31 -5.05
CA UNK B 317 -24.94 2.44 -5.99
CA UNK B 318 -24.40 -1.08 -4.72
CA UNK B 319 -23.27 0.51 -1.46
CA UNK B 320 -26.37 2.68 -1.62
CA UNK B 321 -28.69 -0.36 -1.88
CA UNK B 322 -27.51 -1.51 1.54
CA UNK B 323 -28.30 1.82 3.19
CA UNK B 324 -31.38 2.98 1.27
CA UNK B 325 -34.11 0.91 -0.46
CA UNK B 326 -34.76 -2.69 0.61
CA UNK B 327 -38.43 -3.20 -0.22
CA UNK B 328 -39.69 -3.80 -3.78
CA UNK B 329 -40.28 -6.55 -6.34
CA UNK B 330 -37.74 -8.93 -7.94
CA UNK B 331 -34.18 -9.32 -6.68
CA UNK B 332 -31.05 -11.38 -7.40
CA UNK B 333 -29.80 -14.82 -6.27
CA UNK B 334 -26.54 -13.26 -4.92
CA UNK B 335 -24.94 -16.52 -3.68
CA UNK B 336 -24.53 -18.13 -7.13
CA UNK B 337 -23.48 -14.96 -8.99
CA UNK B 338 -20.61 -14.29 -6.60
CA UNK B 339 -19.53 -17.94 -6.86
CA UNK B 340 -19.36 -18.06 -10.68
CA UNK B 341 -17.54 -14.74 -11.31
CA UNK B 342 -14.80 -15.61 -8.81
CA UNK B 343 -14.43 -18.99 -10.51
CA UNK B 344 -14.17 -17.69 -14.09
CA UNK B 345 -11.84 -14.76 -13.47
CA UNK B 346 -9.57 -17.04 -11.46
CA UNK B 347 -9.07 -19.41 -14.42
CA UNK B 348 -8.75 -16.65 -17.02
CA UNK B 349 -5.99 -15.09 -14.94
CA UNK B 350 -4.25 -18.41 -14.17
CA UNK B 351 -4.37 -19.27 -17.89
CA UNK B 352 -3.03 -15.91 -19.11
CA UNK B 353 -0.19 -15.82 -16.54
CA UNK B 354 0.91 -19.28 -17.63
CA UNK B 355 0.86 -18.20 -21.27
CA UNK B 356 3.26 -15.33 -20.60
CA UNK B 357 5.50 -17.82 -18.79
CA UNK B 358 5.76 -19.79 -22.05
CA UNK B 359 7.67 -16.98 -23.73
CA UNK B 360 9.72 -16.10 -20.62
CA UNK B 361 10.80 -19.72 -19.97
CA UNK B 362 11.88 -19.78 -23.63
CA UNK B 363 15.29 -18.08 -23.40
CA UNK B 364 16.98 -20.43 -25.91
CA UNK B 365 14.30 -19.69 -28.54
CA UNK B 366 10.89 -21.34 -28.78
CA UNK B 367 7.38 -20.67 -30.11
CA UNK B 368 4.62 -19.64 -27.64
CA UNK B 369 2.33 -17.67 -29.97
CA UNK B 370 -1.24 -17.94 -31.25
CA UNK B 371 -3.52 -15.88 -33.45
CA UNK B 372 -7.12 -15.51 -34.63
CA UNK B 373 -9.91 -13.10 -35.59
CA UNK B 374 -10.77 -12.03 -39.13
CA UNK B 375 -13.71 -9.85 -40.21
CA UNK B 376 -14.98 -6.76 -42.07
CA UNK B 377 -14.86 -6.24 -45.86
CA UNK B 378 -18.15 -5.16 -47.49
CA UNK B 379 -21.50 -6.98 -47.42
CA UNK B 380 -23.94 -6.55 -50.33
CA UNK B 381 -25.96 -3.97 -52.30
CA UNK B 382 -29.41 -4.74 -53.70
CA UNK B 383 -32.61 -3.91 -51.80
CA UNK B 384 -34.42 -4.24 -48.45
CA UNK B 385 -35.81 -7.70 -49.27
CA UNK B 386 -32.93 -9.36 -47.39
CA UNK B 387 -30.16 -7.05 -46.17
CA UNK B 388 -26.96 -8.05 -44.36
CA UNK B 389 -23.99 -6.91 -42.26
CA UNK B 390 -21.49 -8.22 -39.65
CA UNK B 391 -20.02 -5.19 -37.84
CA UNK B 392 -20.32 -2.45 -40.44
CA UNK B 393 -20.94 5.38 -49.75
CA UNK B 394 -17.66 3.66 -50.63
CA UNK B 395 -15.88 1.27 -48.24
CA UNK B 396 -12.22 2.15 -47.53
CA UNK B 397 -9.08 0.33 -46.25
CA UNK B 398 -5.35 1.18 -46.70
CA UNK B 399 -3.03 1.63 -43.69
CA UNK B 400 -4.09 4.45 -41.29
CA UNK B 401 -4.96 4.28 -37.56
CA UNK B 402 -8.12 2.19 -38.11
CA UNK B 403 -5.92 -0.89 -38.56
CA UNK B 404 -8.26 -3.56 -37.23
CA UNK B 405 -6.76 -5.96 -39.78
CA UNK B 406 -3.04 -5.13 -39.73
CA UNK B 407 -1.86 -5.04 -36.11
CA UNK B 408 -3.91 -8.12 -36.08
CA UNK B 409 -1.88 -9.28 -33.28
CA UNK B 410 -1.76 -12.41 -34.43
CA UNK B 411 -0.52 -14.07 -31.16
CA UNK B 412 0.80 -10.99 -29.13
CA UNK B 413 -2.44 -8.92 -29.98
CA UNK B 414 -4.74 -11.89 -28.84
CA UNK B 415 -2.67 -12.38 -25.54
CA UNK B 416 -2.85 -8.54 -24.75
CA UNK B 417 -6.69 -8.42 -25.49
CA UNK B 418 -7.35 -11.59 -23.28
CA UNK B 419 -5.05 -10.15 -20.44
CA UNK B 420 -6.98 -6.74 -20.47
CA UNK B 421 -10.54 -8.42 -20.67
CA UNK B 422 -9.81 -10.93 -17.75
CA UNK B 423 -8.08 -8.07 -15.65
CA UNK B 424 -11.21 -5.76 -16.11
CA UNK B 425 -13.80 -8.64 -15.44
CA UNK B 426 -12.00 -9.84 -12.17
CA UNK B 427 -11.47 -6.11 -11.03
CA UNK B 428 -15.32 -5.46 -11.09
CA UNK B 429 -16.23 -8.96 -9.55
CA UNK B 430 -14.21 -8.30 -6.25
CA UNK B 431 -15.88 -4.77 -5.86
CA UNK B 432 -19.43 -6.28 -6.52
CA UNK B 433 -18.84 -9.31 -4.11
CA UNK B 434 -17.42 -6.92 -1.34
CA UNK B 435 -20.47 -4.49 -1.77
CA UNK B 436 -23.12 -7.37 -1.78
CA UNK B 437 -21.63 -9.14 1.39
CA UNK B 438 -21.28 -5.67 3.21
CA UNK B 439 -25.00 -4.79 2.43
CA UNK B 440 -25.24 -6.36 5.56
CA UNK B 441 -25.44 -9.99 4.28
CA UNK B 442 -22.17 -11.91 4.84
CA UNK B 443 -21.26 -15.55 5.45
CA UNK B 444 -19.29 -14.98 8.59
CA UNK B 445 -21.20 -12.11 10.24
CA UNK B 446 -24.79 -10.91 10.70
CA UNK B 447 -26.57 -7.75 9.50
CA UNK B 448 -24.60 -4.49 9.33
CA UNK B 449 -27.65 -2.23 9.04
CA UNK B 450 -26.04 0.28 11.42
CA UNK B 451 -23.27 1.67 9.20
CA UNK B 452 -22.04 1.62 5.60
CA UNK B 453 -18.49 2.36 6.79
CA UNK B 454 -16.20 0.10 8.82
CA UNK B 455 -13.12 -0.64 10.91
CA UNK B 456 -11.95 -3.09 11.40
CA UNK B 457 -13.94 -6.03 12.89
CA UNK B 458 -11.68 -8.33 14.93
CA UNK B 459 -13.24 -11.71 16.11
CA UNK B 460 -13.68 -13.89 13.10
CA UNK B 461 -9.82 -13.36 13.36
CA UNK B 462 -9.14 -13.47 9.62
CA UNK B 463 -12.05 -11.09 9.04
CA UNK B 464 -12.36 -7.57 10.00
CA UNK B 465 -9.89 -5.34 8.37
CA UNK B 466 -13.26 -4.54 6.77
CA UNK B 467 -16.12 -5.44 4.43
CA UNK B 468 -17.56 -2.54 3.61
CA UNK B 469 -18.93 -0.48 1.23
CA UNK B 470 -15.88 1.86 2.03
CA UNK B 471 -13.55 -1.24 2.53
CA UNK B 472 -14.71 -2.79 -0.88
CA UNK B 473 -14.24 0.65 -2.72
CA UNK B 474 -10.42 0.74 -1.78
CA UNK B 475 -9.85 -2.86 -3.23
CA UNK B 476 -11.94 -2.05 -6.45
CA UNK B 477 -10.07 1.39 -6.86
CA UNK B 478 -6.61 -0.41 -6.94
CA UNK B 479 -7.78 -3.23 -9.41
CA UNK B 480 -9.42 -0.71 -11.93
CA UNK B 481 -6.35 1.72 -11.58
CA UNK B 482 -3.88 -1.20 -12.39
CA UNK B 483 -6.15 -2.75 -15.20
CA UNK B 484 -6.88 0.72 -16.87
CA UNK B 485 -3.11 1.77 -16.47
CA UNK B 486 -1.92 -1.54 -18.19
CA UNK B 487 -4.65 -1.38 -21.02
CA UNK B 488 -3.83 2.34 -21.91
CA UNK B 489 0.03 1.63 -21.69
CA UNK B 490 -0.32 -1.46 -24.06
CA UNK B 491 -2.63 0.46 -26.60
CA UNK B 492 -0.19 3.53 -26.57
CA UNK B 493 2.91 1.19 -27.11
CA UNK B 494 1.19 -0.89 -29.95
CA UNK B 495 -0.05 2.27 -31.91
CA UNK B 496 3.45 3.99 -31.43
CA UNK B 497 5.29 0.84 -32.81
CA UNK B 498 2.77 0.29 -35.78
CA UNK B 499 2.94 4.03 -36.93
CA UNK B 500 6.83 4.07 -36.42
CA UNK B 501 9.27 1.26 -36.75
CA UNK B 502 8.07 -2.09 -35.52
CA UNK B 503 8.64 -5.58 -34.09
CA UNK B 504 5.35 -5.39 -32.19
CA UNK B 505 3.66 -8.39 -33.80
CA UNK B 506 6.72 -10.38 -32.70
CA UNK B 507 9.26 -10.02 -29.88
CA UNK B 508 6.69 -10.49 -27.06
CA UNK B 509 8.34 -13.00 -24.88
CA UNK B 510 7.66 -12.43 -21.20
CA UNK B 511 10.97 -10.83 -21.76
CA UNK B 512 9.12 -7.70 -22.72
CA UNK B 513 8.32 -4.97 -20.12
CA UNK B 514 11.95 -3.88 -20.56
CA UNK B 515 11.40 -3.15 -24.27
CA UNK B 516 8.98 -0.37 -23.28
CA UNK B 517 11.70 1.14 -21.07
CA UNK B 518 13.83 1.82 -24.17
CA UNK B 519 11.20 4.25 -25.50
CA UNK B 520 11.08 5.74 -21.99
CA UNK B 521 14.87 6.27 -21.99
CA UNK B 522 14.59 9.77 -23.50
CA UNK B 523 13.42 11.09 -20.09
CA UNK B 524 16.59 12.64 -18.58
CA UNK B 525 16.38 16.44 -18.73
CA UNK B 526 19.84 17.85 -18.05
CA UNK B 527 19.57 19.78 -21.35
CA UNK B 528 16.31 21.64 -20.53
CA UNK B 529 14.36 20.18 -23.49
CA UNK B 530 11.78 22.48 -23.33
CA UNK B 531 10.37 19.13 -22.04
CA UNK B 532 13.59 17.69 -20.32
CA UNK B 533 12.74 19.54 -16.97
CA UNK B 534 8.98 18.46 -17.21
CA UNK B 535 9.97 14.68 -17.58
CA UNK B 536 12.25 14.83 -14.39
CA UNK B 537 9.45 16.61 -12.30
CA UNK B 538 6.76 14.07 -13.66
CA UNK B 539 9.00 11.03 -12.64
CA UNK B 540 9.98 12.52 -9.14
CA UNK B 541 6.28 13.42 -8.20
CA UNK B 542 5.03 9.97 -9.60
CA UNK B 543 7.66 8.06 -7.44
CA UNK B 544 7.04 10.23 -4.23
CA UNK B 545 3.14 9.84 -4.41
CA UNK B 546 3.52 6.02 -5.26
CA UNK B 547 5.81 5.46 -2.15
CA UNK B 548 3.72 7.84 0.18
CA UNK B 549 0.32 6.17 -0.77
CA UNK B 550 1.80 2.59 -0.08
CA UNK B 551 3.31 3.77 3.32
CA UNK B 552 -0.13 5.12 4.64
CA UNK B 553 -1.92 1.80 3.56
CA UNK B 554 0.81 -0.36 5.38
CA UNK B 555 0.80 1.87 8.60
CA UNK B 556 -2.58 1.44 9.31
CA UNK B 557 -3.22 3.00 12.70
CA UNK B 558 -0.30 2.14 14.82
CA UNK B 559 1.02 5.75 15.13
CA UNK B 560 -1.28 7.74 17.07
CA UNK B 561 0.28 6.12 20.15
CA UNK B 562 3.69 7.33 18.96
CA UNK B 563 2.28 10.81 18.52
CA UNK B 564 0.79 10.71 22.03
CA UNK B 565 4.30 9.97 23.31
CA UNK B 566 5.84 12.62 21.06
CA UNK B 567 3.26 15.12 22.34
CA UNK B 568 3.34 14.62 26.11
CA UNK B 569 7.12 14.54 26.51
CA UNK B 570 8.08 17.44 24.24
CA UNK B 571 5.50 20.23 24.62
CA UNK B 572 4.84 19.89 28.36
CA UNK B 573 8.56 20.45 28.98
CA UNK B 574 10.99 23.19 27.90
CA UNK B 575 10.42 26.65 26.40
CA UNK B 576 7.52 25.42 24.26
CA UNK B 577 5.24 25.80 27.31
CA UNK B 578 3.73 28.98 25.84
CA UNK B 579 2.05 27.13 22.96
CA UNK B 580 -1.66 26.25 23.00
CA UNK B 581 -3.38 22.94 22.13
CA UNK B 582 -5.71 21.81 19.33
CA UNK B 583 -5.96 17.97 19.14
CA UNK B 584 -3.80 14.95 18.31
CA UNK B 585 -4.88 11.61 16.81
CA UNK B 586 -3.95 9.77 13.61
CA UNK B 587 -6.06 7.90 11.06
CA UNK B 588 -9.42 6.14 11.14
CA UNK B 589 -11.02 5.91 8.00
CA UNK B 590 -8.52 8.36 6.69
CA UNK B 591 -6.06 5.40 5.91
CA UNK B 592 -8.21 4.29 2.83
CA UNK B 593 -8.44 8.00 1.53
CA UNK B 594 -4.56 8.48 1.93
CA UNK B 595 -3.81 5.06 0.15
CA UNK B 596 -6.27 5.91 -2.79
CA UNK B 597 -4.79 9.54 -3.05
CA UNK B 598 -1.14 8.13 -3.25
CA UNK B 599 -2.07 5.25 -5.76
CA UNK B 600 -4.03 7.63 -8.18
CA UNK B 601 -1.23 10.37 -7.85
CA UNK B 602 1.53 7.77 -8.78
CA UNK B 603 -0.56 6.14 -11.68
CA UNK B 604 -1.43 9.59 -13.32
CA UNK B 605 2.26 10.83 -12.77
CA UNK B 606 3.68 7.63 -14.50
CA UNK B 607 1.06 7.68 -17.43
CA UNK B 608 1.69 11.47 -18.23
CA UNK B 609 5.57 10.96 -17.89
CA UNK B 610 5.48 7.89 -20.32
CA UNK B 611 3.16 9.72 -22.90
CA UNK B 612 5.42 12.93 -22.74
CA UNK B 613 8.66 10.78 -23.21
CA UNK B 614 7.16 8.65 -26.13
CA UNK B 615 5.81 11.77 -28.09
CA UNK B 616 9.18 13.68 -27.46
CA UNK B 617 11.25 10.65 -28.83
CA UNK B 618 8.87 10.01 -31.89
CA UNK B 619 8.86 13.78 -32.98
CA UNK C 1 -19.96 6.67 22.72
CA UNK C 2 -23.50 6.28 21.29
CA UNK C 3 -24.50 2.61 21.16
CA UNK C 4 -22.71 -0.72 21.88
CA UNK C 5 -26.18 -2.22 22.56
CA UNK C 6 -26.72 -5.69 23.84
CA UNK C 7 -29.70 -7.11 22.08
CA UNK C 8 -32.32 -9.73 22.72
CA UNK C 9 -29.98 -12.78 21.92
CA UNK C 10 -28.38 -12.32 25.24
CA UNK C 11 -28.17 -15.52 27.45
CA UNK C 12 -26.77 -13.58 30.61
CA UNK C 13 -23.75 -15.89 30.46
CA UNK C 14 -22.21 -12.69 31.47
CA UNK C 15 -18.54 -13.17 30.44
CA UNK C 16 -18.33 -9.91 28.81
CA UNK C 17 -18.30 -7.64 31.97
CA UNK C 18 -14.74 -8.41 32.42
CA UNK C 19 -13.44 -8.03 28.96
CA UNK C 20 -14.62 -4.49 28.70
CA UNK C 21 -11.78 -2.14 29.48
CA UNK C 22 -13.84 0.60 31.16
CA UNK C 23 -16.32 -1.64 33.21
CA UNK C 24 -18.98 -0.47 35.73
CA UNK C 25 -22.55 -1.14 37.12
CA UNK C 26 -24.42 -4.08 35.56
CA UNK C 27 -25.65 -7.55 36.50
CA UNK C 28 -28.31 -10.15 35.21
CA UNK C 29 -31.95 -9.16 35.81
CA UNK C 30 -34.45 -10.97 33.57
CA UNK C 31 -35.73 -13.29 30.72
CA UNK C 32 -33.94 -16.66 31.00
CA UNK C 33 -32.47 -19.13 33.60
CA UNK C 34 -28.98 -18.93 34.99
CA UNK C 35 -28.75 -15.19 35.32
CA UNK C 36 -29.97 -11.73 34.32
CA UNK C 37 -28.00 -8.67 32.36
CA UNK C 38 -27.92 -4.95 31.49
CA UNK C 39 -25.69 -2.18 30.17
CA UNK C 40 -24.59 0.32 32.75
CA UNK C 41 -22.19 3.13 31.56
CA UNK C 42 -22.57 6.13 29.17
CA UNK C 43 -18.97 5.63 28.77
CA UNK C 44 -18.54 2.82 26.04
CA UNK C 45 -15.65 3.37 23.77
CA UNK C 46 -16.86 1.19 20.71
CA UNK C 47 -13.92 -1.11 21.38
CA UNK C 48 -15.58 -4.36 19.99
CA UNK C 49 -14.44 -6.09 23.03
CA UNK C 50 -17.69 -7.45 24.36
CA UNK C 51 -18.60 -8.52 20.82
CA UNK C 52 -15.38 -10.35 20.58
CA UNK C 53 -16.41 -12.60 23.35
CA UNK C 54 -20.23 -13.17 23.06
CA UNK C 55 -21.12 -16.88 22.25
CA UNK C 56 -24.50 -15.72 20.70
CA UNK C 57 -23.55 -12.52 19.13
CA UNK C 58 -25.80 -10.09 20.96
CA UNK C 59 -23.33 -7.12 21.70
CA UNK C 60 -23.65 -5.03 18.52
CA UNK C 61 -22.64 -1.57 17.55
CA UNK C 62 -20.71 1.73 17.89
CA UNK C 63 -20.11 4.02 15.40
CA UNK C 64 -17.52 5.06 18.10
CA UNK C 65 -18.60 8.67 17.50
CA UNK C 66 -17.52 12.00 19.18
CA UNK C 67 -14.75 11.19 21.64
CA UNK C 68 -13.22 13.26 24.41
CA UNK C 69 -11.71 10.19 25.83
CA UNK C 70 -14.08 7.89 23.93
CA UNK C 71 -12.87 7.25 20.40
CA UNK C 72 -9.50 8.85 21.38
CA UNK C 73 -8.22 8.35 24.87
CA UNK C 74 -5.00 9.36 26.53
CA UNK C 75 -2.82 12.41 27.07
CA UNK C 76 -5.95 14.53 27.50
CA UNK C 77 -5.99 18.27 27.56
CA UNK D 1 -31.33 0.38 14.92
CA UNK D 2 -33.09 2.44 17.36
CA UNK D 3 -32.71 5.73 15.60
CA UNK D 4 -34.79 7.24 12.83
CA UNK D 5 -36.82 10.14 10.85
CA UNK D 6 -34.72 9.15 7.87
CA UNK D 7 -35.11 5.38 8.51
CA UNK D 8 -35.92 2.78 5.85
CA UNK D 9 -32.59 0.99 6.62
CA UNK D 10 -34.77 -1.94 7.80
CA UNK D 11 -35.39 -3.11 11.13
CA UNK D 12 -34.18 -5.43 13.88
CA UNK D 13 -34.00 -9.03 12.56
CA UNK D 14 -35.37 -10.70 15.60
CA UNK D 15 -35.51 -10.01 19.21
CA UNK D 16 -37.25 -8.41 22.12
CA UNK D 17 -35.07 -5.50 23.40
CA UNK D 18 -33.38 -3.26 25.90
CA UNK D 19 -30.54 -1.00 26.96
CA UNK D 20 -29.49 -0.36 30.51
CA UNK D 21 -32.08 -1.46 33.28
CA UNK D 22 -32.78 -0.37 36.89
CA UNK D 23 -30.06 -2.15 38.94
CA UNK D 24 -30.66 -4.99 41.43
CA UNK D 25 -27.88 -6.61 43.48
CA UNK D 26 -24.70 -8.18 42.03
CA UNK D 27 -22.80 -8.74 38.77
CA UNK D 28 -19.27 -7.25 38.84
CA UNK D 29 -18.98 -5.61 42.29
CA UNK D 30 -20.79 -3.63 45.03
CA UNK D 31 -21.70 -0.07 43.82
CA UNK D 32 -18.70 0.17 41.35
CA UNK D 33 -16.38 3.25 41.30
CA UNK D 34 -17.24 7.00 41.05
CA UNK D 35 -16.96 10.07 43.32
CA UNK D 36 -14.63 13.07 44.03
CA UNK D 37 -14.90 16.89 43.87
CA UNK D 38 -12.87 20.04 42.88
CA UNK D 39 -11.70 20.41 39.22
CA UNK D 40 -14.10 17.58 38.22
CA UNK D 41 -11.78 15.16 40.03
CA UNK D 42 -11.40 11.31 40.16
CA UNK D 43 -12.50 8.08 42.14
CA UNK D 44 -11.09 5.02 44.16
CA UNK D 45 -11.22 1.13 44.18
CA UNK D 46 -11.92 -0.81 47.54
CA UNK D 47 -10.58 -4.37 48.36
CA UNK D 48 -8.58 -6.93 46.30
CA UNK D 49 -5.63 -9.26 47.18
CA UNK D 50 -3.91 -10.93 44.18
CA UNK D 51 -6.39 -9.08 41.97
CA UNK D 52 -4.17 -6.01 41.57
CA UNK D 53 -3.29 -6.98 38.00
CA UNK D 54 -6.76 -6.15 36.66
CA UNK D 55 -7.09 -3.13 38.95
CA UNK D 56 -4.79 -0.90 36.94
CA UNK D 57 -6.86 -1.96 33.94
CA UNK D 58 -9.77 0.40 34.59
CA UNK D 59 -7.96 3.69 35.15
CA UNK D 60 -8.97 5.81 32.21
CA UNK D 61 -6.25 8.25 33.40
CA UNK D 62 -3.95 6.63 35.86
CA UNK D 63 -2.43 8.39 38.96
CA UNK D 64 -1.14 7.54 42.51
CA UNK D 65 -2.57 6.76 46.02
CA UNK D 66 -1.66 4.80 49.23
CA UNK D 67 -0.35 1.32 48.19
CA UNK D 68 1.92 -1.66 47.35
CA UNK D 69 4.62 -4.31 47.39
CA UNK D 70 4.78 -5.83 50.93
CA UNK D 71 4.73 -2.20 52.04
CA UNK D 72 3.55 1.51 51.33
CA UNK D 73 0.95 4.05 52.51
CA UNK D 74 0.15 7.64 51.80
CA UNK D 75 2.34 8.12 48.73
CA UNK D 76 3.58 4.77 47.27
CA UNK D 77 7.29 4.28 46.86
CA UNK D 78 6.64 0.57 46.35
CA UNK D 79 6.17 -1.74 43.38
CA UNK D 80 3.04 -1.70 41.24
CA UNK D 81 3.98 -4.30 38.67
CA UNK D 82 2.28 -2.46 35.74
CA UNK D 83 2.15 1.23 36.64
CA UNK D 84 2.19 2.34 33.27
CA UNK D 85 4.62 5.06 34.47
CA UNK D 86 6.10 3.80 37.73
CA UNK D 87 7.59 5.79 40.64
CA UNK D 88 8.21 8.75 38.30
CA UNK D 89 7.64 8.90 34.52
CA UNK D 90 7.19 10.16 31.08
CA UNK D 91 3.76 8.81 30.01
CA UNK D 92 1.89 11.33 32.21
CA UNK D 93 5.42 12.51 33.60
CA UNK D 94 8.04 15.04 34.78
CA UNK D 95 11.51 15.25 36.23
CA UNK D 96 11.31 14.94 40.12
CA UNK D 97 8.11 16.62 41.33
CA UNK D 98 6.13 14.93 44.16
CA UNK D 99 3.11 13.66 42.00
CA UNK D 100 3.02 11.57 38.82
CA UNK D 101 1.91 11.13 35.16
CA UNK D 102 -0.36 13.82 33.98
CA UNK D 103 -0.28 15.56 30.63
CA UNK D 104 -2.45 18.67 30.84
CA UNK D 105 -4.81 17.20 33.44
CA UNK D 106 -8.15 18.89 32.81
CA UNK D 107 -9.86 15.79 34.03
CA UNK D 108 -11.99 14.33 33.49
CA UNK D 109 -11.60 10.49 33.40
CA UNK D 110 -11.17 8.46 36.65
CA UNK D 111 -8.15 8.39 39.03
CA UNK D 112 -7.47 7.70 42.75
CA UNK D 113 -7.45 4.91 45.44
CA UNK D 114 -6.57 1.53 47.04
CA UNK D 115 -4.66 -1.37 48.49
CA UNK D 116 -5.73 -3.66 51.38
CA UNK D 117 -2.28 -5.22 51.77
CA UNK D 118 0.91 -4.15 53.53
CA UNK D 119 0.59 -0.61 54.81
CA UNK D 120 -2.40 1.57 54.07
CA UNK D 121 -4.86 3.22 53.02
CA UNK D 122 -5.57 6.97 53.29
CA UNK D 123 -7.60 9.39 51.13
CA UNK D 124 -9.66 12.55 51.77
CA UNK D 125 -12.76 14.14 50.15
CA UNK E 1 -38.19 -31.90 20.01
CA UNK E 2 -37.23 -34.77 22.32
CA UNK E 3 -33.82 -35.49 23.82
CA UNK E 4 -32.00 -36.76 20.75
CA UNK E 5 -34.19 -35.26 18.04
CA UNK E 6 -33.02 -33.81 14.72
CA UNK E 7 -34.05 -30.18 14.26
CA UNK E 8 -33.81 -28.09 11.09
CA UNK E 9 -32.94 -24.37 11.15
CA UNK E 10 -34.80 -22.53 8.35
CA UNK E 11 -34.80 -19.09 10.01
CA UNK E 12 -31.68 -16.92 9.24
CA UNK E 13 -30.30 -13.79 10.94
CA UNK E 14 -27.51 -16.06 12.20
CA UNK E 15 -24.90 -18.56 11.01
CA UNK E 16 -26.28 -22.05 10.22
CA UNK E 17 -29.02 -22.80 7.74
CA UNK E 18 -30.90 -25.89 6.56
CA UNK E 19 -28.74 -28.17 8.74
CA UNK E 20 -29.54 -30.80 11.36
CA UNK E 21 -28.83 -30.73 15.10
CA UNK E 22 -28.68 -33.39 17.84
CA UNK E 23 -28.93 -33.58 21.67
CA UNK E 24 -31.29 -30.70 22.59
CA UNK E 25 -32.30 -30.18 26.24
CA UNK E 26 -34.57 -27.46 27.63
CA UNK E 27 -32.54 -26.46 30.69
CA UNK E 28 -34.77 -23.40 31.32
CA UNK E 29 -38.55 -24.37 31.39
CA UNK E 30 -40.46 -21.25 32.60
CA UNK E 31 -41.87 -18.44 30.45
CA UNK E 32 -39.18 -17.60 27.88
CA UNK E 33 -35.74 -16.83 26.81
CA UNK E 34 -33.91 -18.64 24.40
CA UNK E 35 -35.97 -21.37 24.85
CA UNK E 36 -35.56 -24.31 22.45
CA UNK E 37 -31.94 -25.42 22.86
CA UNK E 38 -30.29 -27.37 19.97
CA UNK E 39 -26.68 -28.58 19.85
CA UNK E 40 -24.40 -30.16 17.24
CA UNK E 41 -20.92 -31.68 16.76
CA UNK E 42 -19.34 -29.33 14.20
CA UNK E 43 -16.71 -26.89 15.47
CA UNK E 44 -17.17 -23.18 14.67
CA UNK E 45 -14.72 -20.28 14.33
CA UNK E 46 -15.41 -17.01 16.16
CA UNK E 47 -12.19 -15.33 17.27
CA UNK E 48 -9.07 -15.32 19.44
CA UNK E 49 -5.89 -15.96 17.41
CA UNK E 50 -7.81 -17.55 14.54
CA UNK E 51 -8.36 -20.91 16.23
CA UNK E 52 -11.75 -22.59 16.04
CA UNK E 53 -13.77 -22.40 19.25
CA UNK E 54 -17.51 -21.82 19.34
CA UNK E 55 -19.82 -24.84 19.49
CA UNK E 56 -22.84 -23.05 20.92
CA UNK E 57 -26.56 -23.70 21.20
CA UNK E 58 -29.26 -22.44 18.89
CA UNK E 59 -32.61 -21.15 20.14
CA UNK E 60 -35.72 -21.72 18.04
CA UNK E 61 -38.70 -22.98 19.99
CA UNK E 62 -40.62 -19.97 18.71
CA UNK E 63 -39.91 -20.53 15.02
CA UNK E 64 -37.81 -23.01 13.46
CA UNK E 65 -37.90 -26.71 14.21
CA UNK E 66 -38.82 -29.64 12.11
CA UNK E 67 -38.48 -32.91 13.43
CA UNK E 68 -37.20 -34.81 10.74
CA UNK E 69 -37.36 -38.16 11.58
CA UNK E 70 -38.23 -37.22 15.25
CA UNK E 71 -40.56 -34.19 15.01
CA UNK E 72 -41.93 -32.07 17.89
CA UNK E 73 -44.06 -33.08 20.85
CA UNK E 74 -47.17 -30.84 20.90
CA UNK E 75 -50.14 -30.83 18.51
CA UNK F 1 9.45 -20.86 -44.77
CA UNK F 2 12.06 -18.10 -44.79
CA UNK F 3 15.16 -18.76 -42.67
CA UNK F 4 17.58 -21.47 -43.76
CA UNK F 5 19.30 -21.63 -40.37
CA UNK F 6 19.12 -24.73 -38.18
CA UNK F 7 17.43 -24.52 -34.75
CA UNK F 8 18.58 -25.76 -31.34
CA UNK F 9 18.27 -29.41 -30.32
CA UNK F 10 17.63 -31.23 -27.05
CA UNK F 11 19.32 -34.54 -26.14
CA UNK F 12 21.01 -35.64 -29.40
CA UNK F 13 18.83 -34.14 -32.14
CA UNK F 14 19.12 -32.30 -35.49
CA UNK F 15 16.03 -30.03 -35.32
CA UNK F 16 12.57 -31.44 -36.04
CA UNK F 17 10.34 -30.15 -38.84
CA UNK F 18 6.74 -28.93 -38.79
CA UNK F 19 3.99 -27.98 -41.26
CA UNK F 20 2.19 -24.69 -41.86
CA UNK F 21 -1.55 -23.86 -41.95
CA UNK F 22 -3.26 -22.00 -44.81
CA UNK F 23 -4.39 -18.36 -44.79
CA UNK F 24 -6.15 -15.78 -42.61
CA UNK F 25 -8.52 -14.31 -45.20
CA UNK F 26 -11.79 -15.15 -47.05
CA UNK F 27 -13.25 -11.62 -47.26
CA UNK F 28 -15.19 -9.42 -49.70
CA UNK F 29 -16.64 -10.78 -52.97
CA UNK F 30 -20.02 -11.65 -51.45
CA UNK F 31 -20.27 -14.36 -48.76
CA UNK F 32 -17.68 -16.78 -47.37
CA UNK F 33 -17.08 -18.78 -44.15
CA UNK F 34 -14.67 -18.05 -41.27
CA UNK F 35 -13.73 -20.44 -38.43
CA UNK F 36 -10.75 -21.62 -36.33
CA UNK F 37 -11.35 -25.15 -35.03
CA UNK F 38 -10.66 -27.10 -38.23
CA UNK F 39 -7.63 -29.29 -37.52
CA UNK F 40 -6.05 -27.40 -34.62
CA UNK F 41 -4.95 -28.68 -31.19
CA UNK F 42 -7.28 -31.55 -30.29
CA UNK F 43 -4.77 -33.47 -28.15
CA UNK F 44 -4.59 -30.52 -25.74
CA UNK F 45 -8.37 -30.49 -25.40
CA UNK F 46 -8.32 -34.24 -24.81
CA UNK F 47 -5.65 -33.79 -22.12
CA UNK F 48 -7.94 -31.32 -20.35
CA UNK F 49 -10.92 -33.64 -20.58
CA UNK F 50 -9.08 -36.68 -19.20
CA UNK F 51 -7.41 -34.73 -16.40
CA UNK F 52 -10.58 -32.88 -15.31
CA UNK F 53 -12.88 -35.94 -15.07
CA UNK F 54 -10.53 -38.02 -12.90
CA UNK F 55 -9.46 -35.01 -10.79
CA UNK F 56 -13.00 -34.07 -9.72
CA UNK F 57 -14.02 -37.70 -9.16
CA UNK F 58 -10.99 -38.48 -6.99
CA UNK F 59 -11.90 -35.68 -4.61
CA UNK F 60 -15.56 -36.70 -4.64
CA UNK F 61 -14.63 -40.25 -3.66
CA UNK F 62 -12.61 -38.84 -0.76
CA UNK F 63 -15.50 -36.66 0.41
CA UNK F 64 -18.01 -39.52 0.59
CA UNK F 65 -15.69 -41.84 2.54
CA UNK F 66 -14.98 -39.20 5.22
CA UNK F 67 -18.65 -38.41 5.99
CA UNK F 68 -19.33 -42.04 6.90
CA UNK F 69 -16.17 -42.34 9.01
CA UNK F 70 -14.09 -39.48 10.49
CA UNK F 71 -11.89 -36.45 9.73
CA UNK F 72 -8.15 -36.05 9.00
CA UNK F 73 -5.57 -37.96 6.90
CA UNK F 74 -1.87 -37.81 5.87
CA UNK F 75 -0.98 -34.54 4.07
CA UNK F 76 2.78 -34.16 4.60
CA UNK F 77 4.34 -37.58 4.03
CA UNK F 78 2.08 -38.35 1.06
CA UNK F 79 2.49 -34.86 -0.36
CA UNK F 80 6.26 -35.33 -0.81
CA UNK F 81 5.96 -38.69 -2.57
CA UNK F 82 3.23 -37.36 -4.88
CA UNK F 83 5.22 -34.25 -5.89
CA UNK F 84 8.35 -36.15 -6.97
CA UNK F 85 6.41 -38.82 -8.88
CA UNK F 86 4.26 -36.42 -10.90
CA UNK F 87 7.30 -34.40 -12.01
CA UNK F 88 9.09 -37.58 -13.03
CA UNK F 89 6.14 -38.48 -15.26
CA UNK F 90 6.20 -35.23 -17.28
CA UNK F 91 10.01 -35.02 -17.48
CA UNK F 92 10.40 -38.52 -18.94
CA UNK F 93 7.67 -37.76 -21.49
CA UNK F 94 9.33 -34.65 -22.93
CA UNK F 95 12.79 -36.27 -23.00
CA UNK F 96 11.37 -39.23 -24.93
CA UNK F 97 10.34 -37.15 -27.95
CA UNK F 98 8.66 -33.83 -27.08
CA UNK F 99 11.72 -31.59 -27.48
CA UNK F 100 -20.90 -17.32 -42.81
CA UNK F 101 -19.33 -19.93 -40.50
CA UNK F 102 -19.93 -17.76 -37.43
CA UNK F 103 -23.47 -16.89 -38.63
CA UNK F 104 -24.26 -20.61 -38.92
CA UNK F 105 -23.41 -21.01 -35.22
CA UNK F 106 -25.52 -17.97 -34.26
CA UNK F 107 -28.68 -19.93 -35.13
CA UNK F 108 -27.84 -22.20 -32.19
CA UNK F 109 -27.53 -19.20 -29.87
CA UNK F 110 -30.81 -17.88 -31.27
CA UNK F 111 -32.69 -21.13 -30.56
CA UNK F 112 -31.42 -21.42 -26.98
CA UNK F 113 -32.71 -17.90 -26.31
CA UNK F 114 -36.29 -18.75 -27.28
CA UNK F 115 -36.28 -22.18 -25.57
CA UNK F 116 -35.08 -21.20 -22.06
CA UNK F 117 -37.60 -18.33 -21.98
CA UNK F 118 -40.52 -20.76 -21.62
CA UNK F 119 -39.25 -22.24 -18.32
CA UNK F 120 -38.55 -18.87 -16.66
CA UNK F 121 -42.00 -17.49 -17.58
CA UNK F 122 -29.39 -12.71 3.06
CA UNK F 123 -27.68 -15.87 2.86
CA UNK F 124 -27.24 -19.87 3.52
CA UNK F 125 -27.11 -23.61 2.35
CA UNK F 126 -29.41 -26.56 1.81
CA UNK F 127 -31.55 -25.36 -1.14
CA UNK F 128 -31.25 -28.45 -3.06
CA UNK F 129 -28.58 -30.99 -2.91
CA UNK F 130 -26.60 -31.85 -5.94
CA UNK F 131 -25.06 -35.19 -6.79
CA UNK F 132 -24.31 -38.30 -9.07
CA UNK F 133 -26.12 -40.87 -11.28
CA UNK F 134 -25.74 -40.06 -15.01
CA UNK F 135 -23.07 -37.39 -14.54
CA UNK F 136 -20.47 -39.50 -12.70
CA UNK F 137 -20.81 -42.48 -15.07
CA UNK F 138 -19.85 -40.41 -18.12
CA UNK F 139 -16.49 -39.15 -16.67
CA UNK F 140 -15.66 -42.76 -15.65
CA UNK F 141 -11.99 -43.36 -14.72
CA UNK F 142 -12.40 -42.47 -11.04
CA UNK F 143 -13.20 -45.97 -9.78
CA UNK F 144 -9.50 -46.88 -9.94
CA UNK F 145 -8.53 -43.73 -8.04
CA UNK F 146 -11.22 -44.13 -5.37
CA UNK F 147 -10.07 -47.64 -4.54
CA UNK F 148 -6.37 -46.76 -4.29
CA UNK F 149 -7.07 -43.78 -2.03
CA UNK F 150 -9.25 -45.44 0.64
CA UNK F 151 -7.09 -48.49 1.36
CA UNK F 152 -4.08 -46.20 1.81
CA UNK F 153 -5.64 -44.46 4.84
CA UNK G 1 -17.67 22.87 11.87
CA UNK G 2 -18.12 25.78 14.32
CA UNK G 3 -18.66 24.12 17.71
CA UNK G 4 -16.39 26.34 19.84
CA UNK G 5 -15.53 28.88 17.10
CA UNK G 6 -11.72 28.43 17.41
CA UNK G 7 -11.30 25.91 14.52
CA UNK G 8 -13.42 27.60 11.82
CA UNK G 9 -12.20 31.15 12.55
CA UNK G 10 -8.49 30.25 12.34
CA UNK G 11 -9.06 28.26 9.15
CA UNK G 12 -10.80 31.06 7.28
CA UNK G 13 -7.96 33.40 8.32
CA UNK G 14 -5.16 31.27 6.86
CA UNK G 15 -7.09 30.48 3.66
CA UNK G 16 -7.52 34.19 2.97
CA UNK G 17 -3.79 34.82 3.37
CA UNK G 18 -2.76 31.85 1.23
CA UNK G 19 -5.14 32.54 -1.70
CA UNK G 20 -4.02 36.17 -1.83
CA UNK G 21 -0.25 35.59 -1.62
CA UNK G 22 -0.37 32.83 -4.24
CA UNK G 23 -2.47 35.08 -6.49
CA UNK G 24 0.04 37.89 -6.07
CA UNK G 25 2.89 35.67 -7.26
CA UNK G 26 1.18 34.78 -10.56
CA UNK G 27 -0.09 38.33 -11.24
CA UNK G 28 3.32 40.04 -10.81
CA UNK G 29 5.32 38.15 -13.49
CA UNK G 30 2.39 38.18 -15.94
CA UNK G 31 2.68 41.94 -16.48
CA UNK G 32 1.72 43.52 -19.81
CA UNK G 33 0.06 41.36 -22.49
CA UNK G 34 2.66 41.88 -25.23
CA UNK G 35 4.67 38.98 -26.70
CA UNK G 36 6.95 38.01 -23.84
CA UNK G 37 8.57 39.24 -20.63
CA UNK G 38 10.79 36.24 -19.74
CA UNK G 39 4.35 22.76 -37.75
CA UNK G 40 1.59 21.68 -40.13
CA UNK G 41 -1.10 24.28 -40.87
CA UNK G 42 -0.75 27.90 -39.74
CA UNK G 43 -3.28 29.41 -37.31
CA UNK G 44 -4.34 33.06 -37.74
CA UNK G 45 -3.03 36.62 -37.53
CA UNK G 46 -3.72 39.65 -35.34
CA UNK G 47 -2.84 39.51 -31.64
CA UNK G 48 -5.44 42.01 -30.34
CA UNK G 49 -3.89 41.58 -26.86
CA UNK G 50 -3.41 45.35 -26.53
CA UNK G 51 -6.50 46.60 -24.70
CA UNK G 52 -9.19 44.07 -25.62
CA UNK G 53 -7.71 41.45 -23.29
CA UNK G 54 -7.40 43.57 -20.14
CA UNK G 55 -10.87 45.01 -20.67
CA UNK G 56 -12.56 41.67 -21.34
CA UNK G 57 -10.86 40.14 -18.31
CA UNK G 58 -11.81 42.83 -15.77
CA UNK G 59 -15.43 43.36 -16.88
CA UNK G 60 -16.33 39.67 -16.92
CA UNK G 61 -14.35 39.30 -13.68
CA UNK G 62 -16.98 41.29 -11.76
CA UNK G 63 -19.92 39.19 -12.96
CA UNK G 64 -17.86 36.07 -12.49
CA UNK G 65 -16.79 36.83 -8.91
CA UNK G 66 -20.19 38.14 -7.80
CA UNK G 67 -21.95 35.04 -9.17
CA UNK G 68 -19.40 32.85 -7.37
CA UNK G 69 -19.80 34.49 -3.95
CA UNK G 70 -23.60 34.75 -4.22
CA UNK G 71 -23.84 31.01 -4.85
CA UNK G 72 -21.38 30.35 -2.02
CA UNK G 73 -23.65 32.31 0.32
CA UNK G 74 -26.92 30.76 -0.87
CA UNK G 75 -25.70 27.16 -0.79
CA UNK G 76 -24.26 27.48 2.75
CA UNK G 77 -27.78 28.34 3.93
CA UNK G 78 -29.61 25.92 1.64
CA UNK H 1 18.67 22.37 37.54
CA UNK H 2 19.34 25.90 38.80
CA UNK H 3 21.04 26.97 35.58
CA UNK H 4 17.90 26.02 33.65
CA UNK H 5 15.61 27.99 35.98
CA UNK H 6 17.75 31.13 35.95
CA UNK H 7 18.07 31.16 32.16
CA UNK H 8 14.41 30.46 31.45
CA UNK H 9 13.09 33.04 33.94
CA UNK H 10 14.80 36.02 32.30
CA UNK H 11 13.63 35.69 28.67
CA UNK H 12 10.00 34.61 29.19
CA UNK H 13 8.76 36.42 32.31
CA UNK H 14 10.12 39.96 32.69
CA UNK H 15 7.00 42.17 32.64
CA UNK H 16 5.17 41.44 29.40
CA UNK H 17 2.43 43.70 27.98
CA UNK H 18 5.00 44.78 25.40
CA UNK H 19 8.33 45.10 27.20
CA UNK H 20 8.87 41.34 26.91
CA UNK H 21 7.87 41.22 23.23
CA UNK H 22 10.43 43.91 22.28
CA UNK H 23 13.38 41.95 23.72
CA UNK H 24 12.38 38.60 22.21
CA UNK H 25 11.93 39.87 18.66
CA UNK H 26 15.30 41.61 18.41
CA UNK H 27 17.31 38.41 18.95
CA UNK H 28 15.00 36.12 16.98
CA UNK H 29 14.81 38.20 13.76
CA UNK H 30 18.44 39.29 13.29
CA UNK H 31 19.49 35.62 13.36
CA UNK H 32 17.09 34.64 10.56
CA UNK H 33 18.07 37.56 8.33
CA UNK H 34 21.73 36.47 8.18
CA UNK H 35 20.79 32.95 7.07
CA UNK H 36 19.47 34.15 3.72
CA UNK H 37 22.61 36.14 2.77
CA UNK H 38 24.80 33.06 2.33
CA UNK H 39 22.00 30.79 0.99
CA UNK H 40 20.40 32.76 -1.91
CA UNK H 41 37.81 64.78 9.88
CA UNK H 42 39.01 61.17 9.82
CA UNK H 43 41.23 58.92 11.91
CA UNK H 44 41.57 55.53 10.22
CA UNK H 45 40.24 52.51 12.11
CA UNK H 46 36.49 53.05 12.37
CA UNK H 47 34.34 51.07 9.94
CA UNK H 48 32.45 52.43 6.91
CA UNK H 49 30.02 49.51 6.41
CA UNK H 50 27.41 51.92 4.98
CA UNK H 51 24.69 50.12 2.98
CA UNK H 52 25.26 47.10 5.26
CA UNK H 53 24.64 49.07 8.48
CA UNK H 54 21.48 50.76 7.22
CA UNK H 55 20.08 47.51 5.76
CA UNK H 56 20.45 45.73 9.11
CA UNK H 57 19.01 48.65 11.09
CA UNK H 58 15.98 48.78 8.79
CA UNK H 59 15.45 45.06 9.46
CA UNK H 60 15.21 45.44 13.24
CA UNK H 61 13.02 48.53 12.81
CA UNK H 62 10.35 46.60 10.85
CA UNK H 63 9.97 44.10 13.70
CA UNK H 64 9.54 46.79 16.40
CA UNK H 65 6.21 47.87 14.90
CA UNK H 66 5.05 44.30 14.37
CA UNK H 67 5.96 43.24 17.91
CA UNK H 68 4.37 46.38 19.40
CA UNK H 69 1.10 45.81 17.54
CA UNK H 70 0.82 42.25 18.84
CA UNK H 71 1.41 43.66 22.33
CA UNK H 72 -1.88 45.55 22.20
CA UNK H 73 -3.62 42.35 21.11
CA UNK H 74 -1.97 40.33 23.89
CA UNK H 75 -3.19 42.82 26.54
CA UNK H 76 -6.66 43.29 25.05
CA UNK H 77 -8.09 39.90 24.18
CA UNK H 78 -7.03 38.31 27.46
CA UNK H 79 -3.48 37.27 28.43
CA UNK H 80 -1.56 39.40 30.97
CA UNK H 81 -2.36 36.96 33.82
CA UNK H 82 -5.53 38.70 35.05
CA UNK H 83 -7.52 37.05 32.21
CA UNK H 84 21.78 35.42 -9.59
CA UNK H 85 24.58 34.32 -7.27
CA UNK H 86 26.35 37.39 -5.87
CA UNK H 87 24.93 40.42 -7.67
CA UNK H 88 24.17 42.71 -4.69
CA UNK H 89 22.95 39.97 -2.31
CA UNK H 90 23.55 41.76 1.04
CA UNK H 91 20.83 44.38 0.48
CA UNK H 92 18.71 41.73 -1.20
CA UNK H 93 18.74 39.43 1.84
CA UNK H 94 16.94 42.07 3.92
CA UNK H 95 14.30 42.53 1.22
CA UNK H 96 13.67 38.80 1.16
CA UNK H 97 13.77 38.21 4.92
CA UNK H 98 11.66 41.23 5.90
CA UNK H 99 8.78 39.43 4.21
CA UNK H 100 9.27 36.15 6.10
CA UNK H 101 9.55 38.09 9.35
CA UNK H 102 6.19 39.71 8.64
CA UNK H 103 4.64 36.33 7.80
CA UNK H 104 5.68 34.69 11.06
CA UNK H 105 4.52 37.62 13.17
CA UNK H 106 1.13 38.01 11.44
CA UNK H 107 0.68 34.27 11.90
CA UNK H 108 1.41 34.56 15.63
CA UNK H 109 -1.27 37.13 16.43
CA UNK H 110 -4.11 35.51 14.46
CA UNK H 111 -3.55 31.94 15.61
CA UNK H 112 -2.83 32.52 19.30
CA UNK H 113 -5.62 35.09 19.82
CA UNK H 114 -8.28 32.89 18.19
CA UNK H 115 -7.40 29.89 20.39
CA UNK H 116 -7.21 31.63 23.79
CA UNK H 117 -10.38 33.75 23.68
CA UNK H 118 -12.88 31.22 22.26
CA UNK H 119 -11.90 28.10 24.24
CA UNK H 120 -12.35 29.65 27.71
MG CLA I . 12.06 -2.12 -10.89
CHA CLA I . 9.26 -2.64 -9.11
CHB CLA I . 10.22 -0.85 -13.46
CHC CLA I . 14.88 -1.59 -12.68
CHD CLA I . 13.94 -3.41 -8.29
NA CLA I . 10.16 -1.81 -11.22
C1A CLA I . 9.12 -2.09 -10.38
C2A CLA I . 7.86 -1.72 -10.97
C3A CLA I . 8.13 -1.21 -12.19
C4A CLA I . 9.56 -1.27 -12.34
NB CLA I . 12.45 -1.38 -12.68
C1B CLA I . 11.58 -0.89 -13.63
C2B CLA I . 12.26 -0.45 -14.81
C3B CLA I . 13.57 -0.65 -14.60
C4B CLA I . 13.68 -1.23 -13.28
NC CLA I . 13.97 -2.43 -10.56
C1C CLA I . 15.02 -2.15 -11.41
C2C CLA I . 16.27 -2.53 -10.80
C3C CLA I . 16.00 -3.03 -9.58
C4C CLA I . 14.59 -2.98 -9.42
ND CLA I . 11.68 -2.87 -9.09
C1D CLA I . 12.58 -3.36 -8.12
C2D CLA I . 11.89 -3.81 -6.94
C3D CLA I . 10.58 -3.60 -7.17
C4D CLA I . 10.45 -3.01 -8.50
MG CLA J . 8.41 7.55 7.02
CHA CLA J . 7.28 6.13 4.13
CHB CLA J . 7.09 5.01 8.79
CHC CLA J . 9.56 8.99 9.91
CHD CLA J . 9.75 10.14 5.23
NA CLA J . 7.40 5.93 6.56
C1A CLA J . 7.00 5.47 5.31
C2A CLA J . 6.27 4.23 5.40
C3A CLA J . 6.21 3.91 6.70
C4A CLA J . 6.92 4.97 7.42
NB CLA J . 8.33 7.09 8.93
C1B CLA J . 7.74 5.99 9.50
C2B CLA J . 7.89 6.00 10.94
C3B CLA J . 8.59 7.12 11.28
C4B CLA J . 8.86 7.80 10.02
NC CLA J . 9.43 9.21 7.47
C1C CLA J . 9.83 9.66 8.72
C2C CLA J . 10.56 10.92 8.61
C3C CLA J . 10.62 11.24 7.31
C4C CLA J . 9.91 10.17 6.60
ND CLA J . 8.49 8.03 5.10
C1D CLA J . 9.09 9.14 4.52
C2D CLA J . 8.93 9.12 3.08
C3D CLA J . 8.24 8.00 2.78
C4D CLA J . 7.96 7.32 4.02
MG CLA K . -4.59 -10.63 -7.14
CHA CLA K . -5.82 -8.65 -4.64
CHB CLA K . -1.65 -8.91 -7.01
CHC CLA K . -3.34 -12.59 -9.64
CHD CLA K . -7.57 -12.37 -7.27
NA CLA K . -3.89 -9.10 -6.06
C1A CLA K . -4.52 -8.40 -5.07
C2A CLA K . -3.69 -7.35 -4.51
C3A CLA K . -2.52 -7.42 -5.16
C4A CLA K . -2.66 -8.50 -6.13
NB CLA K . -2.87 -10.73 -8.12
C1B CLA K . -1.75 -9.95 -7.94
C2B CLA K . -0.68 -10.33 -8.85
C3B CLA K . -1.16 -11.35 -9.59
C4B CLA K . -2.51 -11.60 -9.13
NC CLA K . -5.29 -12.16 -8.22
C1C CLA K . -4.65 -12.86 -9.23
C2C CLA K . -5.50 -13.91 -9.78
C3C CLA K . -6.69 -13.84 -9.12
C4C CLA K . -6.56 -12.76 -8.15
ND CLA K . -6.31 -10.53 -6.17
C1D CLA K . -7.46 -11.32 -6.33
C2D CLA K . -8.51 -10.93 -5.41
C3D CLA K . -8.02 -9.90 -4.69
C4D CLA K . -6.67 -9.64 -5.15
C1 PQN L . -8.14 -12.59 -0.85
C7 PQN L . -5.26 -11.66 3.04
FE1 SF4 M . -9.63 -3.42 12.91
FE2 SF4 M . -7.64 -4.68 14.35
FE3 SF4 M . -7.12 -2.73 12.68
FE4 SF4 M . -7.98 -5.04 11.61
S1 SF4 M . -6.08 -4.63 12.80
S2 SF4 M . -8.56 -2.98 11.05
S3 SF4 M . -9.36 -5.56 13.22
S4 SF4 M . -8.35 -2.64 14.52
MG CLA N . 3.49 -18.62 -0.29
CHA CLA N . 1.64 -19.46 2.42
CHB CLA N . 6.14 -17.98 1.72
CHC CLA N . 5.33 -17.80 -3.01
CHD CLA N . 0.84 -19.29 -2.30
NA CLA N . 3.82 -18.70 1.64
C1A CLA N . 2.93 -19.07 2.64
C2A CLA N . 3.53 -19.00 3.94
C3A CLA N . 4.81 -18.58 3.75
C4A CLA N . 4.98 -18.40 2.32
NB CLA N . 5.33 -18.01 -0.58
C1B CLA N . 6.30 -17.80 0.36
C2B CLA N . 7.53 -17.35 -0.25
C3B CLA N . 7.29 -17.30 -1.59
C4B CLA N . 5.94 -17.71 -1.79
NC CLA N . 3.16 -18.56 -2.22
C1C CLA N . 4.04 -18.19 -3.22
C2C CLA N . 3.42 -18.26 -4.52
C3C CLA N . 2.14 -18.69 -4.31
C4C CLA N . 2.00 -18.86 -2.90
ND CLA N . 1.66 -19.24 -0.01
C1D CLA N . 0.67 -19.47 -0.95
C2D CLA N . -0.56 -19.90 -0.36
C3D CLA N . -0.33 -19.96 0.99
C4D CLA N . 1.03 -19.55 1.19
MG CLA O . 16.97 24.71 -1.12
CHA CLA O . 17.77 27.72 -2.39
CHB CLA O . 19.39 25.06 1.20
CHC CLA O . 16.19 21.68 0.17
CHD CLA O . 14.55 24.36 -3.44
NA CLA O . 18.28 26.08 -0.69
C1A CLA O . 18.49 27.27 -1.33
C2A CLA O . 19.55 28.01 -0.72
C3A CLA O . 20.01 27.26 0.31
C4A CLA O . 19.23 26.07 0.31
NB CLA O . 17.64 23.61 0.35
C1B CLA O . 18.66 23.91 1.23
C2B CLA O . 18.87 22.85 2.20
C3B CLA O . 17.95 21.90 1.90
C4B CLA O . 17.20 22.37 0.76
NC CLA O . 15.66 23.33 -1.55
C1C CLA O . 15.46 22.12 -0.91
C2C CLA O . 14.38 21.37 -1.51
C3C CLA O . 13.92 22.13 -2.54
C4C CLA O . 14.71 23.33 -2.55
ND CLA O . 16.32 25.79 -2.60
C1D CLA O . 15.30 25.51 -3.47
C2D CLA O . 15.10 26.57 -4.42
C3D CLA O . 16.03 27.53 -4.12
C4D CLA O . 16.76 27.04 -2.99
MG CLA P . 32.88 4.57 3.80
CHA CLA P . 33.15 2.28 1.30
CHB CLA P . 36.15 4.15 4.57
CHC CLA P . 32.60 6.84 6.29
CHD CLA P . 29.60 4.99 3.04
NA CLA P . 34.32 3.46 3.10
C1A CLA P . 34.27 2.55 2.05
C2A CLA P . 35.54 1.94 1.84
C3A CLA P . 36.40 2.46 2.76
C4A CLA P . 35.64 3.40 3.53
NB CLA P . 34.10 5.32 5.14
C1B CLA P . 35.44 5.05 5.34
C2B CLA P . 36.01 5.81 6.42
C3B CLA P . 35.01 6.57 6.90
C4B CLA P . 33.84 6.26 6.10
NC CLA P . 31.43 5.67 4.50
C1C CLA P . 31.47 6.56 5.55
C2C CLA P . 30.19 7.19 5.76
C3C CLA P . 29.34 6.67 4.85
C4C CLA P . 30.11 5.73 4.07
ND CLA P . 31.65 3.80 2.47
C1D CLA P . 30.32 4.09 2.28
C2D CLA P . 29.75 3.32 1.19
C3D CLA P . 30.77 2.55 0.70
C4D CLA P . 31.93 2.86 1.50
MG CLA Q . 25.33 0.12 13.49
CHA CLA Q . 23.14 -1.65 11.62
CHB CLA Q . 23.04 0.28 16.01
CHC CLA Q . 27.51 1.90 15.36
CHD CLA Q . 27.62 -0.03 10.97
NA CLA Q . 23.50 -0.53 13.77
C1A CLA Q . 22.72 -1.26 12.89
C2A CLA Q . 21.42 -1.55 13.46
C3A CLA Q . 21.41 -1.00 14.72
C4A CLA Q . 22.68 -0.37 14.89
NB CLA Q . 25.28 0.92 15.29
C1B CLA Q . 24.24 0.89 16.20
C2B CLA Q . 24.59 1.58 17.41
C3B CLA Q . 25.85 2.04 17.23
C4B CLA Q . 26.28 1.62 15.92
NC CLA Q . 27.15 0.79 13.23
C1C CLA Q . 27.92 1.52 14.11
C2C CLA Q . 29.21 1.81 13.55
C3C CLA Q . 29.23 1.26 12.30
C4C CLA Q . 27.97 0.64 12.11
ND CLA Q . 25.37 -0.66 11.69
C1D CLA Q . 26.40 -0.64 10.77
C2D CLA Q . 26.05 -1.33 9.57
C3D CLA Q . 24.79 -1.78 9.75
C4D CLA Q . 24.38 -1.37 11.06
MG CLA R . 30.01 -16.89 4.65
CHA CLA R . 32.04 -18.46 2.44
CHB CLA R . 27.31 -18.37 3.21
CHC CLA R . 27.99 -15.34 6.86
CHD CLA R . 32.71 -15.40 6.10
NA CLA R . 29.74 -18.14 3.16
C1A CLA R . 30.70 -18.70 2.33
C2A CLA R . 30.11 -19.57 1.35
C3A CLA R . 28.76 -19.54 1.57
C4A CLA R . 28.55 -18.66 2.68
NB CLA R . 28.08 -16.85 4.98
C1B CLA R . 27.08 -17.52 4.29
C2B CLA R . 25.77 -17.25 4.82
C3B CLA R . 25.98 -16.39 5.86
C4B CLA R . 27.39 -16.15 5.94
NC CLA R . 30.28 -15.64 6.16
C1C CLA R . 29.33 -15.09 6.98
C2C CLA R . 29.91 -14.21 7.97
C3C CLA R . 31.24 -14.23 7.76
C4C CLA R . 31.46 -15.11 6.63
ND CLA R . 31.94 -16.92 4.33
C1D CLA R . 32.93 -16.25 5.03
C2D CLA R . 34.23 -16.53 4.49
C3D CLA R . 34.04 -17.39 3.45
C4D CLA R . 32.63 -17.63 3.37
MG CLA S . 27.57 14.02 10.43
CHA CLA S . 29.66 11.52 11.32
CHB CLA S . 25.76 11.86 8.57
CHC CLA S . 25.48 16.54 9.52
CHD CLA S . 29.38 16.20 12.28
NA CLA S . 27.68 12.12 10.03
C1A CLA S . 28.62 11.22 10.49
C2A CLA S . 28.37 9.91 9.98
C3A CLA S . 27.26 10.00 9.20
C4A CLA S . 26.85 11.37 9.24
NB CLA S . 25.97 14.17 9.29
C1B CLA S . 25.34 13.17 8.58
C2B CLA S . 24.18 13.67 7.87
C3B CLA S . 24.11 15.00 8.14
C4B CLA S . 25.21 15.29 9.02
NC CLA S . 27.46 15.95 10.82
C1C CLA S . 26.53 16.86 10.36
C2C CLA S . 26.77 18.17 10.86
C3C CLA S . 27.88 18.08 11.65
C4C CLA S . 28.28 16.70 11.61
ND CLA S . 29.16 13.89 11.55
C1D CLA S . 29.80 14.88 12.27
C2D CLA S . 30.95 14.38 12.97
C3D CLA S . 31.02 13.06 12.69
C4D CLA S . 29.92 12.76 11.81
MG CLA T . 19.81 -21.37 9.78
CHA CLA T . 22.96 -20.63 8.77
CHB CLA T . 19.43 -23.43 7.11
CHC CLA T . 16.66 -22.12 10.78
CHD CLA T . 20.19 -19.32 12.44
NA CLA T . 20.94 -21.91 8.27
C1A CLA T . 22.24 -21.51 8.00
C2A CLA T . 22.74 -22.13 6.79
C3A CLA T . 21.74 -22.92 6.32
C4A CLA T . 20.64 -22.78 7.24
NB CLA T . 18.36 -22.51 9.09
C1B CLA T . 18.37 -23.31 7.97
C2B CLA T . 17.12 -24.01 7.80
C3B CLA T . 16.34 -23.63 8.84
C4B CLA T . 17.12 -22.71 9.63
NC CLA T . 18.67 -20.84 11.28
C1C CLA T . 17.38 -21.24 11.55
C2C CLA T . 16.88 -20.61 12.77
C3C CLA T . 17.87 -19.82 13.23
C4C CLA T . 18.98 -19.97 12.31
ND CLA T . 21.25 -20.23 10.45
C1D CLA T . 21.25 -19.44 11.57
C2D CLA T . 22.48 -18.75 11.74
C3D CLA T . 23.25 -19.12 10.71
C4D CLA T . 22.50 -20.04 9.92
MG CLA U . 18.05 23.64 9.71
CHA CLA U . 20.32 23.59 12.22
CHB CLA U . 15.89 21.89 11.67
CHC CLA U . 15.76 23.69 7.21
CHD CLA U . 20.20 25.38 7.78
NA CLA U . 18.09 22.91 11.54
C1A CLA U . 19.12 22.98 12.45
C2A CLA U . 18.78 22.31 13.68
C3A CLA U . 17.52 21.84 13.51
C4A CLA U . 17.11 22.20 12.20
NB CLA U . 16.23 22.95 9.49
C1B CLA U . 15.48 22.24 10.41
C2B CLA U . 14.19 21.90 9.87
C3B CLA U . 14.16 22.41 8.60
C4B CLA U . 15.42 23.05 8.38
NC CLA U . 18.00 24.38 7.90
C1C CLA U . 16.97 24.31 6.98
C2C CLA U . 17.32 24.98 5.75
C3C CLA U . 18.57 25.46 5.90
C4C CLA U . 18.98 25.08 7.23
ND CLA U . 19.87 24.34 9.95
C1D CLA U . 20.63 25.05 9.05
C2D CLA U . 21.92 25.38 9.58
C3D CLA U . 21.96 24.87 10.85
C4D CLA U . 20.68 24.23 11.06
MG CLA V . 22.87 8.96 17.19
CHA CLA V . 25.02 7.02 15.40
CHB CLA V . 20.93 6.25 17.77
CHC CLA V . 20.72 10.87 18.98
CHD CLA V . 24.83 11.67 16.61
NA CLA V . 22.95 7.07 16.70
C1A CLA V . 23.91 6.42 15.95
C2A CLA V . 23.62 5.02 15.80
C3A CLA V . 22.46 4.79 16.47
C4A CLA V . 22.06 6.07 17.02
NB CLA V . 21.21 8.62 18.16
C1B CLA V . 20.52 7.43 18.30
C2B CLA V . 19.33 7.58 19.08
C3B CLA V . 19.27 8.90 19.42
C4B CLA V . 20.43 9.53 18.85
NC CLA V . 22.79 10.86 17.69
C1C CLA V . 21.82 11.49 18.44
C2C CLA V . 22.11 12.89 18.60
C3C CLA V . 23.26 13.12 17.93
C4C CLA V . 23.68 11.85 17.37
ND CLA V . 24.55 9.28 16.22
C1D CLA V . 25.25 10.46 16.07
C2D CLA V . 26.44 10.28 15.28
C3D CLA V . 26.49 8.96 14.93
C4D CLA V . 25.33 8.36 15.52
MG CLA W . 11.85 -16.17 16.58
CHA CLA W . 10.45 -13.15 16.26
CHB CLA W . 8.98 -17.50 17.62
CHC CLA W . 13.37 -19.16 16.87
CHD CLA W . 14.82 -14.80 15.50
NA CLA W . 10.06 -15.45 16.88
C1A CLA W . 9.59 -14.14 16.70
C2A CLA W . 8.10 -13.94 17.04
C3A CLA W . 7.65 -15.34 17.48
C4A CLA W . 8.95 -16.16 17.33
NB CLA W . 11.31 -17.94 17.12
C1B CLA W . 10.05 -18.35 17.53
C2B CLA W . 10.01 -19.77 17.88
C3B CLA W . 11.25 -20.26 17.66
C4B CLA W . 12.04 -19.12 17.19
NC CLA W . 13.64 -16.82 16.26
C1C CLA W . 14.12 -18.10 16.43
C2C CLA W . 15.52 -18.24 16.11
C3C CLA W . 15.93 -17.00 15.72
C4C CLA W . 14.78 -16.14 15.83
ND CLA W . 12.51 -14.47 16.02
C1D CLA W . 13.74 -13.99 15.61
C2D CLA W . 13.70 -12.55 15.28
C3D CLA W . 12.42 -12.16 15.53
C4D CLA W . 11.74 -13.33 15.96
MG CLA X . -9.62 -27.85 0.32
CHA CLA X . -9.63 -31.16 -0.37
CHB CLA X . -6.51 -28.15 1.65
CHC CLA X . -9.58 -24.54 1.03
CHD CLA X . -12.71 -27.55 -1.00
NA CLA X . -8.35 -29.32 0.59
C1A CLA X . -8.51 -30.66 0.25
C2A CLA X . -7.35 -31.44 0.61
C3A CLA X . -6.46 -30.57 1.18
C4A CLA X . -7.09 -29.28 1.17
NB CLA X . -8.34 -26.62 1.15
C1B CLA X . -7.09 -26.91 1.65
C2B CLA X . -6.46 -25.74 2.17
C3B CLA X . -7.34 -24.71 1.99
C4B CLA X . -8.49 -25.27 1.36
NC CLA X . -10.87 -26.37 0.07
C1C CLA X . -10.70 -25.04 0.42
C2C CLA X . -11.86 -24.26 0.06
C3C CLA X . -12.75 -25.10 -0.51
C4C CLA X . -12.12 -26.40 -0.50
ND CLA X . -10.89 -29.09 -0.51
C1D CLA X . -12.15 -28.81 -1.00
C2D CLA X . -12.78 -29.98 -1.53
C3D CLA X . -11.90 -30.99 -1.35
C4D CLA X . -10.74 -30.44 -0.72
MG CLA Y . 39.40 -20.52 -1.87
CHA CLA Y . 37.23 -22.25 0.06
CHB CLA Y . 42.02 -21.91 -0.21
CHC CLA Y . 41.63 -19.28 -4.23
CHD CLA Y . 36.78 -19.60 -3.93
NA CLA Y . 39.59 -21.92 -0.39
C1A CLA Y . 38.55 -22.43 0.36
C2A CLA Y . 39.11 -23.18 1.48
C3A CLA Y . 40.46 -23.08 1.41
C4A CLA Y . 40.75 -22.26 0.21
NB CLA Y . 41.47 -20.62 -2.20
C1B CLA Y . 42.36 -21.14 -1.34
C2B CLA Y . 43.73 -20.82 -1.75
C3B CLA Y . 43.60 -20.07 -2.91
C4B CLA Y . 42.17 -19.96 -3.16
NC CLA Y . 39.29 -19.73 -3.77
C1C CLA Y . 40.29 -19.15 -4.53
C2C CLA Y . 39.69 -18.41 -5.62
C3C CLA Y . 38.29 -18.59 -5.43
C4C CLA Y . 38.13 -19.37 -4.28
ND CLA Y . 37.25 -20.92 -1.99
C1D CLA Y . 36.38 -20.35 -2.84
C2D CLA Y . 34.95 -20.53 -2.35
C3D CLA Y . 35.12 -21.32 -1.04
C4D CLA Y . 36.61 -21.52 -0.97
MG CLA Z . 19.57 -20.99 18.47
CHA CLA Z . 16.50 -22.23 19.17
CHB CLA Z . 19.47 -19.10 21.29
CHC CLA Z . 22.93 -20.18 18.12
CHD CLA Z . 19.91 -23.31 15.95
NA CLA Z . 18.25 -20.78 20.03
C1A CLA Z . 16.97 -21.30 20.06
C2A CLA Z . 16.26 -20.74 21.19
C3A CLA Z . 17.09 -19.83 21.78
C4A CLA Z . 18.36 -19.87 21.03
NB CLA Z . 20.97 -19.86 19.55
C1B CLA Z . 20.69 -19.09 20.60
C2B CLA Z . 21.85 -18.26 20.95
C3B CLA Z . 22.84 -18.59 20.05
C4B CLA Z . 22.25 -19.59 19.17
NC CLA Z . 21.16 -21.67 17.39
C1C CLA Z . 22.43 -21.13 17.25
C2C CLA Z . 23.10 -21.73 16.12
C3C CLA Z . 22.13 -22.63 15.59
C4C CLA Z . 20.99 -22.52 16.38
ND CLA Z . 18.39 -22.64 17.67
C1D CLA Z . 18.67 -23.37 16.58
C2D CLA Z . 17.45 -24.13 16.09
C3D CLA Z . 16.36 -23.71 17.09
C4D CLA Z . 17.10 -22.81 18.05
MG CLA AA . 10.65 -29.07 13.38
CHA CLA AA . 12.54 -26.98 11.49
CHB CLA AA . 13.23 -29.41 15.55
CHC CLA AA . 8.76 -31.15 15.26
CHD CLA AA . 8.07 -28.71 11.19
NA CLA AA . 12.47 -28.35 13.48
C1A CLA AA . 13.11 -27.50 12.62
C2A CLA AA . 14.46 -27.20 13.04
C3A CLA AA . 14.66 -27.89 14.20
C4A CLA AA . 13.42 -28.60 14.46
NB CLA AA . 10.93 -30.06 15.04
C1B CLA AA . 12.06 -30.10 15.84
C2B CLA AA . 11.88 -30.95 16.98
C3B CLA AA . 10.62 -31.44 16.90
C4B CLA AA . 10.04 -30.89 15.70
NC CLA AA . 8.82 -29.77 13.26
C1C CLA AA . 8.19 -30.63 14.14
C2C CLA AA . 6.86 -30.93 13.72
C3C CLA AA . 6.65 -30.25 12.57
C4C CLA AA . 7.87 -29.54 12.29
ND CLA AA . 10.38 -28.06 11.71
C1D CLA AA . 9.24 -28.02 10.91
C2D CLA AA . 9.44 -27.17 9.77
C3D CLA AA . 10.71 -26.68 9.86
C4D CLA AA . 11.27 -27.24 11.06
MG CLA BA . 39.52 -16.03 9.61
CHA CLA BA . 39.94 -19.20 8.51
CHB CLA BA . 39.96 -17.06 12.82
CHC CLA BA . 39.73 -12.73 10.70
CHD CLA BA . 39.66 -14.91 6.35
NA CLA BA . 39.98 -17.82 10.51
C1A CLA BA . 39.99 -19.04 9.86
C2A CLA BA . 40.08 -20.09 10.87
C3A CLA BA . 40.07 -19.49 12.08
C4A CLA BA . 40.00 -18.04 11.84
NB CLA BA . 39.84 -15.06 11.44
C1B CLA BA . 39.87 -15.67 12.64
C2B CLA BA . 39.86 -14.68 13.72
C3B CLA BA . 39.80 -13.45 13.10
C4B CLA BA . 39.79 -13.71 11.67
NC CLA BA . 39.79 -14.19 8.76
C1C CLA BA . 39.71 -12.93 9.33
C2C CLA BA . 39.60 -11.92 8.30
C3C CLA BA . 39.62 -12.67 7.09
C4C CLA BA . 39.70 -14.02 7.44
ND CLA BA . 39.84 -16.91 7.65
C1D CLA BA . 39.73 -16.28 6.45
C2D CLA BA . 39.60 -17.28 5.32
C3D CLA BA . 39.62 -18.65 6.03
C4D CLA BA . 39.81 -18.26 7.48
MG CLA CA . 41.10 4.85 14.15
CHA CLA CA . 39.95 3.26 16.92
CHB CLA CA . 42.13 7.46 16.06
CHC CLA CA . 42.83 6.20 11.47
CHD CLA CA . 40.59 1.97 12.33
NA CLA CA . 41.13 5.25 16.17
C1A CLA CA . 40.48 4.50 17.13
C2A CLA CA . 40.51 5.24 18.39
C3A CLA CA . 41.11 6.43 18.14
C4A CLA CA . 41.49 6.43 16.73
NB CLA CA . 42.31 6.53 13.84
C1B CLA CA . 42.51 7.52 14.72
C2B CLA CA . 43.20 8.64 14.08
C3B CLA CA . 43.41 8.27 12.77
C4B CLA CA . 42.84 6.93 12.64
NC CLA CA . 41.74 4.21 12.32
C1C CLA CA . 42.30 4.94 11.29
C2C CLA CA . 42.26 4.17 10.06
C3C CLA CA . 41.61 2.96 10.44
C4C CLA CA . 41.29 3.07 11.81
ND CLA CA . 40.42 2.81 14.56
C1D CLA CA . 40.18 1.86 13.64
C2D CLA CA . 39.34 0.73 14.22
C3D CLA CA . 39.09 1.20 15.67
C4D CLA CA . 39.86 2.50 15.75
MG CLA DA . 44.36 -7.99 11.53
CHA CLA DA . 44.07 -6.13 8.72
CHB CLA DA . 41.02 -8.60 11.47
CHC CLA DA . 44.65 -9.84 14.35
CHD CLA DA . 47.68 -7.37 11.59
NA CLA DA . 42.88 -7.48 10.35
C1A CLA DA . 42.92 -6.70 9.22
C2A CLA DA . 41.62 -6.55 8.63
C3A CLA DA . 40.76 -7.26 9.41
C4A CLA DA . 41.54 -7.83 10.47
NB CLA DA . 43.12 -9.00 12.66
C1B CLA DA . 41.75 -9.15 12.49
C2B CLA DA . 41.20 -9.97 13.53
C3B CLA DA . 42.23 -10.32 14.34
C4B CLA DA . 43.41 -9.72 13.80
NC CLA DA . 45.84 -8.49 12.71
C1C CLA DA . 45.80 -9.28 13.84
C2C CLA DA . 47.10 -9.43 14.44
C3C CLA DA . 47.96 -8.72 13.66
C4C CLA DA . 47.18 -8.15 12.59
ND CLA DA . 45.60 -6.98 10.41
C1D CLA DA . 46.95 -6.82 10.57
C2D CLA DA . 47.51 -6.00 9.53
C3D CLA DA . 46.48 -5.65 8.73
C4D CLA DA . 45.31 -6.26 9.27
MG CLA EA . 18.25 8.49 28.99
CHA CLA EA . 19.87 5.54 29.34
CHB CLA EA . 18.15 8.03 25.64
CHC CLA EA . 16.64 11.44 28.63
CHD CLA EA . 18.36 8.94 32.36
NA CLA EA . 18.87 7.10 27.75
C1A CLA EA . 19.54 5.93 28.06
C2A CLA EA . 19.83 5.16 26.87
C3A CLA EA . 19.33 5.87 25.82
C4A CLA EA . 18.76 7.06 26.38
NB CLA EA . 17.55 9.50 27.47
C1B CLA EA . 17.60 9.17 26.13
C2B CLA EA . 16.97 10.17 25.30
C3B CLA EA . 16.54 11.14 26.15
C4B CLA EA . 16.91 10.72 27.49
NC CLA EA . 17.64 9.87 30.22
C1C CLA EA . 16.99 11.05 29.91
C2C CLA EA . 16.69 11.82 31.09
C3C CLA EA . 17.18 11.11 32.14
C4C CLA EA . 17.76 9.91 31.61
ND CLA EA . 18.95 7.47 30.52
C1D CLA EA . 18.92 7.80 31.86
C2D CLA EA . 19.55 6.78 32.66
C3D CLA EA . 19.98 5.81 31.81
C4D CLA EA . 19.61 6.25 30.50
MG CLA FA . 27.30 -13.40 25.50
CHA CLA FA . 27.94 -11.99 22.48
CHB CLA FA . 27.68 -16.48 24.12
CHC CLA FA . 26.67 -14.81 28.51
CHD CLA FA . 26.92 -10.32 26.86
NA CLA FA . 27.72 -14.08 23.70
C1A CLA FA . 27.96 -13.36 22.54
C2A CLA FA . 28.23 -14.21 21.41
C3A CLA FA . 28.16 -15.48 21.88
C4A CLA FA . 27.84 -15.39 23.29
NB CLA FA . 27.20 -15.23 26.17
C1B CLA FA . 27.39 -16.41 25.46
C2B CLA FA . 27.23 -17.55 26.32
C3B CLA FA . 26.94 -17.08 27.55
C4B CLA FA . 26.93 -15.65 27.46
NC CLA FA . 26.89 -12.72 27.29
C1C CLA FA . 26.65 -13.43 28.44
C2C CLA FA . 26.38 -12.56 29.56
C3C CLA FA . 26.45 -11.30 29.09
C4C CLA FA . 26.76 -11.39 27.69
ND CLA FA . 27.41 -11.56 24.83
C1D CLA FA . 27.21 -10.38 25.53
C2D CLA FA . 27.38 -9.24 24.68
C3D CLA FA . 27.67 -9.71 23.43
C4D CLA FA . 27.68 -11.14 23.54
MG CLA GA . 25.45 -1.49 30.54
CHA CLA GA . 27.66 -4.00 31.13
CHB CLA GA . 27.87 0.78 31.22
CHC CLA GA . 23.26 0.99 29.96
CHD CLA GA . 23.04 -3.77 29.87
NA CLA GA . 27.34 -1.58 31.06
C1A CLA GA . 28.11 -2.70 31.26
C2A CLA GA . 29.46 -2.36 31.64
C3A CLA GA . 29.52 -1.00 31.66
C4A CLA GA . 28.21 -0.54 31.30
NB CLA GA . 25.55 0.45 30.59
C1B CLA GA . 26.64 1.24 30.89
C2B CLA GA . 26.33 2.63 30.81
C3B CLA GA . 25.02 2.68 30.45
C4B CLA GA . 24.54 1.34 30.32
NC CLA GA . 23.56 -1.40 30.03
C1C CLA GA . 22.78 -0.28 29.83
C2C CLA GA . 21.44 -0.62 29.45
C3C CLA GA . 21.37 -1.97 29.42
C4C CLA GA . 22.69 -2.45 29.78
ND CLA GA . 25.38 -3.45 30.51
C1D CLA GA . 24.29 -4.25 30.20
C2D CLA GA . 24.64 -5.64 30.28
C3D CLA GA . 25.95 -5.69 30.64
C4D CLA GA . 26.39 -4.34 30.78
MG CLA HA . 11.92 -35.72 19.08
CHA CLA HA . 9.00 -34.94 20.63
CHB CLA HA . 13.60 -33.73 21.24
CHC CLA HA . 14.84 -36.51 17.51
CHD CLA HA . 10.23 -37.72 16.92
NA CLA HA . 11.40 -34.59 20.59
C1A CLA HA . 10.14 -34.37 21.12
C2A CLA HA . 10.16 -33.47 22.23
C3A CLA HA . 11.47 -33.13 22.41
C4A CLA HA . 12.22 -33.81 21.40
NB CLA HA . 13.80 -35.23 19.32
C1B CLA HA . 14.35 -34.38 20.27
C2B CLA HA . 15.80 -34.27 20.13
C3B CLA HA . 16.14 -35.06 19.07
C4B CLA HA . 14.90 -35.65 18.58
NC CLA HA . 12.43 -36.86 17.56
C1C CLA HA . 13.70 -37.07 17.04
C2C CLA HA . 13.67 -37.97 15.93
C3C CLA HA . 12.36 -38.32 15.75
C4C CLA HA . 11.61 -37.63 16.76
ND CLA HA . 10.03 -36.21 18.84
C1D CLA HA . 9.49 -37.05 17.89
C2D CLA HA . 8.07 -37.17 18.04
C3D CLA HA . 7.73 -36.38 19.08
C4D CLA HA . 8.94 -35.80 19.57
MG CLA IA . 29.62 -25.54 24.08
CHA CLA IA . 27.94 -24.72 21.24
CHB CLA IA . 32.45 -25.95 22.28
CHC CLA IA . 31.33 -26.36 26.92
CHD CLA IA . 26.78 -25.13 25.91
NA CLA IA . 30.09 -25.38 22.19
C1A CLA IA . 29.27 -25.03 21.13
C2A CLA IA . 29.99 -25.02 19.88
C3A CLA IA . 31.26 -25.36 20.18
C4A CLA IA . 31.31 -25.58 21.60
NB CLA IA . 31.48 -26.05 24.49
C1B CLA IA . 32.54 -26.17 23.63
C2B CLA IA . 33.75 -26.56 24.31
C3B CLA IA . 33.43 -26.68 25.62
C4B CLA IA . 32.02 -26.36 25.73
NC CLA IA . 29.16 -25.71 25.98
C1C CLA IA . 29.99 -26.07 27.05
C2C CLA IA . 29.27 -26.08 28.29
C3C CLA IA . 27.98 -25.73 28.01
C4C CLA IA . 27.93 -25.51 26.59
ND CLA IA . 27.77 -25.04 23.67
C1D CLA IA . 26.70 -24.92 24.54
C2D CLA IA . 25.48 -24.52 23.85
C3D CLA IA . 25.81 -24.41 22.52
C4D CLA IA . 27.22 -24.73 22.42
MG CLA JA . 44.21 -29.89 8.45
CHA CLA JA . 45.77 -31.52 5.92
CHB CLA JA . 45.92 -31.77 10.69
CHC CLA JA . 42.65 -28.28 10.97
CHD CLA JA . 42.51 -28.02 6.21
NA CLA JA . 45.55 -31.32 8.32
C1A CLA JA . 46.09 -31.88 7.19
C2A CLA JA . 47.04 -32.91 7.52
C3A CLA JA . 47.08 -32.99 8.86
C4A CLA JA . 46.16 -32.00 9.36
NB CLA JA . 44.27 -30.00 10.40
C1B CLA JA . 45.04 -30.83 11.19
C2B CLA JA . 44.80 -30.60 12.60
C3B CLA JA . 43.87 -29.61 12.68
C4B CLA JA . 43.55 -29.25 11.31
NC CLA JA . 42.88 -28.46 8.57
C1C CLA JA . 42.34 -27.91 9.70
C2C CLA JA . 41.39 -26.89 9.38
C3C CLA JA . 41.34 -26.81 8.03
C4C CLA JA . 42.27 -27.79 7.54
ND CLA JA . 44.16 -29.79 6.50
C1D CLA JA . 43.39 -28.96 5.71
C2D CLA JA . 43.63 -29.18 4.31
C3D CLA JA . 44.56 -30.18 4.23
C4D CLA JA . 44.87 -30.54 5.57
MG CLA KA . 51.57 2.42 18.54
CHA CLA KA . 53.92 2.14 20.97
CHB CLA KA . 51.96 -0.87 17.76
CHC CLA KA . 49.21 2.70 16.11
CHD CLA KA . 51.17 5.69 19.30
NA CLA KA . 52.69 0.96 19.21
C1A CLA KA . 53.62 1.00 20.24
C2A CLA KA . 54.25 -0.28 20.45
C3A CLA KA . 53.69 -1.13 19.54
C4A CLA KA . 52.73 -0.36 18.78
NB CLA KA . 50.76 1.19 17.23
C1B CLA KA . 51.04 -0.15 17.04
C2B CLA KA . 50.24 -0.71 15.97
C3B CLA KA . 49.47 0.31 15.50
C4B CLA KA . 49.80 1.47 16.29
NC CLA KA . 50.44 3.86 17.85
C1C CLA KA . 49.50 3.83 16.84
C2C CLA KA . 48.89 5.11 16.63
C3C CLA KA . 49.44 5.96 17.53
C4C CLA KA . 50.39 5.19 18.29
ND CLA KA . 52.37 3.64 19.84
C1D CLA KA . 52.09 4.98 20.04
C2D CLA KA . 52.88 5.55 21.09
C3D CLA KA . 53.66 4.54 21.56
C4D CLA KA . 53.33 3.37 20.79
MG CLA LA . 27.64 -35.45 26.31
CHA CLA LA . 25.67 -32.76 25.75
CHB CLA LA . 29.46 -33.65 28.51
CHC CLA LA . 29.61 -38.17 26.88
CHD CLA LA . 25.79 -37.27 24.10
NA CLA LA . 27.58 -33.61 26.98
C1A CLA LA . 26.70 -32.61 26.64
C2A CLA LA . 26.99 -31.40 27.35
C3A CLA LA . 28.06 -31.64 28.13
C4A CLA LA . 28.42 -33.02 27.90
NB CLA LA . 29.19 -35.81 27.44
C1B CLA LA . 29.83 -34.95 28.30
C2B CLA LA . 30.93 -35.57 28.96
C3B CLA LA . 30.97 -36.86 28.50
C4B CLA LA . 29.89 -36.99 27.57
NC CLA LA . 27.69 -37.30 25.63
C1C CLA LA . 28.57 -38.31 25.97
C2C CLA LA . 28.29 -39.53 25.26
C3C CLA LA . 27.21 -39.28 24.48
C4C CLA LA . 26.84 -37.91 24.72
ND CLA LA . 26.08 -35.09 25.17
C1D CLA LA . 25.43 -35.96 24.30
C2D CLA LA . 24.32 -35.32 23.64
C3D CLA LA . 24.29 -34.04 24.11
C4D CLA LA . 25.37 -33.91 25.06
MG CLA MA . 35.91 -28.93 30.91
CHA CLA MA . 34.00 -27.67 33.41
CHB CLA MA . 33.21 -30.51 29.61
CHC CLA MA . 37.82 -30.17 28.42
CHD CLA MA . 38.59 -27.33 32.22
NA CLA MA . 34.02 -29.06 31.40
C1A CLA MA . 33.38 -28.47 32.47
C2A CLA MA . 31.99 -28.81 32.50
C3A CLA MA . 31.77 -29.62 31.41
C4A CLA MA . 33.03 -29.77 30.75
NB CLA MA . 35.58 -30.08 29.36
C1B CLA MA . 34.39 -30.67 28.95
C2B CLA MA . 34.55 -31.46 27.76
C3B CLA MA . 35.87 -31.36 27.42
C4B CLA MA . 36.49 -30.52 28.41
NC CLA MA . 37.79 -28.78 30.43
C1C CLA MA . 38.43 -29.36 29.36
C2C CLA MA . 39.83 -29.01 29.34
C3C CLA MA . 40.04 -28.21 30.43
C4C CLA MA . 38.77 -28.07 31.08
ND CLA MA . 36.23 -27.76 32.47
C1D CLA MA . 37.41 -27.17 32.87
C2D CLA MA . 37.25 -26.38 34.06
C3D CLA MA . 35.94 -26.48 34.40
C4D CLA MA . 35.32 -27.33 33.41
MG CLA NA . 43.68 -23.21 32.20
CHA CLA NA . 42.73 -25.62 29.98
CHB CLA NA . 46.38 -22.48 30.28
CHC CLA NA . 44.63 -20.81 34.43
CHD CLA NA . 40.98 -23.95 34.14
NA CLA NA . 44.40 -23.89 30.51
C1A CLA NA . 43.87 -24.90 29.70
C2A CLA NA . 44.68 -25.13 28.54
C3A CLA NA . 45.71 -24.24 28.62
C4A CLA NA . 45.53 -23.48 29.84
NB CLA NA . 45.17 -21.93 32.32
C1B CLA NA . 46.22 -21.76 31.44
C2B CLA NA . 47.12 -20.72 31.87
C3B CLA NA . 46.62 -20.25 33.04
C4B CLA NA . 45.43 -21.00 33.31
NC CLA NA . 42.96 -22.53 33.90
C1C CLA NA . 43.47 -21.53 34.71
C2C CLA NA . 42.66 -21.32 35.89
C3C CLA NA . 41.62 -22.21 35.80
C4C CLA NA . 41.82 -22.94 34.58
ND CLA NA . 42.19 -24.50 32.08
C1D CLA NA . 41.15 -24.68 32.96
C2D CLA NA . 40.26 -25.71 32.51
C3D CLA NA . 40.76 -26.19 31.33
C4D CLA NA . 41.94 -25.43 31.08
MG CLA OA . 7.69 3.17 -13.45
CHA CLA OA . 5.85 2.32 -10.76
CHB CLA OA . 10.49 2.38 -11.76
CHC CLA OA . 9.50 3.99 -16.11
CHD CLA OA . 4.85 3.95 -15.14
NA CLA OA . 8.10 2.50 -11.66
C1A CLA OA . 7.23 2.20 -10.65
C2A CLA OA . 7.91 1.74 -9.50
C3A CLA OA . 9.21 1.76 -9.78
C4A CLA OA . 9.32 2.23 -11.12
NB CLA OA . 9.60 3.18 -13.85
C1B CLA OA . 10.65 2.82 -13.03
C2B CLA OA . 11.92 2.97 -13.68
C3B CLA OA . 11.64 3.42 -14.90
C4B CLA OA . 10.20 3.55 -15.00
NC CLA OA . 7.27 3.82 -15.24
C1C CLA OA . 8.15 4.11 -16.22
C2C CLA OA . 7.46 4.58 -17.40
C3C CLA OA . 6.15 4.56 -17.12
C4C CLA OA . 6.04 4.10 -15.79
ND CLA OA . 5.77 3.14 -13.05
C1D CLA OA . 4.71 3.50 -13.87
C2D CLA OA . 3.44 3.35 -13.21
C3D CLA OA . 3.72 2.89 -11.97
C4D CLA OA . 5.16 2.76 -11.88
MG CLA PA . 11.35 5.38 -2.51
CHA CLA PA . 11.87 5.16 0.84
CHB CLA PA . 9.83 2.40 -2.48
CHC CLA PA . 10.84 5.60 -5.87
CHD CLA PA . 12.89 8.37 -2.53
NA CLA PA . 10.93 4.06 -1.13
C1A CLA PA . 11.21 4.12 0.22
C2A CLA PA . 10.73 2.93 0.91
C3A CLA PA . 10.16 2.15 -0.02
C4A CLA PA . 10.30 2.87 -1.29
NB CLA PA . 10.52 4.24 -3.87
C1B CLA PA . 9.93 3.04 -3.70
C2B CLA PA . 9.43 2.51 -4.94
C3B CLA PA . 9.70 3.40 -5.88
C4B CLA PA . 10.38 4.48 -5.22
NC CLA PA . 11.78 6.70 -3.88
C1C CLA PA . 11.49 6.64 -5.23
C2C CLA PA . 11.98 7.83 -5.91
C3C CLA PA . 12.55 8.60 -4.97
C4C CLA PA . 12.43 7.90 -3.72
ND CLA PA . 12.18 6.51 -1.15
C1D CLA PA . 12.77 7.73 -1.32
C2D CLA PA . 13.27 8.25 -0.07
C3D CLA PA . 12.98 7.34 0.87
C4D CLA PA . 12.31 6.27 0.21
MG CLA QA . 1.61 -6.13 -12.03
CHA CLA QA . 1.08 -3.33 -10.23
CHB CLA QA . -1.72 -6.70 -12.18
CHC CLA QA . 2.16 -8.96 -13.86
CHD CLA QA . 4.99 -5.58 -11.89
NA CLA QA . 0.02 -5.23 -11.36
C1A CLA QA . -0.03 -4.07 -10.62
C2A CLA QA . -1.42 -3.71 -10.32
C3A CLA QA . -2.19 -4.67 -10.87
C4A CLA QA . -1.30 -5.59 -11.52
NB CLA QA . 0.47 -7.51 -12.84
C1B CLA QA . -0.91 -7.59 -12.81
C2B CLA QA . -1.39 -8.77 -13.52
C3B CLA QA . -0.31 -9.40 -13.99
C4B CLA QA . 0.84 -8.63 -13.57
NC CLA QA . 3.23 -7.07 -12.72
C1C CLA QA . 3.29 -8.24 -13.46
C2C CLA QA . 4.65 -8.62 -13.78
C3C CLA QA . 5.43 -7.66 -13.23
C4C CLA QA . 4.56 -6.71 -12.58
ND CLA QA . 2.77 -4.76 -11.23
C1D CLA QA . 4.16 -4.67 -11.26
C2D CLA QA . 4.63 -3.50 -10.54
C3D CLA QA . 3.54 -2.87 -10.08
C4D CLA QA . 2.39 -3.65 -10.51
C1 PQN RA . 2.90 5.59 11.29
C7 PQN RA . -1.02 7.79 9.47
MG CLA SA . -0.28 14.46 1.33
CHA CLA SA . -1.34 13.79 4.47
CHB CLA SA . 2.96 14.03 2.31
CHC CLA SA . 0.79 15.13 -1.83
CHD CLA SA . -3.49 14.88 0.33
NA CLA SA . 0.62 14.02 3.02
C1A CLA SA . 0.03 13.76 4.24
C2A CLA SA . 1.03 13.47 5.25
C3A CLA SA . 2.23 13.54 4.63
C4A CLA SA . 1.98 13.87 3.26
NB CLA SA . 1.49 14.56 0.45
C1B CLA SA . 2.74 14.35 1.00
C2B CLA SA . 3.78 14.52 0.05
C3B CLA SA . 3.17 14.82 -1.14
C4B CLA SA . 1.76 14.85 -0.88
NC CLA SA . -1.16 14.90 -0.37
C1C CLA SA . -0.58 15.15 -1.59
C2C CLA SA . -1.57 15.44 -2.60
C3C CLA SA . -2.78 15.37 -1.97
C4C CLA SA . -2.52 15.03 -0.60
ND CLA SA . -2.03 14.36 2.20
C1D CLA SA . -3.27 14.56 1.63
C2D CLA SA . -4.33 14.39 2.59
C3D CLA SA . -3.72 14.09 3.77
C4D CLA SA . -2.30 14.06 3.52
MG CLA TA . -5.73 15.34 -18.61
CHA CLA TA . -3.14 13.91 -20.25
CHB CLA TA . -6.17 12.47 -16.82
CHC CLA TA . -8.31 16.78 -16.96
CHD CLA TA . -5.28 18.21 -20.41
NA CLA TA . -4.84 13.58 -18.55
C1A CLA TA . -3.77 13.14 -19.30
C2A CLA TA . -3.41 11.80 -18.98
C3A CLA TA . -4.27 11.38 -18.00
C4A CLA TA . -5.15 12.49 -17.75
NB CLA TA . -6.96 14.75 -17.21
C1B CLA TA . -7.01 13.52 -16.56
C2B CLA TA . -8.06 13.48 -15.59
C3B CLA TA . -8.68 14.70 -15.62
C4B CLA TA . -7.99 15.47 -16.62
NC CLA TA . -6.60 17.10 -18.67
C1C CLA TA . -7.67 17.56 -17.92
C2C CLA TA . -8.02 18.92 -18.27
C3C CLA TA . -7.15 19.32 -19.24
C4C CLA TA . -6.29 18.19 -19.48
ND CLA TA . -4.48 15.92 -20.01
C1D CLA TA . -4.43 17.16 -20.66
C2D CLA TA . -3.38 17.19 -21.62
C3D CLA TA . -2.77 15.98 -21.58
C4D CLA TA . -3.46 15.20 -20.59
MG CLA UA . 6.40 26.28 -12.45
CHA CLA UA . 9.12 25.01 -10.89
CHB CLA UA . 7.20 24.58 -15.23
CHC CLA UA . 3.66 27.56 -14.02
CHD CLA UA . 5.59 28.00 -9.65
NA CLA UA . 7.85 25.07 -12.95
C1A CLA UA . 8.90 24.64 -12.19
C2A CLA UA . 9.75 23.74 -12.90
C3A CLA UA . 9.22 23.62 -14.14
C4A CLA UA . 8.04 24.44 -14.15
NB CLA UA . 5.61 26.11 -14.23
C1B CLA UA . 6.07 25.35 -15.29
C2B CLA UA . 5.23 25.48 -16.44
C3B CLA UA . 4.23 26.32 -16.09
C4B CLA UA . 4.47 26.71 -14.73
NC CLA UA . 4.94 27.51 -11.95
C1C CLA UA . 3.88 27.94 -12.74
C2C CLA UA . 3.03 28.83 -12.02
C3C CLA UA . 3.57 28.95 -10.78
C4C CLA UA . 4.75 28.14 -10.75
ND CLA UA . 7.19 26.46 -10.66
C1D CLA UA . 6.73 27.21 -9.61
C2D CLA UA . 7.60 27.08 -8.47
C3D CLA UA . 8.60 26.23 -8.81
C4D CLA UA . 8.34 25.86 -10.17
MG CLA VA . 4.03 -23.16 -21.68
CHA CLA VA . 5.96 -21.86 -24.17
CHB CLA VA . 6.41 -22.31 -19.40
CHC CLA VA . 2.11 -24.44 -19.20
CHD CLA VA . 1.66 -24.00 -23.95
NA CLA VA . 5.79 -22.28 -21.77
C1A CLA VA . 6.45 -21.80 -22.89
C2A CLA VA . 7.72 -21.23 -22.54
C3A CLA VA . 7.84 -21.35 -21.20
C4A CLA VA . 6.65 -22.00 -20.72
NB CLA VA . 4.22 -23.34 -19.72
C1B CLA VA . 5.27 -22.93 -18.93
C2B CLA VA . 5.03 -23.24 -17.54
C3B CLA VA . 3.82 -23.85 -17.48
C4B CLA VA . 3.32 -23.90 -18.84
NC CLA VA . 2.28 -24.03 -21.59
C1C CLA VA . 1.62 -24.52 -20.48
C2C CLA VA . 0.35 -25.09 -20.81
C3C CLA VA . 0.22 -24.97 -22.17
C4C CLA VA . 1.41 -24.31 -22.63
ND CLA VA . 3.86 -22.98 -23.64
C1D CLA VA . 2.81 -23.38 -24.43
C2D CLA VA . 3.04 -23.07 -25.83
C3D CLA VA . 4.25 -22.46 -25.88
C4D CLA VA . 4.75 -22.41 -24.53
MG CLA WA . -2.79 23.65 -19.40
CHA CLA WA . -2.53 22.00 -22.35
CHB CLA WA . -5.96 24.54 -20.19
CHC CLA WA . -3.02 25.29 -16.43
CHD CLA WA . 0.40 22.76 -18.60
NA CLA WA . -3.98 23.33 -20.93
C1A CLA WA . -3.71 22.62 -22.09
C2A CLA WA . -4.82 22.61 -22.99
C3A CLA WA . -5.82 23.33 -22.38
C4A CLA WA . -5.27 23.78 -21.11
NB CLA WA . -4.18 24.68 -18.51
C1B CLA WA . -5.46 24.97 -18.97
C2B CLA WA . -6.19 25.77 -18.03
C3B CLA WA . -5.36 25.98 -16.97
C4B CLA WA . -4.12 25.30 -17.27
NC CLA WA . -1.58 23.96 -17.86
C1C CLA WA . -1.84 24.66 -16.70
C2C CLA WA . -0.69 24.66 -15.80
C3C CLA WA . 0.28 23.93 -16.43
C4C CLA WA . -0.28 23.51 -17.69
ND CLA WA . -1.38 22.61 -20.27
C1D CLA WA . -0.12 22.34 -19.80
C2D CLA WA . 0.61 21.55 -20.73
C3D CLA WA . -0.22 21.34 -21.79
C4D CLA WA . -1.44 22.00 -21.50
MG CLA XA . -16.11 -1.82 -21.33
CHA CLA XA . -13.79 -0.22 -19.44
CHB CLA XA . -14.81 -0.42 -24.13
CHC CLA XA . -18.42 -3.42 -23.23
CHD CLA XA . -17.41 -3.23 -18.52
NA CLA XA . -14.63 -0.59 -21.71
C1A CLA XA . -13.75 0.00 -20.81
C2A CLA XA . -12.80 0.85 -21.50
C3A CLA XA . -13.09 0.79 -22.82
C4A CLA XA . -14.23 -0.10 -22.94
NB CLA XA . -16.52 -1.90 -23.24
C1B CLA XA . -15.88 -1.26 -24.28
C2B CLA XA . -16.47 -1.56 -25.54
C3B CLA XA . -17.50 -2.41 -25.29
C4B CLA XA . -17.52 -2.62 -23.87
NC CLA XA . -17.59 -3.06 -20.96
C1C CLA XA . -18.47 -3.63 -21.87
C2C CLA XA . -19.43 -4.49 -21.21
C3C CLA XA . -19.14 -4.43 -19.88
C4C CLA XA . -18.01 -3.55 -19.73
ND CLA XA . -15.69 -1.74 -19.40
C1D CLA XA . -16.34 -2.39 -18.35
C2D CLA XA . -15.72 -2.07 -17.08
C3D CLA XA . -14.70 -1.22 -17.34
C4D CLA XA . -14.69 -1.02 -18.77
MG CLA YA . -10.62 -15.28 -27.30
CHA CLA YA . -7.96 -16.08 -29.28
CHB CLA YA . -11.45 -12.78 -29.46
CHC CLA YA . -13.26 -14.47 -25.34
CHD CLA YA . -9.78 -17.77 -25.15
NA CLA YA . -9.88 -14.59 -28.99
C1A CLA YA . -8.76 -15.03 -29.68
C2A CLA YA . -8.54 -14.26 -30.87
C3A CLA YA . -9.53 -13.32 -30.92
C4A CLA YA . -10.35 -13.53 -29.75
NB CLA YA . -12.04 -13.92 -27.38
C1B CLA YA . -12.26 -12.95 -28.35
C2B CLA YA . -13.42 -12.14 -28.05
C3B CLA YA . -13.94 -12.61 -26.88
C4B CLA YA . -13.07 -13.71 -26.48
NC CLA YA . -11.35 -15.97 -25.62
C1C CLA YA . -12.46 -15.52 -24.93
C2C CLA YA . -12.69 -16.28 -23.73
C3C CLA YA . -11.71 -17.21 -23.68
C4C CLA YA . -10.89 -17.01 -24.85
ND CLA YA . -9.19 -16.62 -27.24
C1D CLA YA . -8.98 -17.59 -26.27
C2D CLA YA . -7.81 -18.40 -26.58
C3D CLA YA . -7.30 -17.92 -27.74
C4D CLA YA . -8.14 -16.82 -28.14
MG CLA ZA . -13.12 15.35 -24.56
CHA CLA ZA . -10.94 17.64 -25.79
CHB CLA ZA . -14.44 14.95 -27.67
CHC CLA ZA . -15.30 13.07 -23.34
CHD CLA ZA . -11.80 15.77 -21.46
NA CLA ZA . -12.76 16.12 -26.34
C1A CLA ZA . -11.82 17.07 -26.69
C2A CLA ZA . -11.87 17.37 -28.09
C3A CLA ZA . -12.87 16.61 -28.62
C4A CLA ZA . -13.41 15.84 -27.53
NB CLA ZA . -14.56 14.26 -25.33
C1B CLA ZA . -14.98 14.20 -26.65
C2B CLA ZA . -16.05 13.27 -26.82
C3B CLA ZA . -16.30 12.73 -25.59
C4B CLA ZA . -15.37 13.35 -24.68
NC CLA ZA . -13.47 14.59 -22.78
C1C CLA ZA . -14.42 13.65 -22.43
C2C CLA ZA . -14.36 13.34 -21.03
C3C CLA ZA . -13.38 14.11 -20.50
C4C CLA ZA . -12.83 14.87 -21.59
ND CLA ZA . -11.69 16.46 -23.79
C1D CLA ZA . -11.26 16.51 -22.48
C2D CLA ZA . -10.19 17.45 -22.30
C3D CLA ZA . -9.94 17.97 -23.54
C4D CLA ZA . -10.87 17.36 -24.45
MG CLA AB . 10.40 29.62 -3.82
CHA CLA AB . 11.43 27.14 -1.76
CHB CLA AB . 7.52 27.95 -4.41
CHC CLA AB . 9.37 32.12 -5.86
CHD CLA AB . 13.30 31.30 -3.20
NA CLA AB . 9.64 27.92 -3.22
C1A CLA AB . 10.20 27.00 -2.36
C2A CLA AB . 9.33 25.85 -2.16
C3A CLA AB . 8.22 26.09 -2.92
C4A CLA AB . 8.43 27.37 -3.56
NB CLA AB . 8.80 29.96 -4.90
C1B CLA AB . 7.69 29.16 -5.04
C2B CLA AB . 6.72 29.76 -5.93
C3B CLA AB . 7.25 30.94 -6.34
C4B CLA AB . 8.53 31.06 -5.70
NC CLA AB . 11.17 31.32 -4.40
C1C CLA AB . 10.60 32.26 -5.26
C2C CLA AB . 11.48 33.39 -5.45
C3C CLA AB . 12.59 33.16 -4.70
C4C CLA AB . 12.38 31.88 -4.05
ND CLA AB . 12.00 29.29 -2.73
C1D CLA AB . 13.12 30.09 -2.58
C2D CLA AB . 14.09 29.50 -1.69
C3D CLA AB . 13.55 28.31 -1.29
C4D CLA AB . 12.27 28.19 -1.93
MG CLA BB . -17.65 -12.69 -20.12
CHA CLA BB . -17.50 -15.84 -18.87
CHB CLA BB . -16.74 -13.85 -23.18
CHC CLA BB . -17.80 -9.54 -21.36
CHD CLA BB . -18.56 -11.53 -17.07
NA CLA BB . -17.21 -14.45 -20.86
C1A CLA BB . -17.20 -15.67 -20.20
C2A CLA BB . -16.83 -16.74 -21.10
C3A CLA BB . -16.61 -16.18 -22.31
C4A CLA BB . -16.85 -14.76 -22.16
NB CLA BB . -17.34 -11.87 -21.88
C1B CLA BB . -16.96 -12.48 -23.06
C2B CLA BB . -16.84 -11.53 -24.14
C3B CLA BB . -17.14 -10.31 -23.62
C4B CLA BB . -17.44 -10.53 -22.23
NC CLA BB . -18.08 -10.92 -19.39
C1C CLA BB . -18.10 -9.71 -20.03
C2C CLA BB . -18.46 -8.65 -19.15
C3C CLA BB . -18.69 -9.21 -17.94
C4C CLA BB . -18.45 -10.61 -18.09
ND CLA BB . -17.95 -13.50 -18.36
C1D CLA BB . -18.34 -12.87 -17.19
C2D CLA BB . -18.46 -13.80 -16.11
C3D CLA BB . -18.17 -15.02 -16.61
C4D CLA BB . -17.85 -14.83 -18.00
MG CLA CB . -16.27 18.28 -11.10
CHA CLA CB . -16.86 17.99 -14.41
CHB CLA CB . -14.25 20.92 -11.69
CHC CLA CB . -15.68 18.58 -7.76
CHD CLA CB . -18.29 15.64 -10.50
NA CLA CB . -15.68 19.24 -12.70
C1A CLA CB . -16.02 19.00 -14.02
C2A CLA CB . -15.39 19.91 -14.92
C3A CLA CB . -14.65 20.75 -14.15
C4A CLA CB . -14.84 20.32 -12.79
NB CLA CB . -15.21 19.48 -9.98
C1B CLA CB . -14.43 20.53 -10.39
C2B CLA CB . -13.80 21.16 -9.27
C3B CLA CB . -14.21 20.50 -8.16
C4B CLA CB . -15.07 19.45 -8.61
NC CLA CB . -16.85 17.32 -9.49
C1C CLA CB . -16.51 17.58 -8.16
C2C CLA CB . -17.15 16.65 -7.27
C3C CLA CB . -17.89 15.81 -8.04
C4C CLA CB . -17.70 16.24 -9.42
ND CLA CB . -17.34 17.09 -12.21
C1D CLA CB . -18.12 16.03 -11.81
C2D CLA CB . -18.74 15.38 -12.92
C3D CLA CB . -18.34 16.05 -14.03
C4D CLA CB . -17.47 17.10 -13.57
MG CLA DB . -19.90 10.04 -4.73
CHA CLA DB . -17.91 7.44 -4.29
CHB CLA DB . -20.76 10.02 -1.47
CHC CLA DB . -21.88 12.65 -5.31
CHD CLA DB . -18.99 10.06 -8.06
NA CLA DB . -19.43 8.95 -3.18
C1A CLA DB . -18.54 7.87 -3.14
C2A CLA DB . -18.40 7.21 -1.77
C3A CLA DB . -19.33 8.05 -0.88
C4A CLA DB . -19.87 9.07 -1.87
NB CLA DB . -21.06 11.09 -3.62
C1B CLA DB . -21.32 10.97 -2.26
C2B CLA DB . -22.27 11.97 -1.80
C3B CLA DB . -22.59 12.73 -2.90
C4B CLA DB . -21.83 12.17 -4.00
NC CLA DB . -20.32 11.08 -6.31
C1C CLA DB . -21.17 12.17 -6.39
C2C CLA DB . -21.26 12.72 -7.73
C3C CLA DB . -20.45 11.97 -8.50
C4C CLA DB . -19.88 10.99 -7.63
ND CLA DB . -18.77 9.04 -5.91
C1D CLA DB . -18.45 9.11 -7.26
C2D CLA DB . -17.50 8.08 -7.66
C3D CLA DB . -17.24 7.37 -6.51
C4D CLA DB . -18.00 7.98 -5.50
MG CLA EB . -18.38 -1.18 -29.51
CHA CLA EB . -15.73 -3.06 -28.56
CHB CLA EB . -20.39 -2.97 -27.43
CHC CLA EB . -21.01 0.70 -30.45
CHD CLA EB . -16.37 0.60 -31.58
NA CLA EB . -18.14 -2.68 -28.26
C1A CLA EB . -16.97 -3.36 -27.98
C2A CLA EB . -17.17 -4.41 -27.01
C3A CLA EB . -18.50 -4.38 -26.70
C4A CLA EB . -19.07 -3.31 -27.47
NB CLA EB . -20.28 -1.15 -29.05
C1B CLA EB . -20.96 -1.96 -28.16
C2B CLA EB . -22.36 -1.62 -28.09
C3B CLA EB . -22.55 -0.58 -28.95
C4B CLA EB . -21.26 -0.29 -29.53
NC CLA EB . -18.63 0.32 -30.75
C1C CLA EB . -19.79 0.99 -31.03
C2C CLA EB . -19.56 2.05 -31.99
C3C CLA EB . -18.24 2.01 -32.31
C4C CLA EB . -17.68 0.95 -31.53
ND CLA EB . -16.48 -1.21 -29.96
C1D CLA EB . -15.80 -0.39 -30.86
C2D CLA EB . -14.42 -0.72 -30.93
C3D CLA EB . -14.23 -1.76 -30.07
C4D CLA EB . -15.51 -2.06 -29.49
MG CLA FB . -12.51 -25.31 -5.81
CHA CLA FB . -14.72 -23.31 -7.44
CHB CLA FB . -11.24 -22.59 -4.21
CHC CLA FB . -10.31 -27.31 -4.20
CHD CLA FB . -13.78 -28.00 -7.40
NA CLA FB . -12.89 -23.38 -5.83
C1A CLA FB . -13.86 -22.71 -6.56
C2A CLA FB . -13.83 -21.30 -6.31
C3A CLA FB . -12.84 -21.10 -5.38
C4A CLA FB . -12.27 -22.38 -5.10
NB CLA FB . -11.09 -25.03 -4.49
C1B CLA FB . -10.68 -23.84 -3.93
C2B CLA FB . -9.60 -24.05 -3.00
C3B CLA FB . -9.34 -25.38 -3.00
C4B CLA FB . -10.27 -25.97 -3.92
NC CLA FB . -12.13 -27.23 -5.80
C1C CLA FB . -11.18 -27.91 -5.06
C2C CLA FB . -11.20 -29.33 -5.33
C3C CLA FB . -12.19 -29.53 -6.24
C4C CLA FB . -12.75 -28.23 -6.52
ND CLA FB . -13.93 -25.60 -7.12
C1D CLA FB . -14.33 -26.78 -7.69
C2D CLA FB . -15.41 -26.58 -8.61
C3D CLA FB . -15.67 -25.25 -8.62
C4D CLA FB . -14.76 -24.65 -7.70
MG CLA GB . 6.31 20.33 16.91
CHA CLA GB . 3.96 22.67 16.20
CHB CLA GB . 7.79 22.46 19.06
CHC CLA GB . 8.67 18.00 17.59
CHD CLA GB . 4.83 18.21 14.73
NA CLA GB . 5.96 22.15 17.50
C1A CLA GB . 4.94 22.99 17.11
C2A CLA GB . 5.01 24.25 17.78
C3A CLA GB . 6.10 24.19 18.59
C4A CLA GB . 6.68 22.89 18.41
NB CLA GB . 7.87 20.25 18.07
C1B CLA GB . 8.35 21.23 18.90
C2B CLA GB . 9.52 20.79 19.60
C3B CLA GB . 9.77 19.52 19.18
C4B CLA GB . 8.76 19.19 18.24
NC CLA GB . 6.67 18.51 16.29
C1C CLA GB . 7.69 17.67 16.67
C2C CLA GB . 7.61 16.40 16.00
C3C CLA GB . 6.52 16.46 15.19
C4C CLA GB . 5.95 17.76 15.38
ND CLA GB . 4.74 20.40 15.73
C1D CLA GB . 4.27 19.43 14.89
C2D CLA GB . 3.10 19.86 14.19
C3D CLA GB . 2.85 21.13 14.60
C4D CLA GB . 3.87 21.45 15.56
MG CLA HB . -5.08 32.59 -16.36
CHA CLA HB . -5.11 29.30 -15.49
CHB CLA HB . -8.30 32.33 -17.37
CHC CLA HB . -5.05 35.87 -17.22
CHD CLA HB . -1.85 32.84 -15.35
NA CLA HB . -6.41 31.14 -16.42
C1A CLA HB . -6.27 29.82 -16.02
C2A CLA HB . -7.46 29.07 -16.23
C3A CLA HB . -8.37 29.93 -16.75
C4A CLA HB . -7.72 31.20 -16.87
NB CLA HB . -6.39 33.83 -17.12
C1B CLA HB . -7.70 33.57 -17.49
C2B CLA HB . -8.36 34.74 -18.03
C3B CLA HB . -7.43 35.74 -17.98
C4B CLA HB . -6.22 35.17 -17.42
NC CLA HB . -3.74 34.03 -16.30
C1C CLA HB . -3.89 35.34 -16.69
C2C CLA HB . -2.68 36.09 -16.48
C3C CLA HB . -1.78 35.23 -15.95
C4C CLA HB . -2.43 33.96 -15.84
ND CLA HB . -3.77 31.35 -15.59
C1D CLA HB . -2.46 31.61 -15.22
C2D CLA HB . -1.82 30.44 -14.70
C3D CLA HB . -2.74 29.43 -14.74
C4D CLA HB . -3.94 30.01 -15.29
MG CLA IB . -2.13 20.90 14.95
CHA CLA IB . -2.40 24.04 15.90
CHB CLA IB . -4.48 21.26 12.61
CHC CLA IB . -1.71 17.69 14.12
CHD CLA IB . 0.28 20.52 17.34
NA CLA IB . -3.22 22.38 14.38
C1A CLA IB . -3.22 23.68 14.89
C2A CLA IB . -4.19 24.63 14.23
C3A CLA IB . -4.86 23.72 13.19
C4A CLA IB . -4.18 22.38 13.37
NB CLA IB . -2.92 19.73 13.65
C1B CLA IB . -3.90 20.02 12.73
C2B CLA IB . -4.22 18.86 11.94
C3B CLA IB . -3.43 17.86 12.37
C4B CLA IB . -2.63 18.40 13.43
NC CLA IB . -0.99 19.47 15.59
C1C CLA IB . -0.95 18.18 15.12
C2C CLA IB . 0.02 17.37 15.82
C3C CLA IB . 0.58 18.19 16.74
C4C CLA IB . -0.04 19.45 16.58
ND CLA IB . -1.27 21.96 16.28
C1D CLA IB . -0.29 21.73 17.21
C2D CLA IB . 0.02 22.91 18.01
C3D CLA IB . -0.80 23.87 17.52
C4D CLA IB . -1.54 23.27 16.50
MG CLA JB . -16.16 24.42 -3.45
CHA CLA JB . -15.72 27.75 -3.82
CHB CLA JB . -13.49 24.30 -1.34
CHC CLA JB . -16.60 21.08 -3.07
CHD CLA JB . -18.81 24.56 -5.55
NA CLA JB . -14.89 25.72 -2.74
C1A CLA JB . -14.85 27.07 -3.00
C2A CLA JB . -13.78 27.70 -2.29
C3A CLA JB . -13.15 26.72 -1.59
C4A CLA JB . -13.84 25.51 -1.87
NB CLA JB . -15.25 23.00 -2.42
C1B CLA JB . -14.14 23.11 -1.59
C2B CLA JB . -13.76 21.84 -1.02
C3B CLA JB . -14.64 20.92 -1.50
C4B CLA JB . -15.55 21.66 -2.37
NC CLA JB . -17.42 23.11 -4.15
C1C CLA JB . -17.47 21.76 -3.90
C2C CLA JB . -18.56 21.14 -4.63
C3C CLA JB . -19.18 22.12 -5.32
C4C CLA JB . -18.48 23.32 -5.03
ND CLA JB . -17.05 25.85 -4.46
C1D CLA JB . -18.15 25.73 -5.28
C2D CLA JB . -18.51 27.01 -5.85
C3D CLA JB . -17.64 27.91 -5.36
C4D CLA JB . -16.75 27.19 -4.50
MG CLA KB . -24.59 15.43 -10.06
CHA CLA KB . -26.87 12.98 -9.57
CHB CLA KB . -24.64 16.15 -6.74
CHC CLA KB . -22.30 17.88 -10.54
CHD CLA KB . -24.53 14.70 -13.37
NA CLA KB . -25.54 14.73 -8.50
C1A CLA KB . -26.47 13.69 -8.46
C2A CLA KB . -26.94 13.47 -7.12
C3A CLA KB . -26.32 14.38 -6.32
C4A CLA KB . -25.45 15.14 -7.18
NB CLA KB . -23.67 16.73 -8.91
C1B CLA KB . -23.81 16.91 -7.54
C2B CLA KB . -22.96 17.97 -7.05
C3B CLA KB . -22.30 18.45 -8.14
C4B CLA KB . -22.74 17.68 -9.26
NC CLA KB . -23.62 16.14 -11.61
C1C CLA KB . -22.69 17.16 -11.65
C2C CLA KB . -22.20 17.40 -12.98
C3C CLA KB . -22.84 16.50 -13.79
C4C CLA KB . -23.71 15.73 -12.93
ND CLA KB . -25.51 14.12 -11.21
C1D CLA KB . -25.38 13.95 -12.58
C2D CLA KB . -26.22 12.88 -13.06
C3D CLA KB . -26.87 12.40 -11.99
C4D CLA KB . -26.43 13.17 -10.86
MG CLA LB . -20.61 14.39 -32.33
CHA CLA LB . -23.88 13.43 -32.44
CHB CLA LB . -19.67 11.15 -31.94
CHC CLA LB . -17.38 15.35 -32.22
CHD CLA LB . -21.55 17.65 -32.72
NA CLA LB . -21.56 12.68 -32.22
C1A CLA LB . -22.92 12.43 -32.28
C2A CLA LB . -23.24 11.04 -32.15
C3A CLA LB . -22.04 10.39 -32.01
C4A CLA LB . -21.02 11.41 -32.05
NB CLA LB . -18.90 13.46 -32.13
C1B CLA LB . -18.68 12.11 -31.97
C2B CLA LB . -17.28 11.82 -31.85
C3B CLA LB . -16.63 13.00 -31.93
C4B CLA LB . -17.64 14.01 -32.10
NC CLA LB . -19.68 16.12 -32.44
C1C CLA LB . -18.32 16.34 -32.38
C2C CLA LB . -18.01 17.75 -32.50
C3C CLA LB . -19.20 18.39 -32.65
C4C CLA LB . -20.22 17.37 -32.61
ND CLA LB . -22.32 15.34 -32.54
C1D CLA LB . -22.54 16.70 -32.69
C2D CLA LB . -23.93 17.00 -32.82
C3D CLA LB . -24.60 15.82 -32.74
C4D CLA LB . -23.59 14.78 -32.57
MG CLA MB . -22.30 -23.42 -13.64
CHA CLA MB . -24.22 -24.11 -10.93
CHB CLA MB . -19.84 -25.39 -12.39
CHC CLA MB . -20.37 -22.73 -16.35
CHD CLA MB . -24.73 -21.44 -14.88
NA CLA MB . -22.09 -24.51 -12.03
C1A CLA MB . -22.99 -24.69 -10.99
C2A CLA MB . -22.48 -25.56 -9.99
C3A CLA MB . -21.24 -25.92 -10.40
C4A CLA MB . -21.00 -25.27 -11.65
NB CLA MB . -20.51 -23.94 -14.24
C1B CLA MB . -19.61 -24.78 -13.60
C2B CLA MB . -18.41 -24.92 -14.36
C3B CLA MB . -18.57 -24.16 -15.48
C4B CLA MB . -19.86 -23.57 -15.40
NC CLA MB . -22.51 -22.33 -15.26
C1C CLA MB . -21.60 -22.15 -16.30
C2C CLA MB . -22.13 -21.27 -17.31
C3C CLA MB . -23.38 -20.90 -16.89
C4C CLA MB . -23.59 -21.56 -15.63
ND CLA MB . -24.07 -22.90 -13.04
C1D CLA MB . -24.97 -22.07 -13.67
C2D CLA MB . -26.18 -21.93 -12.90
C3D CLA MB . -26.03 -22.69 -11.79
C4D CLA MB . -24.73 -23.29 -11.88
MG CLA NB . 16.37 17.17 25.73
CHA CLA NB . 15.30 16.51 28.88
CHB CLA NB . 19.37 15.78 26.46
CHC CLA NB . 17.45 17.86 22.60
CHD CLA NB . 13.39 18.58 25.02
NA CLA NB . 17.15 16.33 27.32
C1A CLA NB . 16.56 16.13 28.55
C2A CLA NB . 17.45 15.48 29.46
C3A CLA NB . 18.61 15.27 28.77
C4A CLA NB . 18.41 15.80 27.46
NB CLA NB . 18.04 16.89 24.74
C1B CLA NB . 19.21 16.29 25.20
C2B CLA NB . 20.23 16.25 24.18
C3B CLA NB . 19.68 16.83 23.08
C4B CLA NB . 18.34 17.22 23.44
NC CLA NB . 15.60 18.03 24.16
C1C CLA NB . 16.17 18.24 22.93
C2C CLA NB . 15.27 18.90 22.03
C3C CLA NB . 14.11 19.11 22.71
C4C CLA NB . 14.33 18.57 24.03
ND CLA NB . 14.72 17.47 26.72
C1D CLA NB . 13.56 18.08 26.28
C2D CLA NB . 12.56 18.11 27.30
C3D CLA NB . 13.11 17.51 28.38
C4D CLA NB . 14.44 17.13 28.03
MG CLA OB . -29.86 -15.95 -13.00
CHA CLA OB . -26.98 -17.72 -12.83
CHB CLA OB . -28.13 -13.24 -14.07
CHC CLA OB . -32.76 -14.18 -13.16
CHD CLA OB . -31.61 -18.67 -11.92
NA CLA OB . -27.98 -15.56 -13.37
C1A CLA OB . -26.89 -16.40 -13.26
C2A CLA OB . -25.67 -15.73 -13.62
C3A CLA OB . -26.00 -14.47 -13.97
C4A CLA OB . -27.42 -14.38 -13.81
NB CLA OB . -30.34 -14.12 -13.50
C1B CLA OB . -29.49 -13.12 -13.93
C2B CLA OB . -30.22 -11.90 -14.20
C3B CLA OB . -31.54 -12.17 -13.96
C4B CLA OB . -31.60 -13.55 -13.51
NC CLA OB . -31.75 -16.33 -12.63
C1C CLA OB . -32.84 -15.49 -12.75
C2C CLA OB . -34.06 -16.14 -12.38
C3C CLA OB . -33.73 -17.41 -12.04
C4C CLA OB . -32.31 -17.52 -12.19
ND CLA OB . -29.40 -17.79 -12.49
C1D CLA OB . -30.25 -18.80 -12.06
C2D CLA OB . -29.52 -20.02 -11.78
C3D CLA OB . -28.21 -19.76 -12.03
C4D CLA OB . -28.15 -18.38 -12.48
MG CLA PB . -35.36 -4.77 -17.94
CHA CLA PB . -37.20 -5.98 -20.51
CHB CLA PB . -36.37 -1.62 -18.71
CHC CLA PB . -33.52 -3.56 -15.37
CHD CLA PB . -34.36 -7.91 -17.17
NA CLA PB . -36.52 -3.97 -19.30
C1A CLA PB . -37.21 -4.62 -20.30
C2A CLA PB . -37.97 -3.68 -21.11
C3A CLA PB . -37.71 -2.44 -20.59
C4A CLA PB . -36.83 -2.63 -19.48
NB CLA PB . -35.02 -2.98 -17.20
C1B CLA PB . -35.51 -1.77 -17.64
C2B CLA PB . -35.03 -0.69 -16.84
C3B CLA PB . -34.22 -1.24 -15.88
C4B CLA PB . -34.23 -2.66 -16.13
NC CLA PB . -34.21 -5.57 -16.57
C1C CLA PB . -33.51 -4.92 -15.57
C2C CLA PB . -32.77 -5.84 -14.77
C3C CLA PB . -33.01 -7.08 -15.28
C4C CLA PB . -33.89 -6.90 -16.39
ND CLA PB . -35.71 -6.56 -18.68
C1D CLA PB . -35.22 -7.77 -18.24
C2D CLA PB . -35.70 -8.86 -19.04
C3D CLA PB . -36.50 -8.31 -19.99
C4D CLA PB . -36.50 -6.89 -19.76
MG CLA QB . -32.45 19.15 -15.89
CHA CLA QB . -30.04 21.03 -17.34
CHB CLA QB . -34.41 19.53 -18.63
CHC CLA QB . -34.87 17.26 -14.43
CHD CLA QB . -30.49 18.78 -13.15
NA CLA QB . -32.26 20.07 -17.61
C1A CLA QB . -31.19 20.81 -18.06
C2A CLA QB . -31.44 21.33 -19.37
C3A CLA QB . -32.68 20.91 -19.74
C4A CLA QB . -33.19 20.13 -18.65
NB CLA QB . -34.24 18.53 -16.42
C1B CLA QB . -34.91 18.78 -17.60
C2B CLA QB . -36.21 18.16 -17.61
C3B CLA QB . -36.35 17.52 -16.43
C4B CLA QB . -35.13 17.76 -15.69
NC CLA QB . -32.63 18.23 -14.17
C1C CLA QB . -33.71 17.48 -13.71
C2C CLA QB . -33.46 16.97 -12.40
C3C CLA QB . -32.21 17.39 -12.04
C4C CLA QB . -31.72 18.18 -13.13
ND CLA QB . -30.66 19.77 -15.37
C1D CLA QB . -29.98 19.53 -14.19
C2D CLA QB . -28.69 20.16 -14.18
C3D CLA QB . -28.57 20.79 -15.37
C4D CLA QB . -29.79 20.55 -16.09
MG CLA RB . -36.88 3.66 -24.16
CHA CLA RB . -36.47 6.37 -26.17
CHB CLA RB . -33.54 3.52 -23.65
CHC CLA RB . -37.31 0.97 -22.14
CHD CLA RB . -40.23 3.80 -24.66
NA CLA RB . -35.35 4.71 -24.78
C1A CLA RB . -35.34 5.81 -25.61
C2A CLA RB . -34.01 6.30 -25.83
C3A CLA RB . -33.18 5.50 -25.12
C4A CLA RB . -34.02 4.51 -24.47
NB CLA RB . -35.70 2.49 -23.12
C1B CLA RB . -34.33 2.57 -23.01
C2B CLA RB . -33.81 1.53 -22.16
C3B CLA RB . -34.87 0.80 -21.73
C4B CLA RB . -36.03 1.41 -22.34
NC CLA RB . -38.43 2.63 -23.55
C1C CLA RB . -38.44 1.52 -22.71
C2C CLA RB . -39.76 1.04 -22.49
C3C CLA RB . -40.59 1.84 -23.21
C4C CLA RB . -39.75 2.82 -23.85
ND CLA RB . -38.09 4.82 -25.19
C1D CLA RB . -39.46 4.74 -25.29
C2D CLA RB . -40.00 5.78 -26.14
C3D CLA RB . -38.93 6.50 -26.57
C4D CLA RB . -37.76 5.91 -25.98
MG CLA SB . -35.80 28.62 -14.53
CHA CLA SB . -38.49 28.19 -12.52
CHB CLA SB . -36.51 31.92 -14.76
CHC CLA SB . -33.11 29.05 -16.53
CHD CLA SB . -35.09 25.30 -14.28
NA CLA SB . -37.20 29.78 -13.80
C1A CLA SB . -38.24 29.44 -12.98
C2A CLA SB . -39.07 30.57 -12.66
C3A CLA SB . -38.50 31.64 -13.29
C4A CLA SB . -37.36 31.14 -13.99
NB CLA SB . -34.98 30.15 -15.45
C1B CLA SB . -35.41 31.46 -15.45
C2B CLA SB . -34.54 32.29 -16.24
C3B CLA SB . -33.58 31.48 -16.74
C4B CLA SB . -33.86 30.16 -16.25
NC CLA SB . -34.41 27.43 -15.25
C1C CLA SB . -33.35 27.78 -16.07
C2C CLA SB . -32.54 26.64 -16.39
C3C CLA SB . -33.10 25.58 -15.75
C4C CLA SB . -34.25 26.08 -15.06
ND CLA SB . -36.61 27.09 -13.60
C1D CLA SB . -36.19 25.77 -13.61
C2D CLA SB . -37.05 24.94 -12.82
C3D CLA SB . -38.02 25.76 -12.32
C4D CLA SB . -37.74 27.08 -12.81
MG CLA TB . -31.08 11.29 -45.65
CHA CLA TB . -29.23 10.84 -48.45
CHB CLA TB . -30.45 8.08 -44.71
CHC CLA TB . -32.93 11.73 -42.85
CHD CLA TB . -31.71 14.48 -46.56
NA CLA TB . -30.06 9.79 -46.42
C1A CLA TB . -29.35 9.76 -47.60
C2A CLA TB . -28.73 8.46 -47.82
C3A CLA TB . -29.08 7.68 -46.75
C4A CLA TB . -29.90 8.51 -45.90
NB CLA TB . -31.58 10.16 -44.13
C1B CLA TB . -31.24 8.85 -43.89
C2B CLA TB . -31.80 8.37 -42.66
C3B CLA TB . -32.50 9.41 -42.13
C4B CLA TB . -32.36 10.51 -43.05
NC CLA TB . -32.10 12.77 -44.87
C1C CLA TB . -32.81 12.79 -43.70
C2C CLA TB . -33.43 14.07 -43.47
C3C CLA TB . -33.09 14.85 -44.51
C4C CLA TB . -32.27 14.04 -45.38
ND CLA TB . -30.58 12.41 -47.17
C1D CLA TB . -30.93 13.74 -47.41
C2D CLA TB . -30.37 14.23 -48.64
C3D CLA TB . -29.66 13.20 -49.17
C4D CLA TB . -29.81 12.08 -48.26
MG CLA UB . -42.63 -5.22 -24.17
CHA CLA UB . -40.15 -3.39 -25.61
CHB CLA UB . -40.63 -7.98 -24.25
CHC CLA UB . -45.11 -7.05 -22.74
CHD CLA UB . -44.62 -2.50 -24.09
NA CLA UB . -40.79 -5.61 -24.80
C1A CLA UB . -39.89 -4.72 -25.38
C2A CLA UB . -38.64 -5.37 -25.70
C3A CLA UB . -38.77 -6.68 -25.30
C4A CLA UB . -40.10 -6.81 -24.75
NB CLA UB . -42.82 -7.09 -23.62
C1B CLA UB . -41.89 -8.11 -23.73
C2B CLA UB . -42.42 -9.34 -23.21
C3B CLA UB . -43.68 -9.08 -22.79
C4B CLA UB . -43.92 -7.69 -23.04
NC CLA UB . -44.46 -4.85 -23.56
C1C CLA UB . -45.36 -5.73 -22.99
C2C CLA UB . -46.61 -5.07 -22.67
C3C CLA UB . -46.46 -3.77 -23.05
C4C CLA UB . -45.14 -3.66 -23.60
ND CLA UB . -42.42 -3.36 -24.73
C1D CLA UB . -43.35 -2.35 -24.62
C2D CLA UB . -42.82 -1.11 -25.14
C3D CLA UB . -41.56 -1.37 -25.57
C4D CLA UB . -41.32 -2.76 -25.31
MG CLA VB . -41.69 22.61 -23.35
CHA CLA VB . -42.33 22.65 -26.68
CHB CLA VB . -39.57 25.22 -23.73
CHC CLA VB . -41.04 22.58 -20.03
CHD CLA VB . -43.80 20.01 -22.97
NA CLA VB . -41.08 23.69 -24.88
C1A CLA VB . -41.44 23.58 -26.20
C2A CLA VB . -40.78 24.57 -27.03
C3A CLA VB . -40.00 25.30 -26.19
C4A CLA VB . -40.19 24.75 -24.87
NB CLA VB . -40.56 23.66 -22.15
C1B CLA VB . -39.74 24.71 -22.48
C2B CLA VB . -39.07 25.23 -21.32
C3B CLA VB . -39.49 24.47 -20.27
C4B CLA VB . -40.41 23.51 -20.80
NC CLA VB . -42.28 21.53 -21.83
C1C CLA VB . -41.91 21.64 -20.50
C2C CLA VB . -42.58 20.67 -19.68
C3C CLA VB . -43.37 19.93 -20.52
C4C CLA VB . -43.18 20.47 -21.84
ND CLA VB . -42.82 21.56 -24.56
C1D CLA VB . -43.63 20.50 -24.24
C2D CLA VB . -44.30 19.99 -25.42
C3D CLA VB . -43.88 20.74 -26.46
C4D CLA VB . -42.97 21.70 -25.92
FE1 SF4 WB . -17.14 -0.96 25.13
FE2 SF4 WB . -17.10 -3.61 25.17
FE3 SF4 WB . -16.35 -2.36 27.25
FE4 SF4 WB . -14.83 -2.19 24.95
S1 SF4 WB . -15.29 -3.99 26.29
S2 SF4 WB . -15.34 -0.58 26.35
S3 SF4 WB . -16.48 -2.24 23.53
S4 SF4 WB . -18.35 -2.29 26.36
FE1 SF4 XB . -24.80 -11.73 27.51
FE2 SF4 XB . -22.96 -12.44 25.79
FE3 SF4 XB . -22.89 -13.27 28.26
FE4 SF4 XB . -22.54 -10.55 27.74
S1 SF4 XB . -21.26 -12.35 27.13
S2 SF4 XB . -23.68 -11.52 29.37
S3 SF4 XB . -23.90 -10.43 26.03
S4 SF4 XB . -24.39 -13.73 26.76
MG CLA YB . -6.30 -26.25 -16.93
CHA CLA YB . -9.05 -25.45 -18.73
CHB CLA YB . -7.81 -25.11 -14.11
CHC CLA YB . -3.54 -27.07 -15.12
CHD CLA YB . -4.80 -27.39 -19.72
NA CLA YB . -8.04 -25.46 -16.51
C1A CLA YB . -9.08 -25.19 -17.39
C2A CLA YB . -10.20 -24.60 -16.73
C3A CLA YB . -9.85 -24.50 -15.41
C4A CLA YB . -8.52 -25.03 -15.30
NB CLA YB . -5.79 -26.12 -15.03
C1B CLA YB . -6.53 -25.62 -13.99
C2B CLA YB . -5.81 -25.69 -12.74
C3B CLA YB . -4.60 -26.24 -13.03
C4B CLA YB . -4.60 -26.51 -14.45
NC CLA YB . -4.57 -27.05 -17.33
C1C CLA YB . -3.52 -27.33 -16.46
C2C CLA YB . -2.40 -27.92 -17.14
C3C CLA YB . -2.76 -28.01 -18.45
C4C CLA YB . -4.08 -27.48 -18.56
ND CLA YB . -6.81 -26.40 -18.80
C1D CLA YB . -6.07 -26.90 -19.85
C2D CLA YB . -6.78 -26.83 -21.09
C3D CLA YB . -7.99 -26.28 -20.81
C4D CLA YB . -7.99 -26.02 -19.40
MG CLA ZB . 3.31 -29.29 6.09
CHA CLA ZB . 5.81 -30.36 8.12
CHB CLA ZB . 5.53 -27.51 4.27
CHC CLA ZB . 0.81 -28.21 4.07
CHD CLA ZB . 1.06 -31.07 7.93
NA CLA ZB . 5.25 -29.00 6.18
C1A CLA ZB . 6.14 -29.52 7.08
C2A CLA ZB . 7.48 -29.07 6.82
C3A CLA ZB . 7.41 -28.27 5.73
C4A CLA ZB . 6.02 -28.23 5.34
NB CLA ZB . 3.19 -28.13 4.52
C1B CLA ZB . 4.21 -27.46 3.88
C2B CLA ZB . 3.72 -26.71 2.77
C3B CLA ZB . 2.38 -26.91 2.71
C4B CLA ZB . 2.07 -27.78 3.80
NC CLA ZB . 1.36 -29.57 6.01
C1C CLA ZB . 0.46 -29.05 5.10
C2C CLA ZB . -0.88 -29.50 5.36
C3C CLA ZB . -0.81 -30.31 6.47
C4C CLA ZB . 0.58 -30.35 6.85
ND CLA ZB . 3.41 -30.45 7.67
C1D CLA ZB . 2.38 -31.12 8.31
C2D CLA ZB . 2.85 -31.88 9.43
C3D CLA ZB . 4.20 -31.68 9.49
C4D CLA ZB . 4.54 -30.80 8.39
MG CLA AC . -19.24 -19.54 -29.66
CHA CLA AC . -17.78 -18.79 -32.60
CHB CLA AC . -19.57 -16.23 -28.98
CHC CLA AC . -20.73 -20.29 -26.68
CHD CLA AC . -18.92 -22.84 -30.35
NA CLA AC . -18.78 -17.88 -30.59
C1A CLA AC . -18.17 -17.75 -31.82
C2A CLA AC . -17.99 -16.36 -32.19
C3A CLA AC . -18.49 -15.63 -31.16
C4A CLA AC . -18.98 -16.59 -30.18
NB CLA AC . -19.99 -18.49 -28.17
C1B CLA AC . -20.04 -17.12 -28.04
C2B CLA AC . -20.66 -16.73 -26.79
C3B CLA AC . -20.98 -17.88 -26.13
C4B CLA AC . -20.56 -18.96 -26.99
NC CLA AC . -19.71 -21.20 -28.73
C1C CLA AC . -20.32 -21.34 -27.50
C2C CLA AC . -20.50 -22.74 -27.16
C3C CLA AC . -19.98 -23.45 -28.20
C4C CLA AC . -19.50 -22.50 -29.16
ND CLA AC . -18.52 -20.57 -31.14
C1D CLA AC . -18.45 -21.95 -31.27
C2D CLA AC . -17.84 -22.33 -32.51
C3D CLA AC . -17.51 -21.18 -33.16
C4D CLA AC . -17.94 -20.11 -32.30
MG CLA BC . 13.27 -41.87 -13.23
CHA CLA BC . 10.79 -42.57 -15.44
CHB CLA BC . 15.51 -41.76 -15.78
CHC CLA BC . 15.76 -41.17 -11.02
CHD CLA BC . 11.04 -41.98 -10.68
NA CLA BC . 13.18 -42.11 -15.17
C1A CLA BC . 12.07 -42.40 -15.94
C2A CLA BC . 12.39 -42.49 -17.32
C3A CLA BC . 13.72 -42.27 -17.42
C4A CLA BC . 14.19 -42.03 -16.09
NB CLA BC . 15.21 -41.53 -13.37
C1B CLA BC . 15.99 -41.53 -14.51
C2B CLA BC . 17.37 -41.24 -14.20
C3B CLA BC . 17.44 -41.07 -12.86
C4B CLA BC . 16.10 -41.26 -12.35
NC CLA BC . 13.37 -41.63 -11.28
C1C CLA BC . 14.49 -41.34 -10.51
C2C CLA BC . 14.15 -41.24 -9.11
C3C CLA BC . 12.81 -41.47 -9.02
C4C CLA BC . 12.34 -41.71 -10.36
ND CLA BC . 11.35 -42.21 -13.09
C1D CLA BC . 10.57 -42.21 -11.94
C2D CLA BC . 9.18 -42.51 -12.24
C3D CLA BC . 9.11 -42.67 -13.59
C4D CLA BC . 10.44 -42.48 -14.10
MG CLA CC . 2.80 -45.28 9.41
CHA CLA CC . 4.95 -45.10 12.02
CHB CLA CC . 0.28 -44.19 11.40
CHC CLA CC . 0.75 -44.85 6.65
CHD CLA CC . 5.47 -45.80 7.28
NA CLA CC . 2.66 -44.65 11.35
C1A CLA CC . 3.65 -44.78 12.31
C2A CLA CC . 3.09 -44.48 13.62
C3A CLA CC . 1.77 -44.24 13.44
C4A CLA CC . 1.50 -44.36 12.00
NB CLA CC . 0.85 -44.60 9.07
C1B CLA CC . -0.04 -44.31 10.04
C2B CLA CC . -1.37 -44.11 9.46
C3B CLA CC . -1.22 -44.28 8.09
C4B CLA CC . 0.18 -44.59 7.88
NC CLA CC . 3.03 -45.18 7.38
C1C CLA CC . 2.06 -45.14 6.39
C2C CLA CC . 2.66 -45.45 5.10
C3C CLA CC . 4.04 -45.69 5.41
C4C CLA CC . 4.18 -45.53 6.81
ND CLA CC . 4.97 -45.37 9.58
C1D CLA CC . 5.84 -45.71 8.61
C2D CLA CC . 7.20 -46.07 9.19
C3D CLA CC . 6.99 -45.91 10.71
C4D CLA CC . 5.57 -45.43 10.81
MG CLA DC . -19.21 23.00 0.25
CHA CLA DC . -16.97 20.51 0.66
CHB CLA DC . -18.15 24.44 3.11
CHC CLA DC . -21.47 25.49 -0.18
CHD CLA DC . -20.27 21.56 -2.61
NA CLA DC . -17.86 22.56 1.59
C1A CLA DC . -17.01 21.49 1.61
C2A CLA DC . -16.15 21.51 2.76
C3A CLA DC . -16.49 22.63 3.46
C4A CLA DC . -17.54 23.26 2.73
NB CLA DC . -19.71 24.61 1.24
C1B CLA DC . -19.17 25.07 2.43
C2B CLA DC . -19.80 26.30 2.85
C3B CLA DC . -20.74 26.60 1.91
C4B CLA DC . -20.68 25.55 0.93
NC CLA DC . -20.57 23.42 -1.09
C1C CLA DC . -21.41 24.50 -1.11
C2C CLA DC . -22.26 24.45 -2.27
C3C CLA DC . -21.92 23.33 -2.96
C4C CLA DC . -20.87 22.71 -2.22
ND CLA DC . -18.73 21.40 -0.75
C1D CLA DC . -19.27 20.94 -1.93
C2D CLA DC . -18.67 19.72 -2.38
C3D CLA DC . -17.72 19.43 -1.44
C4D CLA DC . -17.77 20.46 -0.45
MG CLA EC . 13.85 31.62 18.11
CHA CLA EC . 17.09 31.26 17.17
CHB CLA EC . 14.82 33.42 20.83
CHC CLA EC . 10.59 31.98 19.06
CHD CLA EC . 12.88 29.82 15.40
NA CLA EC . 15.58 32.21 18.84
C1A CLA EC . 16.84 31.97 18.32
C2A CLA EC . 17.86 32.57 19.14
C3A CLA EC . 17.22 33.18 20.18
C4A CLA EC . 15.81 32.95 19.98
NB CLA EC . 12.92 32.51 19.61
C1B CLA EC . 13.46 33.21 20.66
C2B CLA EC . 12.45 33.71 21.57
C3B CLA EC . 11.26 33.30 21.06
C4B CLA EC . 11.55 32.57 19.86
NC CLA EC . 12.12 31.04 17.39
C1C CLA EC . 10.85 31.27 17.91
C2C CLA EC . 9.82 30.68 17.08
C3C CLA EC . 10.47 30.07 16.06
C4C CLA EC . 11.88 30.30 16.25
ND CLA EC . 14.78 30.74 16.62
C1D CLA EC . 14.23 30.04 15.57
C2D CLA EC . 15.23 29.53 14.67
C3D CLA EC . 16.43 29.95 15.17
C4D CLA EC . 16.14 30.68 16.38
MG CLA FC . 24.90 34.70 11.66
CHA CLA FC . 23.86 35.66 14.73
CHB CLA FC . 26.73 37.56 11.40
CHC CLA FC . 25.95 33.74 8.58
CHD CLA FC . 23.09 31.83 11.93
NA CLA FC . 25.22 36.26 12.82
C1A CLA FC . 24.71 36.51 14.07
C2A CLA FC . 25.18 37.77 14.60
C3A CLA FC . 25.99 38.31 13.65
C4A CLA FC . 26.01 37.38 12.56
NB CLA FC . 26.08 35.47 10.29
C1B CLA FC . 26.76 36.68 10.33
C2B CLA FC . 27.52 36.88 9.12
C3B CLA FC . 27.30 35.80 8.33
C4B CLA FC . 26.41 34.95 9.06
NC CLA FC . 24.58 33.13 10.52
C1C CLA FC . 25.10 32.88 9.25
C2C CLA FC . 24.62 31.62 8.73
C3C CLA FC . 23.82 31.08 9.68
C4C CLA FC . 23.81 32.02 10.77
ND CLA FC . 23.73 33.92 13.03
C1D CLA FC . 23.04 32.71 12.99
C2D CLA FC . 22.28 32.47 14.19
C3D CLA FC . 22.50 33.55 14.98
C4D CLA FC . 23.40 34.45 14.25
MG CLA GC . 18.49 41.03 26.86
CHA CLA GC . 18.18 41.64 30.16
CHB CLA GC . 17.80 44.27 26.18
CHC CLA GC . 18.79 40.41 23.56
CHD CLA GC . 19.17 37.78 27.55
NA CLA GC . 18.08 42.61 27.93
C1A CLA GC . 17.99 42.69 29.30
C2A CLA GC . 17.67 44.03 29.72
C3A CLA GC . 17.57 44.78 28.57
C4A CLA GC . 17.83 43.88 27.49
NB CLA GC . 18.34 42.10 25.24
C1B CLA GC . 18.04 43.43 25.14
C2B CLA GC . 18.01 43.86 23.78
C3B CLA GC . 18.30 42.78 23.03
C4B CLA GC . 18.48 41.69 23.94
NC CLA GC . 18.89 39.44 25.80
C1C CLA GC . 18.98 39.36 24.42
C2C CLA GC . 19.29 38.01 24.01
C3C CLA GC . 19.40 37.27 25.14
C4C CLA GC . 19.15 38.17 26.23
ND CLA GC . 18.64 39.95 28.50
C1D CLA GC . 18.93 38.61 28.61
C2D CLA GC . 18.95 38.18 29.99
C3D CLA GC . 18.67 39.27 30.74
C4D CLA GC . 18.48 40.35 29.81
#